data_7XFF
#
_entry.id   7XFF
#
_cell.length_a   185.768
_cell.length_b   193.039
_cell.length_c   106.535
_cell.angle_alpha   90.000
_cell.angle_beta   90.000
_cell.angle_gamma   90.000
#
_symmetry.space_group_name_H-M   'C 2 2 21'
#
loop_
_entity.id
_entity.type
_entity.pdbx_description
1 polymer 'Polysaccharide export protein'
2 water water
#
_entity_poly.entity_id   1
_entity_poly.type   'polypeptide(L)'
_entity_poly.pdbx_seq_one_letter_code
;NVARPNMTLESEIANYQYRVGPGDVLNVTVWDHPELTTPAGQYRSSSDTGNWVQPDGTMFYPYIGKVHVVGKTLAEIRSD
ITGRLATYIADPQVDVNIAAFRSQKAYISGQVNKSGQQAITNVPLTILDAINAAGGLTDTADWRNVVLTHNGREERISLQ
ALMQNGDLNQNRLLYPGDILYVPRN
;
_entity_poly.pdbx_strand_id   A,B,C,D,E,F,G,H
#
# COMPACT_ATOMS: atom_id res chain seq x y z
N ASN A 1 -38.82 3.28 -24.78
CA ASN A 1 -39.21 4.69 -24.76
C ASN A 1 -37.99 5.59 -25.05
N VAL A 2 -38.11 6.89 -24.77
CA VAL A 2 -36.97 7.83 -24.85
C VAL A 2 -36.72 8.43 -23.47
N ALA A 3 -35.88 9.47 -23.42
CA ALA A 3 -35.61 10.19 -22.17
C ALA A 3 -36.61 11.33 -22.01
N ARG A 4 -37.36 11.31 -20.90
CA ARG A 4 -38.43 12.26 -20.57
C ARG A 4 -37.90 13.31 -19.58
N PRO A 5 -38.20 14.59 -19.83
CA PRO A 5 -37.61 15.67 -19.02
C PRO A 5 -38.23 15.78 -17.64
N ASN A 6 -37.38 16.08 -16.65
CA ASN A 6 -37.77 16.24 -15.25
C ASN A 6 -37.57 17.71 -14.87
N MET A 7 -38.68 18.47 -14.83
CA MET A 7 -38.63 19.86 -14.36
C MET A 7 -38.08 19.95 -12.94
N THR A 8 -38.18 18.87 -12.16
CA THR A 8 -37.75 18.84 -10.77
C THR A 8 -36.27 18.48 -10.62
N LEU A 9 -35.80 17.45 -11.33
CA LEU A 9 -34.54 16.81 -10.98
C LEU A 9 -33.32 17.70 -11.24
N GLU A 10 -33.34 18.49 -12.32
CA GLU A 10 -32.20 19.33 -12.65
C GLU A 10 -32.30 20.74 -12.08
N SER A 11 -33.42 21.10 -11.45
CA SER A 11 -33.52 22.30 -10.64
C SER A 11 -33.15 22.04 -9.18
N GLU A 12 -33.23 20.77 -8.73
CA GLU A 12 -32.70 20.42 -7.42
C GLU A 12 -31.17 20.41 -7.43
N ILE A 13 -30.56 20.22 -8.60
CA ILE A 13 -29.14 19.91 -8.69
C ILE A 13 -28.30 21.13 -9.08
N ALA A 14 -28.91 22.18 -9.65
CA ALA A 14 -28.21 23.45 -9.85
C ALA A 14 -28.18 24.25 -8.55
N ASN A 15 -29.33 24.39 -7.92
CA ASN A 15 -29.40 24.90 -6.57
C ASN A 15 -28.75 23.96 -5.53
N TYR A 16 -28.06 22.86 -5.89
CA TYR A 16 -27.75 21.85 -4.89
C TYR A 16 -26.70 22.36 -3.93
N GLN A 17 -27.02 22.33 -2.63
CA GLN A 17 -26.05 22.84 -1.69
C GLN A 17 -26.00 21.98 -0.44
N TYR A 18 -24.77 21.74 0.03
CA TYR A 18 -24.55 20.97 1.24
C TYR A 18 -24.51 21.89 2.45
N ARG A 19 -25.09 21.43 3.54
CA ARG A 19 -25.05 22.14 4.80
C ARG A 19 -24.43 21.25 5.85
N VAL A 20 -23.51 21.84 6.62
CA VAL A 20 -22.71 21.09 7.56
C VAL A 20 -23.61 20.49 8.61
N GLY A 21 -23.27 19.28 9.06
CA GLY A 21 -23.96 18.66 10.16
C GLY A 21 -23.01 18.15 11.24
N PRO A 22 -23.56 17.85 12.41
CA PRO A 22 -22.71 17.36 13.52
C PRO A 22 -21.92 16.12 13.13
N GLY A 23 -20.65 16.10 13.54
CA GLY A 23 -19.75 15.01 13.20
C GLY A 23 -18.90 15.22 11.98
N ASP A 24 -19.30 16.12 11.07
CA ASP A 24 -18.42 16.52 9.98
C ASP A 24 -17.09 17.01 10.54
N VAL A 25 -16.03 16.81 9.77
CA VAL A 25 -14.71 17.32 10.08
C VAL A 25 -14.41 18.39 9.06
N LEU A 26 -14.22 19.62 9.54
CA LEU A 26 -13.94 20.73 8.65
C LEU A 26 -12.45 20.97 8.54
N ASN A 27 -12.08 21.63 7.46
CA ASN A 27 -10.71 22.01 7.16
C ASN A 27 -10.67 23.50 6.89
N VAL A 28 -9.88 24.24 7.68
CA VAL A 28 -9.83 25.70 7.59
C VAL A 28 -8.44 26.13 7.17
N THR A 29 -8.36 26.92 6.11
CA THR A 29 -7.09 27.38 5.58
C THR A 29 -6.99 28.87 5.84
N VAL A 30 -5.92 29.29 6.51
CA VAL A 30 -5.62 30.71 6.71
C VAL A 30 -4.28 30.98 6.04
N TRP A 31 -4.32 31.65 4.88
CA TRP A 31 -3.09 31.91 4.16
C TRP A 31 -2.16 32.83 4.96
N ASP A 32 -0.86 32.57 4.89
CA ASP A 32 0.19 33.23 5.66
C ASP A 32 0.14 32.90 7.13
N HIS A 33 -0.68 31.94 7.56
CA HIS A 33 -0.75 31.56 8.98
C HIS A 33 -0.71 30.05 9.12
N PRO A 34 0.45 29.43 8.84
CA PRO A 34 0.55 27.98 8.95
C PRO A 34 0.33 27.49 10.35
N GLU A 35 0.55 28.35 11.35
CA GLU A 35 0.28 27.97 12.73
C GLU A 35 -1.22 27.79 12.96
N LEU A 36 -2.07 28.43 12.17
CA LEU A 36 -3.49 28.11 12.23
C LEU A 36 -3.87 26.98 11.26
N THR A 37 -3.36 27.04 10.03
CA THR A 37 -3.74 26.07 9.03
C THR A 37 -3.30 24.65 9.42
N THR A 38 -2.08 24.50 9.95
CA THR A 38 -1.51 23.19 10.23
C THR A 38 -0.88 23.17 11.61
N PRO A 39 -1.70 23.19 12.67
CA PRO A 39 -1.14 23.17 14.03
C PRO A 39 -0.42 21.88 14.36
N ALA A 40 -0.78 20.77 13.70
CA ALA A 40 -0.16 19.48 13.95
C ALA A 40 0.80 19.07 12.83
N GLY A 41 1.30 20.02 12.06
CA GLY A 41 2.20 19.70 10.97
C GLY A 41 1.49 19.46 9.64
N GLN A 42 2.31 19.35 8.62
CA GLN A 42 1.94 19.23 7.23
C GLN A 42 1.62 17.82 6.77
N TYR A 43 1.97 16.83 7.56
CA TYR A 43 1.98 15.46 7.06
C TYR A 43 0.68 14.70 7.29
N ARG A 44 0.05 14.85 8.45
CA ARG A 44 -1.23 14.20 8.64
C ARG A 44 -2.26 14.76 7.68
N SER A 45 -3.24 13.94 7.33
CA SER A 45 -4.31 14.37 6.46
C SER A 45 -5.23 15.35 7.17
N SER A 46 -5.99 16.08 6.36
CA SER A 46 -6.90 17.08 6.90
C SER A 46 -7.99 16.45 7.74
N SER A 47 -8.41 15.22 7.46
CA SER A 47 -9.40 14.64 8.35
C SER A 47 -8.76 14.17 9.65
N ASP A 48 -7.49 13.81 9.65
CA ASP A 48 -6.88 13.48 10.93
C ASP A 48 -6.58 14.72 11.76
N THR A 49 -6.60 15.92 11.15
CA THR A 49 -6.22 17.15 11.84
C THR A 49 -7.29 18.22 11.84
N GLY A 50 -8.48 17.94 11.32
CA GLY A 50 -9.50 18.95 11.18
C GLY A 50 -10.34 19.17 12.42
N ASN A 51 -11.24 20.12 12.30
CA ASN A 51 -12.07 20.57 13.40
C ASN A 51 -13.37 19.79 13.37
N TRP A 52 -13.65 19.09 14.45
CA TRP A 52 -14.86 18.29 14.56
C TRP A 52 -16.05 19.19 14.88
N VAL A 53 -17.16 18.95 14.19
CA VAL A 53 -18.42 19.64 14.51
C VAL A 53 -19.08 18.86 15.64
N GLN A 54 -19.37 19.54 16.73
CA GLN A 54 -19.87 18.90 17.94
C GLN A 54 -21.38 18.70 17.88
N PRO A 55 -21.94 17.85 18.76
CA PRO A 55 -23.40 17.67 18.79
C PRO A 55 -24.18 18.97 18.91
N ASP A 56 -23.65 19.97 19.61
CA ASP A 56 -24.38 21.23 19.73
C ASP A 56 -24.24 22.09 18.49
N GLY A 57 -23.59 21.60 17.45
CA GLY A 57 -23.55 22.34 16.22
C GLY A 57 -22.39 23.28 16.08
N THR A 58 -21.48 23.32 17.05
CA THR A 58 -20.33 24.20 17.00
C THR A 58 -19.05 23.41 16.72
N MET A 59 -18.05 24.15 16.27
CA MET A 59 -16.68 23.70 16.26
C MET A 59 -15.84 24.74 16.97
N PHE A 60 -14.79 24.29 17.65
CA PHE A 60 -13.85 25.23 18.21
C PHE A 60 -12.90 25.75 17.12
N TYR A 61 -12.68 27.05 17.11
CA TYR A 61 -11.57 27.60 16.32
C TYR A 61 -10.72 28.49 17.22
N PRO A 62 -9.39 28.46 17.07
CA PRO A 62 -8.53 29.22 18.00
C PRO A 62 -8.76 30.73 17.93
N TYR A 63 -8.66 31.39 19.09
CA TYR A 63 -8.85 32.84 19.26
C TYR A 63 -10.32 33.26 19.20
N ILE A 64 -11.08 32.77 18.21
CA ILE A 64 -12.48 33.16 18.11
C ILE A 64 -13.39 32.24 18.92
N GLY A 65 -12.91 31.09 19.37
CA GLY A 65 -13.71 30.21 20.18
C GLY A 65 -14.73 29.43 19.35
N LYS A 66 -15.87 29.18 19.98
CA LYS A 66 -16.89 28.33 19.39
C LYS A 66 -17.58 29.03 18.21
N VAL A 67 -17.76 28.27 17.14
CA VAL A 67 -18.32 28.76 15.88
C VAL A 67 -19.49 27.85 15.53
N HIS A 68 -20.66 28.44 15.33
CA HIS A 68 -21.85 27.68 14.98
C HIS A 68 -21.83 27.44 13.47
N VAL A 69 -21.74 26.19 13.07
CA VAL A 69 -21.61 25.85 11.65
C VAL A 69 -22.77 25.00 11.13
N VAL A 70 -23.49 24.29 12.00
CA VAL A 70 -24.50 23.36 11.54
C VAL A 70 -25.61 24.12 10.84
N GLY A 71 -26.06 23.59 9.72
CA GLY A 71 -27.06 24.26 8.91
C GLY A 71 -26.52 25.31 7.98
N LYS A 72 -25.20 25.54 7.95
CA LYS A 72 -24.63 26.55 7.09
C LYS A 72 -23.84 25.93 5.95
N THR A 73 -23.78 26.64 4.82
CA THR A 73 -22.91 26.29 3.71
C THR A 73 -21.46 26.64 4.06
N LEU A 74 -20.54 26.11 3.24
CA LEU A 74 -19.13 26.42 3.42
C LEU A 74 -18.87 27.91 3.27
N ALA A 75 -19.57 28.57 2.34
CA ALA A 75 -19.36 30.00 2.13
C ALA A 75 -19.85 30.80 3.31
N GLU A 76 -20.98 30.39 3.91
CA GLU A 76 -21.48 31.09 5.07
C GLU A 76 -20.55 30.94 6.27
N ILE A 77 -19.88 29.79 6.38
CA ILE A 77 -18.94 29.55 7.47
C ILE A 77 -17.63 30.32 7.23
N ARG A 78 -17.19 30.39 5.98
CA ARG A 78 -15.97 31.12 5.64
C ARG A 78 -16.11 32.58 6.07
N SER A 79 -17.27 33.16 5.77
CA SER A 79 -17.55 34.55 6.09
C SER A 79 -17.64 34.76 7.59
N ASP A 80 -18.34 33.86 8.28
CA ASP A 80 -18.40 33.88 9.75
C ASP A 80 -16.99 33.84 10.38
N ILE A 81 -16.14 32.92 9.91
CA ILE A 81 -14.82 32.79 10.53
C ILE A 81 -13.93 33.96 10.15
N THR A 82 -13.99 34.40 8.89
CA THR A 82 -13.18 35.53 8.45
C THR A 82 -13.46 36.77 9.28
N GLY A 83 -14.74 37.12 9.42
CA GLY A 83 -15.09 38.32 10.15
C GLY A 83 -14.72 38.23 11.62
N ARG A 84 -14.75 37.05 12.19
CA ARG A 84 -14.41 36.96 13.59
C ARG A 84 -12.90 36.93 13.81
N LEU A 85 -12.15 36.26 12.92
CA LEU A 85 -10.70 36.23 13.01
C LEU A 85 -10.07 37.60 12.82
N ALA A 86 -10.76 38.53 12.16
CA ALA A 86 -10.18 39.84 11.90
C ALA A 86 -9.93 40.63 13.19
N THR A 87 -10.52 40.22 14.32
CA THR A 87 -10.15 40.79 15.60
C THR A 87 -8.70 40.48 15.95
N TYR A 88 -8.20 39.32 15.55
CA TYR A 88 -6.87 38.90 15.97
C TYR A 88 -5.86 38.97 14.86
N ILE A 89 -6.29 39.05 13.61
CA ILE A 89 -5.38 39.06 12.47
C ILE A 89 -5.90 40.11 11.51
N ALA A 90 -5.01 40.94 10.99
CA ALA A 90 -5.42 41.96 10.06
C ALA A 90 -5.73 41.32 8.72
N ASP A 91 -6.95 41.56 8.22
CA ASP A 91 -7.34 41.16 6.89
C ASP A 91 -7.08 39.65 6.62
N PRO A 92 -7.67 38.79 7.46
CA PRO A 92 -7.36 37.36 7.32
C PRO A 92 -7.94 36.81 6.03
N GLN A 93 -7.17 35.94 5.37
CA GLN A 93 -7.58 35.30 4.12
C GLN A 93 -7.88 33.84 4.43
N VAL A 94 -9.16 33.47 4.36
CA VAL A 94 -9.66 32.23 4.92
C VAL A 94 -10.56 31.51 3.93
N ASP A 95 -10.39 30.19 3.83
CA ASP A 95 -11.33 29.31 3.17
C ASP A 95 -11.61 28.12 4.08
N VAL A 96 -12.76 27.50 3.85
CA VAL A 96 -13.22 26.35 4.63
C VAL A 96 -13.76 25.29 3.68
N ASN A 97 -13.33 24.05 3.87
CA ASN A 97 -14.00 22.95 3.21
C ASN A 97 -14.11 21.79 4.20
N ILE A 98 -14.57 20.64 3.69
CA ILE A 98 -14.93 19.48 4.50
C ILE A 98 -13.89 18.40 4.27
N ALA A 99 -13.24 17.99 5.34
CA ALA A 99 -12.29 16.87 5.29
C ALA A 99 -13.01 15.53 5.40
N ALA A 100 -14.11 15.48 6.14
CA ALA A 100 -14.83 14.22 6.31
C ALA A 100 -16.32 14.53 6.39
N PHE A 101 -17.08 13.99 5.44
CA PHE A 101 -18.54 14.07 5.48
C PHE A 101 -19.01 12.90 6.32
N ARG A 102 -19.31 13.17 7.59
CA ARG A 102 -19.71 12.10 8.49
C ARG A 102 -21.14 12.26 8.99
N SER A 103 -21.77 13.41 8.76
CA SER A 103 -23.04 13.71 9.41
C SER A 103 -24.25 13.19 8.64
N GLN A 104 -24.16 13.06 7.32
CA GLN A 104 -25.32 12.83 6.48
C GLN A 104 -25.00 11.74 5.47
N LYS A 105 -25.95 10.83 5.30
CA LYS A 105 -25.67 9.66 4.47
C LYS A 105 -26.98 9.07 3.96
N ALA A 106 -26.88 8.38 2.83
CA ALA A 106 -27.94 7.56 2.29
C ALA A 106 -27.52 6.09 2.38
N TYR A 107 -28.52 5.20 2.43
CA TYR A 107 -28.32 3.77 2.67
C TYR A 107 -28.73 3.02 1.41
N ILE A 108 -27.73 2.47 0.72
CA ILE A 108 -27.91 1.82 -0.57
C ILE A 108 -27.59 0.34 -0.38
N SER A 109 -28.60 -0.51 -0.57
CA SER A 109 -28.48 -1.91 -0.18
C SER A 109 -29.47 -2.77 -0.95
N GLY A 110 -29.33 -4.09 -0.77
CA GLY A 110 -30.05 -5.07 -1.53
C GLY A 110 -29.20 -5.62 -2.66
N GLN A 111 -29.82 -5.84 -3.83
CA GLN A 111 -29.12 -6.44 -4.95
C GLN A 111 -28.23 -5.45 -5.69
N VAL A 112 -27.37 -4.76 -4.95
CA VAL A 112 -26.32 -3.94 -5.54
C VAL A 112 -25.01 -4.71 -5.35
N ASN A 113 -24.02 -4.37 -6.16
CA ASN A 113 -22.77 -5.10 -6.05
C ASN A 113 -21.97 -4.70 -4.83
N LYS A 114 -22.15 -3.46 -4.35
CA LYS A 114 -21.43 -2.92 -3.19
C LYS A 114 -22.47 -2.26 -2.27
N SER A 115 -23.03 -3.01 -1.33
CA SER A 115 -24.00 -2.42 -0.41
C SER A 115 -23.34 -1.54 0.64
N GLY A 116 -24.09 -0.54 1.12
CA GLY A 116 -23.74 0.18 2.34
C GLY A 116 -24.03 1.66 2.24
N GLN A 117 -23.50 2.39 3.22
CA GLN A 117 -23.69 3.84 3.33
C GLN A 117 -22.99 4.58 2.19
N GLN A 118 -23.62 5.64 1.72
CA GLN A 118 -22.97 6.61 0.85
C GLN A 118 -23.22 7.98 1.42
N ALA A 119 -22.15 8.75 1.61
CA ALA A 119 -22.26 10.04 2.25
C ALA A 119 -23.00 11.03 1.36
N ILE A 120 -23.81 11.89 2.00
CA ILE A 120 -24.31 13.09 1.34
C ILE A 120 -23.20 14.14 1.42
N THR A 121 -22.89 14.80 0.30
CA THR A 121 -21.77 15.73 0.26
C THR A 121 -22.16 16.98 -0.50
N ASN A 122 -21.14 17.78 -0.85
CA ASN A 122 -21.32 18.96 -1.68
C ASN A 122 -21.55 18.64 -3.15
N VAL A 123 -21.46 17.38 -3.55
CA VAL A 123 -21.77 16.93 -4.91
C VAL A 123 -23.09 16.17 -4.87
N PRO A 124 -24.03 16.45 -5.78
CA PRO A 124 -25.32 15.75 -5.74
C PRO A 124 -25.12 14.24 -5.79
N LEU A 125 -25.93 13.52 -5.04
CA LEU A 125 -25.97 12.06 -5.10
C LEU A 125 -27.38 11.68 -5.52
N THR A 126 -27.54 11.34 -6.80
CA THR A 126 -28.82 10.87 -7.28
C THR A 126 -28.87 9.35 -7.21
N ILE A 127 -30.08 8.80 -7.44
CA ILE A 127 -30.21 7.35 -7.54
C ILE A 127 -29.19 6.80 -8.55
N LEU A 128 -29.08 7.49 -9.68
CA LEU A 128 -28.15 7.06 -10.72
C LEU A 128 -26.70 7.06 -10.20
N ASP A 129 -26.30 8.15 -9.52
CA ASP A 129 -24.99 8.19 -8.87
C ASP A 129 -24.82 7.04 -7.88
N ALA A 130 -25.83 6.81 -7.02
CA ALA A 130 -25.66 5.87 -5.93
C ALA A 130 -25.58 4.42 -6.42
N ILE A 131 -26.43 4.07 -7.41
CA ILE A 131 -26.34 2.74 -8.01
C ILE A 131 -24.98 2.53 -8.67
N ASN A 132 -24.51 3.54 -9.42
CA ASN A 132 -23.19 3.42 -10.04
C ASN A 132 -22.08 3.36 -8.99
N ALA A 133 -22.19 4.17 -7.94
CA ALA A 133 -21.20 4.09 -6.87
C ALA A 133 -21.26 2.76 -6.15
N ALA A 134 -22.41 2.10 -6.14
CA ALA A 134 -22.51 0.80 -5.50
C ALA A 134 -22.05 -0.34 -6.40
N GLY A 135 -21.43 -0.04 -7.54
CA GLY A 135 -20.91 -1.09 -8.41
C GLY A 135 -21.89 -1.64 -9.41
N GLY A 136 -23.07 -1.04 -9.53
CA GLY A 136 -24.09 -1.60 -10.37
C GLY A 136 -24.91 -2.65 -9.64
N LEU A 137 -25.74 -3.33 -10.41
CA LEU A 137 -26.69 -4.29 -9.87
C LEU A 137 -26.18 -5.72 -10.02
N THR A 138 -26.69 -6.59 -9.14
CA THR A 138 -26.52 -8.02 -9.34
C THR A 138 -27.46 -8.54 -10.44
N ASP A 139 -27.16 -9.74 -10.92
CA ASP A 139 -27.99 -10.38 -11.93
C ASP A 139 -29.39 -10.71 -11.41
N THR A 140 -29.59 -10.71 -10.10
CA THR A 140 -30.86 -11.07 -9.50
C THR A 140 -31.53 -9.87 -8.85
N ALA A 141 -31.27 -8.68 -9.38
CA ALA A 141 -31.96 -7.49 -8.89
C ALA A 141 -33.34 -7.39 -9.50
N ASP A 142 -34.36 -7.18 -8.66
CA ASP A 142 -35.68 -6.81 -9.16
C ASP A 142 -35.68 -5.32 -9.56
N TRP A 143 -35.01 -5.05 -10.68
CA TRP A 143 -34.53 -3.69 -10.95
C TRP A 143 -35.61 -2.83 -11.58
N ARG A 144 -36.81 -3.38 -11.74
CA ARG A 144 -37.97 -2.61 -12.15
C ARG A 144 -38.78 -2.10 -10.97
N ASN A 145 -38.48 -2.57 -9.76
CA ASN A 145 -39.25 -2.26 -8.56
C ASN A 145 -38.32 -1.95 -7.39
N VAL A 146 -37.36 -1.05 -7.62
CA VAL A 146 -36.55 -0.57 -6.52
C VAL A 146 -37.40 0.29 -5.60
N VAL A 147 -37.15 0.22 -4.30
CA VAL A 147 -37.92 0.95 -3.31
C VAL A 147 -37.04 2.08 -2.74
N LEU A 148 -37.50 3.32 -2.92
CA LEU A 148 -36.88 4.48 -2.28
C LEU A 148 -37.72 4.86 -1.08
N THR A 149 -37.12 4.82 0.11
CA THR A 149 -37.72 5.37 1.31
C THR A 149 -37.19 6.78 1.49
N HIS A 150 -38.09 7.76 1.50
CA HIS A 150 -37.70 9.17 1.58
C HIS A 150 -38.82 9.95 2.26
N ASN A 151 -38.50 10.64 3.37
CA ASN A 151 -39.49 11.47 4.06
C ASN A 151 -40.79 10.74 4.36
N GLY A 152 -40.65 9.56 4.94
CA GLY A 152 -41.80 8.81 5.37
C GLY A 152 -42.72 8.38 4.26
N ARG A 153 -42.22 8.29 3.04
CA ARG A 153 -42.99 7.74 1.93
C ARG A 153 -42.14 6.74 1.18
N GLU A 154 -42.81 5.75 0.61
CA GLU A 154 -42.15 4.78 -0.25
C GLU A 154 -42.48 5.09 -1.71
N GLU A 155 -41.45 5.21 -2.52
CA GLU A 155 -41.57 5.41 -3.95
C GLU A 155 -41.01 4.20 -4.65
N ARG A 156 -41.61 3.81 -5.75
CA ARG A 156 -41.10 2.69 -6.51
C ARG A 156 -40.35 3.24 -7.72
N ILE A 157 -39.19 2.67 -8.00
CA ILE A 157 -38.27 3.20 -8.99
C ILE A 157 -37.89 2.07 -9.93
N SER A 158 -37.97 2.32 -11.22
CA SER A 158 -37.49 1.37 -12.23
C SER A 158 -36.11 1.79 -12.71
N LEU A 159 -35.08 1.11 -12.22
CA LEU A 159 -33.75 1.29 -12.78
C LEU A 159 -33.67 0.75 -14.21
N GLN A 160 -34.47 -0.27 -14.53
CA GLN A 160 -34.58 -0.75 -15.91
C GLN A 160 -34.95 0.37 -16.87
N ALA A 161 -35.99 1.14 -16.53
CA ALA A 161 -36.40 2.24 -17.39
C ALA A 161 -35.32 3.30 -17.48
N LEU A 162 -34.69 3.60 -16.35
CA LEU A 162 -33.69 4.66 -16.28
C LEU A 162 -32.54 4.39 -17.24
N MET A 163 -31.96 3.18 -17.16
CA MET A 163 -30.74 2.87 -17.90
C MET A 163 -31.00 2.23 -19.25
N GLN A 164 -32.08 1.49 -19.43
CA GLN A 164 -32.25 0.85 -20.73
C GLN A 164 -33.18 1.62 -21.68
N ASN A 165 -34.07 2.48 -21.15
CA ASN A 165 -34.88 3.37 -21.98
C ASN A 165 -34.55 4.83 -21.76
N GLY A 166 -33.62 5.14 -20.85
CA GLY A 166 -33.24 6.51 -20.62
C GLY A 166 -34.24 7.35 -19.87
N ASP A 167 -35.10 6.76 -19.04
CA ASP A 167 -36.18 7.52 -18.41
C ASP A 167 -35.63 8.22 -17.17
N LEU A 168 -35.22 9.48 -17.35
CA LEU A 168 -34.70 10.36 -16.30
C LEU A 168 -35.73 10.73 -15.23
N ASN A 169 -37.01 10.52 -15.49
CA ASN A 169 -37.99 10.68 -14.42
C ASN A 169 -37.84 9.62 -13.36
N GLN A 170 -37.18 8.50 -13.66
CA GLN A 170 -36.90 7.47 -12.68
C GLN A 170 -35.80 7.86 -11.72
N ASN A 171 -35.06 8.92 -12.03
CA ASN A 171 -34.02 9.40 -11.13
C ASN A 171 -34.65 10.26 -10.04
N ARG A 172 -33.98 10.26 -8.90
CA ARG A 172 -34.29 11.13 -7.78
C ARG A 172 -32.97 11.59 -7.20
N LEU A 173 -33.00 12.79 -6.62
CA LEU A 173 -31.90 13.24 -5.77
C LEU A 173 -32.07 12.55 -4.42
N LEU A 174 -30.97 12.02 -3.89
CA LEU A 174 -31.02 11.34 -2.60
C LEU A 174 -30.74 12.34 -1.49
N TYR A 175 -31.44 12.18 -0.37
CA TYR A 175 -31.33 13.08 0.77
C TYR A 175 -30.88 12.31 2.00
N PRO A 176 -30.36 12.99 3.03
CA PRO A 176 -29.84 12.28 4.20
C PRO A 176 -30.91 11.40 4.84
N GLY A 177 -30.51 10.17 5.18
CA GLY A 177 -31.43 9.23 5.78
C GLY A 177 -32.28 8.44 4.81
N ASP A 178 -32.33 8.85 3.53
CA ASP A 178 -33.02 8.06 2.52
C ASP A 178 -32.48 6.63 2.49
N ILE A 179 -33.37 5.69 2.16
CA ILE A 179 -33.02 4.29 1.95
C ILE A 179 -33.39 3.94 0.52
N LEU A 180 -32.45 3.35 -0.20
CA LEU A 180 -32.63 2.90 -1.58
C LEU A 180 -32.38 1.39 -1.57
N TYR A 181 -33.46 0.61 -1.58
CA TYR A 181 -33.35 -0.84 -1.44
C TYR A 181 -33.68 -1.52 -2.76
N VAL A 182 -32.77 -2.35 -3.23
CA VAL A 182 -32.96 -3.12 -4.46
C VAL A 182 -33.25 -4.57 -4.07
N PRO A 183 -34.48 -5.05 -4.20
CA PRO A 183 -34.80 -6.45 -3.86
C PRO A 183 -34.38 -7.46 -4.93
N ARG A 184 -34.25 -8.73 -4.50
CA ARG A 184 -34.18 -9.85 -5.45
C ARG A 184 -35.51 -9.99 -6.22
N ASN A 185 -35.50 -10.33 -7.51
CA ASN A 185 -36.83 -10.56 -8.07
C ASN A 185 -37.24 -12.04 -7.83
N ASN B 1 -46.14 -2.00 6.58
CA ASN B 1 -45.42 -1.26 7.63
C ASN B 1 -45.38 0.23 7.30
N VAL B 2 -45.34 1.06 8.34
CA VAL B 2 -45.49 2.52 8.21
C VAL B 2 -44.29 3.12 7.48
N ALA B 3 -44.12 4.44 7.62
CA ALA B 3 -42.95 5.15 7.08
C ALA B 3 -42.89 6.50 7.76
N ARG B 4 -41.80 6.75 8.49
CA ARG B 4 -41.77 7.95 9.33
C ARG B 4 -40.64 8.91 8.96
N PRO B 5 -40.81 10.22 9.23
CA PRO B 5 -39.66 11.15 9.21
C PRO B 5 -39.36 11.78 10.57
N ASN B 6 -38.08 12.12 10.81
CA ASN B 6 -37.62 12.60 12.11
C ASN B 6 -36.89 13.93 11.98
N TYR B 16 -27.65 13.11 20.88
CA TYR B 16 -26.67 12.04 20.97
C TYR B 16 -25.30 12.57 21.38
N GLN B 17 -24.76 12.08 22.49
CA GLN B 17 -23.49 12.59 23.00
C GLN B 17 -22.58 11.42 23.39
N TYR B 18 -21.43 11.35 22.73
CA TYR B 18 -20.42 10.37 23.11
C TYR B 18 -19.71 10.81 24.38
N ARG B 19 -19.42 9.85 25.26
CA ARG B 19 -18.68 10.15 26.46
C ARG B 19 -17.46 9.24 26.54
N VAL B 20 -16.32 9.84 26.91
CA VAL B 20 -15.04 9.15 26.83
C VAL B 20 -15.02 8.00 27.82
N GLY B 21 -14.45 6.87 27.41
CA GLY B 21 -14.22 5.75 28.29
C GLY B 21 -12.80 5.19 28.23
N PRO B 22 -12.50 4.21 29.10
CA PRO B 22 -11.11 3.71 29.24
C PRO B 22 -10.62 3.04 27.98
N GLY B 23 -9.37 3.32 27.65
CA GLY B 23 -8.80 2.82 26.42
C GLY B 23 -8.92 3.73 25.23
N ASP B 24 -9.88 4.68 25.22
CA ASP B 24 -9.89 5.74 24.22
C ASP B 24 -8.51 6.40 24.14
N VAL B 25 -8.11 6.77 22.92
CA VAL B 25 -6.90 7.56 22.71
C VAL B 25 -7.33 8.95 22.29
N LEU B 26 -6.95 9.95 23.08
CA LEU B 26 -7.38 11.31 22.80
C LEU B 26 -6.30 12.06 22.05
N ASN B 27 -6.69 13.18 21.47
CA ASN B 27 -5.79 13.98 20.64
C ASN B 27 -6.04 15.43 20.97
N VAL B 28 -5.06 16.11 21.56
CA VAL B 28 -5.21 17.47 22.04
C VAL B 28 -4.38 18.39 21.16
N THR B 29 -5.01 19.41 20.60
CA THR B 29 -4.38 20.39 19.75
C THR B 29 -4.24 21.67 20.57
N VAL B 30 -3.02 22.19 20.70
CA VAL B 30 -2.77 23.47 21.35
C VAL B 30 -2.15 24.39 20.31
N TRP B 31 -2.95 25.31 19.77
CA TRP B 31 -2.45 26.21 18.74
C TRP B 31 -1.26 26.99 19.27
N ASP B 32 -0.27 27.17 18.40
CA ASP B 32 0.98 27.88 18.65
C ASP B 32 1.88 27.15 19.63
N HIS B 33 1.63 25.88 19.92
CA HIS B 33 2.47 25.08 20.82
C HIS B 33 2.67 23.69 20.26
N PRO B 34 3.43 23.58 19.17
CA PRO B 34 3.70 22.25 18.59
C PRO B 34 4.44 21.32 19.54
N GLU B 35 5.19 21.88 20.50
CA GLU B 35 5.83 21.04 21.50
C GLU B 35 4.78 20.30 22.34
N LEU B 36 3.58 20.85 22.47
CA LEU B 36 2.49 20.14 23.15
C LEU B 36 1.71 19.27 22.17
N THR B 37 1.34 19.84 21.01
CA THR B 37 0.50 19.14 20.05
C THR B 37 1.19 17.93 19.43
N THR B 38 2.46 18.06 19.08
CA THR B 38 3.20 17.01 18.38
C THR B 38 4.53 16.75 19.09
N PRO B 39 4.49 16.20 20.31
CA PRO B 39 5.76 15.91 21.02
C PRO B 39 6.61 14.87 20.30
N ALA B 40 5.99 13.96 19.54
CA ALA B 40 6.70 12.91 18.83
C ALA B 40 6.82 13.19 17.33
N GLY B 41 6.68 14.45 16.93
CA GLY B 41 6.76 14.77 15.53
C GLY B 41 5.40 14.75 14.84
N GLN B 42 5.45 15.02 13.55
CA GLN B 42 4.28 15.34 12.75
C GLN B 42 3.94 14.24 11.74
N TYR B 43 4.74 13.19 11.65
CA TYR B 43 4.50 12.08 10.73
C TYR B 43 3.57 11.01 11.32
N ARG B 44 3.81 10.60 12.56
CA ARG B 44 3.00 9.54 13.16
C ARG B 44 1.55 9.98 13.30
N SER B 45 0.64 9.03 13.11
CA SER B 45 -0.78 9.34 13.21
C SER B 45 -1.13 9.73 14.64
N SER B 46 -2.24 10.46 14.79
CA SER B 46 -2.68 10.89 16.10
C SER B 46 -2.99 9.71 17.04
N SER B 47 -3.42 8.57 16.50
CA SER B 47 -3.67 7.44 17.39
C SER B 47 -2.38 6.80 17.87
N ASP B 48 -1.26 6.97 17.16
CA ASP B 48 0.02 6.45 17.64
C ASP B 48 0.71 7.42 18.59
N THR B 49 0.26 8.66 18.67
CA THR B 49 0.84 9.66 19.55
C THR B 49 -0.13 10.18 20.60
N GLY B 50 -1.39 9.78 20.55
CA GLY B 50 -2.38 10.36 21.43
C GLY B 50 -2.25 9.88 22.87
N ASN B 51 -3.08 10.47 23.71
CA ASN B 51 -3.03 10.24 25.15
C ASN B 51 -4.01 9.13 25.50
N TRP B 52 -3.50 8.05 26.09
CA TRP B 52 -4.34 6.93 26.45
C TRP B 52 -5.14 7.24 27.70
N VAL B 53 -6.44 6.89 27.67
CA VAL B 53 -7.27 6.99 28.87
C VAL B 53 -7.08 5.74 29.72
N GLN B 54 -6.73 5.93 30.99
CA GLN B 54 -6.39 4.84 31.87
C GLN B 54 -7.64 4.17 32.46
N PRO B 55 -7.49 2.97 33.02
CA PRO B 55 -8.63 2.32 33.69
C PRO B 55 -9.30 3.16 34.77
N ASP B 56 -8.55 3.96 35.51
CA ASP B 56 -9.16 4.81 36.53
C ASP B 56 -9.84 6.03 35.94
N GLY B 57 -9.96 6.12 34.61
CA GLY B 57 -10.66 7.22 33.97
C GLY B 57 -9.89 8.50 33.78
N THR B 58 -8.61 8.53 34.12
CA THR B 58 -7.77 9.68 33.88
C THR B 58 -6.87 9.49 32.65
N MET B 59 -6.41 10.63 32.12
CA MET B 59 -5.28 10.73 31.21
C MET B 59 -4.25 11.72 31.73
N PHE B 60 -2.99 11.46 31.41
CA PHE B 60 -1.96 12.42 31.75
C PHE B 60 -1.91 13.49 30.69
N TYR B 61 -1.78 14.74 31.13
CA TYR B 61 -1.48 15.79 30.20
C TYR B 61 -0.33 16.61 30.79
N PRO B 62 0.62 17.05 29.96
CA PRO B 62 1.81 17.71 30.50
C PRO B 62 1.47 18.98 31.27
N TYR B 63 2.24 19.22 32.34
CA TYR B 63 2.17 20.44 33.14
C TYR B 63 0.91 20.49 33.99
N ILE B 64 -0.18 19.91 33.53
CA ILE B 64 -1.37 19.90 34.36
C ILE B 64 -1.53 18.57 35.08
N GLY B 65 -0.88 17.51 34.63
CA GLY B 65 -0.98 16.25 35.32
C GLY B 65 -2.20 15.43 34.96
N LYS B 66 -2.74 14.66 35.90
CA LYS B 66 -3.83 13.76 35.58
C LYS B 66 -5.14 14.51 35.39
N VAL B 67 -5.86 14.17 34.31
CA VAL B 67 -7.14 14.79 33.96
C VAL B 67 -8.18 13.69 33.96
N HIS B 68 -9.26 13.90 34.72
CA HIS B 68 -10.39 12.96 34.70
C HIS B 68 -11.21 13.21 33.45
N VAL B 69 -11.31 12.20 32.58
CA VAL B 69 -12.02 12.36 31.32
C VAL B 69 -13.18 11.38 31.15
N VAL B 70 -13.24 10.26 31.88
CA VAL B 70 -14.27 9.26 31.59
C VAL B 70 -15.64 9.80 32.00
N GLY B 71 -16.65 9.54 31.17
CA GLY B 71 -17.97 10.07 31.39
C GLY B 71 -18.17 11.50 30.92
N LYS B 72 -17.11 12.15 30.40
CA LYS B 72 -17.21 13.52 29.93
C LYS B 72 -17.33 13.56 28.40
N THR B 73 -17.86 14.68 27.90
CA THR B 73 -17.89 14.98 26.47
C THR B 73 -16.57 15.64 26.07
N LEU B 74 -16.31 15.64 24.76
CA LEU B 74 -15.10 16.30 24.26
C LEU B 74 -15.08 17.77 24.67
N ALA B 75 -16.24 18.44 24.60
CA ALA B 75 -16.30 19.85 24.98
C ALA B 75 -15.98 20.04 26.45
N GLU B 76 -16.47 19.14 27.31
CA GLU B 76 -16.14 19.22 28.73
C GLU B 76 -14.64 19.00 28.94
N ILE B 77 -14.03 18.07 28.20
CA ILE B 77 -12.60 17.86 28.36
C ILE B 77 -11.82 19.06 27.83
N ARG B 78 -12.28 19.63 26.72
CA ARG B 78 -11.64 20.84 26.19
C ARG B 78 -11.65 21.94 27.23
N SER B 79 -12.79 22.16 27.86
CA SER B 79 -12.89 23.24 28.85
C SER B 79 -12.06 22.94 30.09
N ASP B 80 -12.09 21.70 30.57
CA ASP B 80 -11.27 21.33 31.72
C ASP B 80 -9.78 21.51 31.42
N ILE B 81 -9.30 20.98 30.30
CA ILE B 81 -7.87 21.12 29.99
C ILE B 81 -7.51 22.59 29.80
N THR B 82 -8.34 23.36 29.10
CA THR B 82 -8.03 24.77 28.87
C THR B 82 -7.88 25.53 30.17
N GLY B 83 -8.82 25.34 31.10
CA GLY B 83 -8.76 26.07 32.36
C GLY B 83 -7.46 25.82 33.08
N ARG B 84 -7.00 24.58 33.06
CA ARG B 84 -5.81 24.22 33.80
C ARG B 84 -4.53 24.59 33.07
N LEU B 85 -4.48 24.47 31.74
CA LEU B 85 -3.28 24.92 31.02
C LEU B 85 -3.03 26.40 31.20
N ALA B 86 -4.08 27.19 31.46
CA ALA B 86 -3.94 28.63 31.64
C ALA B 86 -2.95 29.00 32.75
N THR B 87 -2.63 28.07 33.66
CA THR B 87 -1.59 28.33 34.66
C THR B 87 -0.21 28.39 34.03
N TYR B 88 0.02 27.61 32.98
CA TYR B 88 1.35 27.47 32.41
C TYR B 88 1.52 28.20 31.09
N ILE B 89 0.44 28.56 30.42
CA ILE B 89 0.49 29.21 29.12
C ILE B 89 -0.61 30.25 29.09
N ALA B 90 -0.30 31.44 28.61
CA ALA B 90 -1.29 32.50 28.55
C ALA B 90 -2.29 32.23 27.43
N ASP B 91 -3.57 32.37 27.79
CA ASP B 91 -4.68 32.27 26.84
C ASP B 91 -4.59 31.07 25.93
N PRO B 92 -4.50 29.85 26.44
CA PRO B 92 -4.25 28.71 25.57
C PRO B 92 -5.46 28.41 24.72
N GLN B 93 -5.19 28.10 23.44
CA GLN B 93 -6.19 27.74 22.46
C GLN B 93 -6.12 26.23 22.28
N VAL B 94 -7.14 25.52 22.77
CA VAL B 94 -7.09 24.06 22.87
C VAL B 94 -8.35 23.47 22.25
N ASP B 95 -8.17 22.39 21.49
CA ASP B 95 -9.26 21.47 21.15
C ASP B 95 -8.85 20.04 21.51
N VAL B 96 -9.86 19.19 21.61
CA VAL B 96 -9.69 17.77 21.91
C VAL B 96 -10.61 16.93 21.03
N ASN B 97 -10.04 15.95 20.35
CA ASN B 97 -10.93 14.97 19.74
C ASN B 97 -10.39 13.58 20.04
N ILE B 98 -10.99 12.56 19.45
CA ILE B 98 -10.70 11.17 19.76
C ILE B 98 -9.98 10.55 18.58
N ALA B 99 -8.79 10.04 18.82
CA ALA B 99 -8.01 9.46 17.74
C ALA B 99 -8.24 7.97 17.58
N ALA B 100 -8.72 7.30 18.63
CA ALA B 100 -9.05 5.88 18.56
C ALA B 100 -10.21 5.62 19.50
N PHE B 101 -11.35 5.20 18.96
CA PHE B 101 -12.52 4.86 19.77
C PHE B 101 -12.37 3.41 20.22
N ARG B 102 -11.79 3.18 21.40
CA ARG B 102 -11.51 1.82 21.84
C ARG B 102 -12.37 1.34 23.01
N SER B 103 -13.05 2.24 23.72
CA SER B 103 -13.70 1.82 24.95
C SER B 103 -15.06 1.19 24.72
N GLN B 104 -15.79 1.61 23.69
CA GLN B 104 -17.20 1.25 23.55
C GLN B 104 -17.49 0.71 22.16
N LYS B 105 -18.27 -0.36 22.10
CA LYS B 105 -18.55 -0.99 20.82
C LYS B 105 -19.84 -1.78 20.90
N ALA B 106 -20.34 -2.15 19.73
CA ALA B 106 -21.50 -3.02 19.58
C ALA B 106 -21.07 -4.22 18.74
N TYR B 107 -21.81 -5.33 18.87
CA TYR B 107 -21.42 -6.57 18.21
C TYR B 107 -22.45 -6.89 17.15
N ILE B 108 -22.02 -6.90 15.90
CA ILE B 108 -22.89 -7.09 14.75
C ILE B 108 -22.45 -8.38 14.06
N SER B 109 -23.27 -9.42 14.16
CA SER B 109 -22.83 -10.75 13.78
C SER B 109 -24.00 -11.53 13.16
N GLY B 110 -23.64 -12.68 12.59
CA GLY B 110 -24.62 -13.54 11.95
C GLY B 110 -24.58 -13.35 10.45
N GLN B 111 -25.75 -13.27 9.83
CA GLN B 111 -25.83 -13.30 8.36
C GLN B 111 -25.69 -11.93 7.75
N VAL B 112 -24.73 -11.15 8.24
CA VAL B 112 -24.33 -9.93 7.59
C VAL B 112 -23.07 -10.26 6.84
N ASN B 113 -22.76 -9.44 5.83
CA ASN B 113 -21.63 -9.77 4.97
C ASN B 113 -20.28 -9.54 5.65
N LYS B 114 -20.18 -8.61 6.61
CA LYS B 114 -18.93 -8.39 7.35
C LYS B 114 -19.27 -8.34 8.83
N SER B 115 -19.22 -9.47 9.53
CA SER B 115 -19.56 -9.42 10.96
C SER B 115 -18.36 -8.93 11.78
N GLY B 116 -18.64 -8.41 12.98
CA GLY B 116 -17.59 -8.03 13.91
C GLY B 116 -18.02 -6.89 14.82
N GLN B 117 -17.06 -6.40 15.60
CA GLN B 117 -17.28 -5.22 16.42
C GLN B 117 -17.40 -3.99 15.53
N GLN B 118 -18.32 -3.09 15.88
CA GLN B 118 -18.33 -1.73 15.33
C GLN B 118 -18.25 -0.75 16.49
N ALA B 119 -17.35 0.23 16.35
CA ALA B 119 -17.12 1.20 17.41
C ALA B 119 -18.34 2.09 17.65
N ILE B 120 -18.63 2.34 18.92
CA ILE B 120 -19.43 3.49 19.30
C ILE B 120 -18.56 4.73 19.26
N THR B 121 -19.01 5.76 18.53
CA THR B 121 -18.20 6.96 18.31
C THR B 121 -19.00 8.21 18.60
N ASN B 122 -18.50 9.37 18.19
CA ASN B 122 -19.23 10.62 18.39
C ASN B 122 -20.41 10.74 17.44
N VAL B 123 -20.51 9.85 16.47
CA VAL B 123 -21.57 9.85 15.46
C VAL B 123 -22.54 8.72 15.80
N PRO B 124 -23.84 8.96 15.81
CA PRO B 124 -24.79 7.89 16.17
C PRO B 124 -24.68 6.71 15.23
N LEU B 125 -24.66 5.52 15.81
CA LEU B 125 -24.65 4.27 15.05
C LEU B 125 -25.97 3.54 15.28
N THR B 126 -26.90 3.65 14.35
CA THR B 126 -28.14 2.90 14.43
C THR B 126 -27.99 1.52 13.81
N ILE B 127 -28.99 0.67 14.06
CA ILE B 127 -29.07 -0.62 13.36
C ILE B 127 -28.85 -0.44 11.87
N LEU B 128 -29.60 0.49 11.28
CA LEU B 128 -29.47 0.73 9.85
C LEU B 128 -28.03 1.05 9.48
N ASP B 129 -27.42 1.99 10.21
CA ASP B 129 -26.00 2.27 10.05
C ASP B 129 -25.15 1.00 10.17
N ALA B 130 -25.43 0.16 11.17
CA ALA B 130 -24.52 -0.94 11.45
C ALA B 130 -24.61 -2.03 10.39
N ILE B 131 -25.81 -2.29 9.85
CA ILE B 131 -25.96 -3.33 8.84
C ILE B 131 -25.34 -2.90 7.52
N ASN B 132 -25.52 -1.63 7.15
CA ASN B 132 -24.86 -1.11 5.96
C ASN B 132 -23.35 -1.10 6.16
N ALA B 133 -22.91 -0.73 7.37
CA ALA B 133 -21.48 -0.76 7.68
C ALA B 133 -20.94 -2.17 7.61
N ALA B 134 -21.75 -3.16 7.96
CA ALA B 134 -21.36 -4.56 7.80
C ALA B 134 -21.59 -5.07 6.37
N GLY B 135 -21.97 -4.19 5.45
CA GLY B 135 -22.05 -4.59 4.05
C GLY B 135 -23.29 -5.37 3.70
N GLY B 136 -24.37 -5.17 4.43
CA GLY B 136 -25.62 -5.79 4.08
C GLY B 136 -25.69 -7.23 4.53
N LEU B 137 -26.87 -7.80 4.31
CA LEU B 137 -27.21 -9.15 4.73
C LEU B 137 -26.76 -10.17 3.70
N THR B 138 -26.53 -11.40 4.16
CA THR B 138 -26.35 -12.52 3.26
C THR B 138 -27.70 -12.95 2.69
N ASP B 139 -27.67 -13.82 1.67
CA ASP B 139 -28.94 -14.27 1.09
C ASP B 139 -29.68 -15.24 2.00
N THR B 140 -29.09 -15.71 3.10
CA THR B 140 -29.75 -16.64 4.00
C THR B 140 -30.06 -16.01 5.36
N ALA B 141 -30.14 -14.70 5.41
CA ALA B 141 -30.49 -14.02 6.65
C ALA B 141 -31.97 -14.22 6.97
N ASP B 142 -32.28 -14.58 8.21
CA ASP B 142 -33.66 -14.54 8.67
C ASP B 142 -33.93 -13.08 9.02
N TRP B 143 -34.20 -12.28 8.00
CA TRP B 143 -34.07 -10.85 8.13
C TRP B 143 -35.32 -10.23 8.68
N ARG B 144 -36.37 -11.02 8.86
CA ARG B 144 -37.56 -10.56 9.54
C ARG B 144 -37.46 -10.69 11.04
N ASN B 145 -36.49 -11.47 11.55
CA ASN B 145 -36.43 -11.80 12.98
C ASN B 145 -35.01 -11.61 13.51
N VAL B 146 -34.52 -10.39 13.38
CA VAL B 146 -33.18 -10.05 13.85
C VAL B 146 -33.24 -9.77 15.35
N VAL B 147 -32.26 -10.26 16.09
CA VAL B 147 -32.23 -10.16 17.54
C VAL B 147 -31.31 -9.01 17.94
N LEU B 148 -31.84 -8.07 18.71
CA LEU B 148 -31.05 -7.02 19.34
C LEU B 148 -31.02 -7.30 20.84
N THR B 149 -29.82 -7.43 21.41
CA THR B 149 -29.66 -7.55 22.85
C THR B 149 -29.20 -6.21 23.38
N HIS B 150 -29.96 -5.63 24.30
CA HIS B 150 -29.65 -4.30 24.81
C HIS B 150 -30.08 -4.22 26.26
N ASN B 151 -29.14 -3.84 27.13
CA ASN B 151 -29.39 -3.65 28.56
C ASN B 151 -30.10 -4.85 29.15
N GLY B 152 -29.60 -6.03 28.82
CA GLY B 152 -30.20 -7.20 29.42
C GLY B 152 -31.61 -7.43 28.95
N ARG B 153 -31.89 -7.22 27.66
CA ARG B 153 -33.24 -7.56 27.25
C ARG B 153 -33.33 -7.69 25.72
N GLU B 154 -33.99 -8.77 25.30
CA GLU B 154 -34.01 -9.18 23.91
C GLU B 154 -35.12 -8.51 23.16
N GLU B 155 -34.93 -8.37 21.86
CA GLU B 155 -35.88 -7.62 21.06
C GLU B 155 -35.85 -8.11 19.61
N ARG B 156 -37.02 -8.04 18.99
CA ARG B 156 -37.25 -8.53 17.64
C ARG B 156 -37.23 -7.37 16.66
N ILE B 157 -36.38 -7.45 15.64
CA ILE B 157 -36.24 -6.37 14.67
C ILE B 157 -36.46 -6.94 13.27
N SER B 158 -37.34 -6.32 12.49
CA SER B 158 -37.53 -6.73 11.09
C SER B 158 -36.83 -5.73 10.17
N LEU B 159 -35.66 -6.12 9.69
CA LEU B 159 -34.98 -5.33 8.67
C LEU B 159 -35.74 -5.42 7.35
N GLN B 160 -36.47 -6.52 7.14
CA GLN B 160 -37.39 -6.63 6.02
C GLN B 160 -38.29 -5.41 5.93
N ALA B 161 -38.98 -5.11 7.03
CA ALA B 161 -39.89 -3.97 7.05
C ALA B 161 -39.15 -2.65 7.01
N LEU B 162 -37.91 -2.63 7.52
CA LEU B 162 -37.10 -1.42 7.50
C LEU B 162 -36.75 -1.02 6.07
N MET B 163 -36.30 -1.98 5.27
CA MET B 163 -35.79 -1.63 3.96
C MET B 163 -36.78 -1.90 2.84
N GLN B 164 -37.60 -2.95 2.95
CA GLN B 164 -38.60 -3.18 1.92
C GLN B 164 -39.74 -2.17 2.02
N ASN B 165 -40.06 -1.72 3.23
CA ASN B 165 -41.24 -0.90 3.43
C ASN B 165 -40.98 0.43 4.14
N GLY B 166 -39.72 0.72 4.51
CA GLY B 166 -39.42 1.99 5.14
C GLY B 166 -39.87 2.15 6.59
N ASP B 167 -40.16 1.06 7.30
CA ASP B 167 -40.64 1.18 8.68
C ASP B 167 -39.48 1.61 9.57
N LEU B 168 -39.39 2.91 9.88
CA LEU B 168 -38.30 3.39 10.71
C LEU B 168 -38.46 3.02 12.17
N ASN B 169 -39.63 2.52 12.57
CA ASN B 169 -39.79 1.99 13.92
C ASN B 169 -38.91 0.77 14.13
N GLN B 170 -38.54 0.05 13.08
CA GLN B 170 -37.58 -1.02 13.22
C GLN B 170 -36.17 -0.50 13.55
N ASN B 171 -35.89 0.78 13.34
CA ASN B 171 -34.54 1.24 13.62
C ASN B 171 -34.34 1.42 15.13
N ARG B 172 -33.09 1.35 15.54
CA ARG B 172 -32.71 1.57 16.92
C ARG B 172 -31.33 2.18 16.95
N LEU B 173 -31.12 3.12 17.88
CA LEU B 173 -29.76 3.55 18.18
C LEU B 173 -29.07 2.44 18.95
N LEU B 174 -27.92 2.00 18.44
CA LEU B 174 -27.13 1.02 19.15
C LEU B 174 -26.32 1.68 20.25
N TYR B 175 -26.09 0.93 21.32
CA TYR B 175 -25.43 1.38 22.53
C TYR B 175 -24.23 0.51 22.84
N PRO B 176 -23.29 1.00 23.66
CA PRO B 176 -22.16 0.17 24.11
C PRO B 176 -22.61 -1.17 24.67
N GLY B 177 -22.01 -2.26 24.19
CA GLY B 177 -22.34 -3.59 24.66
C GLY B 177 -23.46 -4.30 23.92
N ASP B 178 -24.19 -3.60 23.06
CA ASP B 178 -25.33 -4.19 22.37
C ASP B 178 -24.87 -5.31 21.45
N ILE B 179 -25.73 -6.30 21.29
CA ILE B 179 -25.51 -7.37 20.32
C ILE B 179 -26.63 -7.31 19.32
N LEU B 180 -26.27 -7.25 18.05
CA LEU B 180 -27.23 -7.31 16.97
C LEU B 180 -26.88 -8.58 16.20
N TYR B 181 -27.71 -9.60 16.35
CA TYR B 181 -27.46 -10.90 15.76
C TYR B 181 -28.50 -11.16 14.68
N VAL B 182 -28.04 -11.48 13.48
CA VAL B 182 -28.89 -11.77 12.33
C VAL B 182 -28.85 -13.27 12.09
N PRO B 183 -29.91 -14.01 12.41
CA PRO B 183 -29.86 -15.47 12.33
C PRO B 183 -30.04 -15.99 10.90
N ARG B 184 -29.77 -17.28 10.74
CA ARG B 184 -30.16 -17.96 9.50
C ARG B 184 -31.64 -18.27 9.61
N ASN B 185 -32.35 -18.24 8.50
CA ASN B 185 -33.73 -18.75 8.52
C ASN B 185 -33.62 -20.25 8.38
N ASN C 1 -36.73 -16.01 27.49
CA ASN C 1 -35.50 -15.71 26.77
C ASN C 1 -34.95 -14.32 27.09
N VAL C 2 -35.29 -13.76 28.26
CA VAL C 2 -34.76 -12.45 28.62
C VAL C 2 -33.26 -12.54 28.85
N ALA C 3 -32.55 -11.46 28.52
CA ALA C 3 -31.09 -11.48 28.63
C ALA C 3 -30.66 -11.53 30.10
N ARG C 4 -29.69 -12.44 30.40
CA ARG C 4 -29.16 -12.67 31.74
C ARG C 4 -27.93 -11.78 31.97
N PRO C 5 -27.85 -11.09 33.12
CA PRO C 5 -26.62 -10.35 33.44
C PRO C 5 -25.55 -11.26 34.03
N ASN C 6 -24.29 -11.05 33.62
CA ASN C 6 -23.20 -11.88 34.12
C ASN C 6 -22.75 -11.40 35.50
N MET C 7 -22.46 -12.36 36.38
CA MET C 7 -22.31 -12.14 37.81
C MET C 7 -21.10 -11.26 38.13
N THR C 8 -19.90 -11.77 37.86
CA THR C 8 -18.68 -10.99 38.03
C THR C 8 -17.94 -10.85 36.70
N LEU C 9 -18.58 -10.26 35.69
CA LEU C 9 -17.97 -9.99 34.37
C LEU C 9 -17.67 -8.52 34.12
N GLU C 10 -18.68 -7.62 34.19
CA GLU C 10 -18.51 -6.18 34.48
C GLU C 10 -17.99 -5.79 35.84
N SER C 11 -18.02 -6.63 36.86
CA SER C 11 -17.12 -6.33 37.98
C SER C 11 -15.67 -6.51 37.55
N GLU C 12 -15.41 -7.56 36.76
CA GLU C 12 -14.07 -7.83 36.24
C GLU C 12 -13.62 -6.80 35.21
N ILE C 13 -14.55 -6.25 34.42
CA ILE C 13 -14.19 -5.33 33.34
C ILE C 13 -14.02 -3.89 33.85
N ALA C 14 -14.68 -3.52 34.96
CA ALA C 14 -14.49 -2.19 35.54
C ALA C 14 -13.17 -2.08 36.29
N ASN C 15 -12.61 -3.21 36.73
CA ASN C 15 -11.30 -3.24 37.35
C ASN C 15 -10.21 -3.69 36.37
N TYR C 16 -10.51 -3.72 35.08
CA TYR C 16 -9.60 -4.37 34.15
C TYR C 16 -8.30 -3.59 34.06
N GLN C 17 -7.19 -4.30 34.29
CA GLN C 17 -5.89 -3.66 34.44
C GLN C 17 -4.85 -4.48 33.70
N TYR C 18 -4.31 -3.93 32.61
CA TYR C 18 -3.20 -4.56 31.93
C TYR C 18 -1.93 -4.34 32.73
N ARG C 19 -1.07 -5.36 32.75
CA ARG C 19 0.23 -5.25 33.38
C ARG C 19 1.29 -5.73 32.40
N VAL C 20 2.43 -5.04 32.38
CA VAL C 20 3.41 -5.21 31.31
C VAL C 20 4.11 -6.56 31.44
N GLY C 21 4.48 -7.15 30.31
CA GLY C 21 5.18 -8.40 30.34
C GLY C 21 6.41 -8.38 29.46
N PRO C 22 7.24 -9.43 29.57
CA PRO C 22 8.43 -9.56 28.73
C PRO C 22 8.09 -9.56 27.24
N GLY C 23 8.83 -8.78 26.46
CA GLY C 23 8.61 -8.66 25.04
C GLY C 23 7.74 -7.48 24.64
N ASP C 24 6.95 -6.92 25.56
CA ASP C 24 6.23 -5.70 25.21
C ASP C 24 7.21 -4.63 24.74
N VAL C 25 6.74 -3.78 23.83
CA VAL C 25 7.48 -2.60 23.38
C VAL C 25 6.78 -1.37 23.93
N LEU C 26 7.47 -0.61 24.79
CA LEU C 26 6.89 0.61 25.37
C LEU C 26 7.29 1.86 24.58
N ASN C 27 6.48 2.90 24.79
CA ASN C 27 6.63 4.18 24.11
C ASN C 27 6.62 5.26 25.18
N VAL C 28 7.74 5.97 25.35
CA VAL C 28 7.87 6.99 26.38
C VAL C 28 7.91 8.37 25.73
N THR C 29 7.03 9.24 26.16
CA THR C 29 6.95 10.61 25.68
C THR C 29 7.44 11.53 26.79
N VAL C 30 8.48 12.31 26.51
CA VAL C 30 9.00 13.30 27.44
C VAL C 30 8.83 14.64 26.75
N TRP C 31 7.77 15.37 27.12
CA TRP C 31 7.46 16.64 26.47
C TRP C 31 8.61 17.61 26.63
N ASP C 32 8.89 18.37 25.56
CA ASP C 32 9.99 19.31 25.42
C ASP C 32 11.33 18.62 25.26
N HIS C 33 11.38 17.29 25.24
CA HIS C 33 12.63 16.56 25.08
C HIS C 33 12.50 15.59 23.93
N PRO C 34 12.41 16.10 22.70
CA PRO C 34 12.34 15.20 21.54
C PRO C 34 13.59 14.36 21.41
N GLU C 35 14.74 14.84 21.92
CA GLU C 35 15.92 13.98 21.96
C GLU C 35 15.65 12.69 22.76
N LEU C 36 14.74 12.71 23.74
CA LEU C 36 14.34 11.49 24.45
C LEU C 36 13.16 10.79 23.80
N THR C 37 12.16 11.58 23.37
CA THR C 37 10.94 11.01 22.83
C THR C 37 11.18 10.29 21.50
N THR C 38 11.97 10.88 20.61
CA THR C 38 12.18 10.32 19.28
C THR C 38 13.67 10.28 18.96
N PRO C 39 14.42 9.39 19.60
CA PRO C 39 15.88 9.35 19.34
C PRO C 39 16.22 8.94 17.91
N ALA C 40 15.39 8.10 17.28
CA ALA C 40 15.58 7.68 15.90
C ALA C 40 14.79 8.53 14.93
N GLY C 41 14.42 9.72 15.32
CA GLY C 41 13.65 10.56 14.42
C GLY C 41 12.19 10.26 14.57
N GLN C 42 11.40 10.95 13.75
CA GLN C 42 9.98 11.01 14.04
C GLN C 42 9.14 10.41 12.93
N TYR C 43 9.78 9.57 12.12
CA TYR C 43 9.18 8.94 10.95
C TYR C 43 8.84 7.47 11.20
N ARG C 44 9.74 6.70 11.79
CA ARG C 44 9.44 5.32 12.13
C ARG C 44 8.34 5.24 13.18
N SER C 45 7.63 4.13 13.18
CA SER C 45 6.57 3.88 14.14
C SER C 45 7.13 3.69 15.55
N SER C 46 6.31 4.01 16.54
CA SER C 46 6.70 3.84 17.94
C SER C 46 7.06 2.40 18.25
N SER C 47 6.44 1.43 17.55
CA SER C 47 6.87 0.06 17.81
C SER C 47 8.21 -0.24 17.16
N ASP C 48 8.56 0.49 16.09
CA ASP C 48 9.87 0.34 15.47
C ASP C 48 10.97 1.04 16.25
N THR C 49 10.61 1.99 17.13
CA THR C 49 11.57 2.76 17.90
C THR C 49 11.38 2.61 19.41
N GLY C 50 10.51 1.69 19.87
CA GLY C 50 10.16 1.65 21.27
C GLY C 50 11.16 0.88 22.12
N ASN C 51 10.96 0.97 23.44
CA ASN C 51 11.82 0.27 24.39
C ASN C 51 11.34 -1.15 24.62
N TRP C 52 12.24 -2.11 24.49
CA TRP C 52 11.86 -3.50 24.67
C TRP C 52 11.98 -3.89 26.12
N VAL C 53 10.98 -4.61 26.60
CA VAL C 53 11.05 -5.19 27.93
C VAL C 53 11.85 -6.48 27.85
N GLN C 54 12.89 -6.57 28.64
CA GLN C 54 13.78 -7.72 28.65
C GLN C 54 13.16 -8.87 29.44
N PRO C 55 13.68 -10.09 29.26
CA PRO C 55 13.17 -11.21 30.07
C PRO C 55 13.28 -10.97 31.57
N ASP C 56 14.36 -10.34 32.05
CA ASP C 56 14.43 -10.11 33.50
C ASP C 56 13.42 -9.07 33.98
N GLY C 57 12.50 -8.61 33.16
CA GLY C 57 11.50 -7.67 33.59
C GLY C 57 11.88 -6.22 33.49
N THR C 58 13.09 -5.91 33.03
CA THR C 58 13.54 -4.54 32.99
C THR C 58 13.53 -4.01 31.57
N MET C 59 13.48 -2.70 31.47
CA MET C 59 13.76 -2.03 30.22
C MET C 59 14.80 -0.94 30.47
N PHE C 60 15.60 -0.67 29.46
CA PHE C 60 16.56 0.40 29.57
C PHE C 60 15.89 1.74 29.27
N TYR C 61 16.25 2.76 30.04
CA TYR C 61 15.85 4.10 29.69
C TYR C 61 17.04 5.03 29.89
N PRO C 62 17.31 5.92 28.94
CA PRO C 62 18.49 6.80 29.06
C PRO C 62 18.54 7.55 30.39
N TYR C 63 19.74 7.58 30.97
CA TYR C 63 20.11 8.35 32.16
C TYR C 63 19.71 7.63 33.44
N ILE C 64 18.48 7.10 33.50
CA ILE C 64 18.03 6.44 34.70
C ILE C 64 18.41 4.96 34.75
N GLY C 65 18.84 4.38 33.64
CA GLY C 65 19.26 2.99 33.67
C GLY C 65 18.14 2.00 33.45
N LYS C 66 18.27 0.80 34.00
CA LYS C 66 17.24 -0.20 33.80
C LYS C 66 16.12 0.03 34.79
N VAL C 67 14.88 -0.05 34.32
CA VAL C 67 13.69 0.17 35.16
C VAL C 67 12.88 -1.12 35.13
N HIS C 68 12.45 -1.59 36.31
CA HIS C 68 11.59 -2.77 36.41
C HIS C 68 10.16 -2.41 36.02
N VAL C 69 9.62 -3.06 35.00
CA VAL C 69 8.32 -2.66 34.48
C VAL C 69 7.33 -3.83 34.48
N VAL C 70 7.84 -5.06 34.39
CA VAL C 70 6.96 -6.23 34.35
C VAL C 70 6.17 -6.31 35.65
N GLY C 71 4.89 -6.68 35.54
CA GLY C 71 3.99 -6.69 36.68
C GLY C 71 3.35 -5.37 37.00
N LYS C 72 3.74 -4.28 36.34
CA LYS C 72 3.26 -2.96 36.69
C LYS C 72 2.26 -2.45 35.65
N THR C 73 1.47 -1.48 36.06
CA THR C 73 0.60 -0.74 35.15
C THR C 73 1.37 0.42 34.50
N LEU C 74 0.87 0.83 33.33
CA LEU C 74 1.37 2.04 32.68
C LEU C 74 1.45 3.21 33.65
N ALA C 75 0.38 3.44 34.40
CA ALA C 75 0.38 4.59 35.31
C ALA C 75 1.50 4.47 36.33
N GLU C 76 1.77 3.24 36.80
CA GLU C 76 2.87 3.02 37.74
C GLU C 76 4.23 3.23 37.07
N ILE C 77 4.38 2.80 35.82
CA ILE C 77 5.65 2.97 35.12
C ILE C 77 5.92 4.45 34.84
N ARG C 78 4.87 5.18 34.42
CA ARG C 78 5.02 6.61 34.22
C ARG C 78 5.55 7.29 35.49
N SER C 79 4.90 7.01 36.62
CA SER C 79 5.33 7.55 37.90
C SER C 79 6.77 7.17 38.25
N ASP C 80 7.11 5.90 38.13
CA ASP C 80 8.48 5.46 38.38
C ASP C 80 9.49 6.19 37.48
N ILE C 81 9.21 6.28 36.18
CA ILE C 81 10.19 6.89 35.27
C ILE C 81 10.31 8.38 35.54
N THR C 82 9.18 9.06 35.78
CA THR C 82 9.20 10.51 36.05
C THR C 82 10.08 10.83 37.25
N GLY C 83 9.81 10.19 38.39
CA GLY C 83 10.57 10.46 39.59
C GLY C 83 12.06 10.27 39.37
N ARG C 84 12.42 9.23 38.62
CA ARG C 84 13.81 8.98 38.32
C ARG C 84 14.39 10.05 37.39
N LEU C 85 13.70 10.38 36.28
CA LEU C 85 14.19 11.45 35.41
C LEU C 85 14.32 12.80 36.08
N ALA C 86 13.64 13.02 37.18
CA ALA C 86 13.71 14.34 37.79
C ALA C 86 15.13 14.62 38.30
N THR C 87 15.94 13.58 38.52
CA THR C 87 17.36 13.78 38.80
C THR C 87 18.08 14.51 37.66
N TYR C 88 17.69 14.24 36.40
CA TYR C 88 18.42 14.74 35.24
C TYR C 88 17.72 15.86 34.46
N ILE C 89 16.42 16.03 34.63
CA ILE C 89 15.66 17.09 33.97
C ILE C 89 14.72 17.69 35.01
N ALA C 90 14.57 19.01 34.98
CA ALA C 90 13.73 19.68 35.96
C ALA C 90 12.27 19.46 35.63
N ASP C 91 11.51 18.94 36.58
CA ASP C 91 10.06 18.78 36.42
C ASP C 91 9.70 18.06 35.11
N PRO C 92 10.25 16.86 34.85
CA PRO C 92 9.98 16.21 33.57
C PRO C 92 8.51 15.85 33.45
N GLN C 93 7.96 16.01 32.25
CA GLN C 93 6.58 15.67 31.95
C GLN C 93 6.61 14.43 31.04
N VAL C 94 6.17 13.30 31.60
CA VAL C 94 6.39 11.99 31.03
C VAL C 94 5.06 11.26 30.90
N ASP C 95 4.87 10.56 29.77
CA ASP C 95 3.84 9.56 29.67
C ASP C 95 4.42 8.29 29.05
N VAL C 96 3.72 7.19 29.29
CA VAL C 96 4.18 5.88 28.85
C VAL C 96 2.95 5.14 28.34
N ASN C 97 3.02 4.64 27.11
CA ASN C 97 2.08 3.59 26.74
C ASN C 97 2.79 2.47 26.01
N ILE C 98 2.02 1.59 25.40
CA ILE C 98 2.53 0.34 24.86
C ILE C 98 2.43 0.40 23.33
N ALA C 99 3.58 0.32 22.66
CA ALA C 99 3.62 0.34 21.21
C ALA C 99 3.39 -1.04 20.60
N ALA C 100 3.67 -2.09 21.35
CA ALA C 100 3.43 -3.44 20.86
C ALA C 100 3.12 -4.30 22.07
N PHE C 101 1.93 -4.91 22.07
CA PHE C 101 1.54 -5.89 23.08
C PHE C 101 2.01 -7.25 22.60
N ARG C 102 3.16 -7.71 23.12
CA ARG C 102 3.76 -8.93 22.63
C ARG C 102 3.85 -10.02 23.68
N SER C 103 3.67 -9.70 24.96
CA SER C 103 3.96 -10.62 26.04
C SER C 103 2.79 -11.55 26.35
N GLN C 104 1.56 -11.15 26.06
CA GLN C 104 0.39 -11.84 26.58
C GLN C 104 -0.66 -11.97 25.50
N LYS C 105 -1.26 -13.15 25.42
CA LYS C 105 -2.11 -13.49 24.29
C LYS C 105 -3.05 -14.65 24.66
N ALA C 106 -4.23 -14.62 24.04
CA ALA C 106 -5.14 -15.75 24.01
C ALA C 106 -5.15 -16.37 22.62
N TYR C 107 -5.59 -17.63 22.54
CA TYR C 107 -5.59 -18.42 21.30
C TYR C 107 -7.02 -18.80 20.95
N ILE C 108 -7.50 -18.29 19.82
CA ILE C 108 -8.89 -18.45 19.39
C ILE C 108 -8.86 -19.30 18.13
N SER C 109 -9.23 -20.58 18.27
CA SER C 109 -9.06 -21.54 17.19
C SER C 109 -10.35 -22.33 16.95
N GLY C 110 -10.34 -23.09 15.85
CA GLY C 110 -11.49 -23.92 15.48
C GLY C 110 -12.37 -23.28 14.43
N GLN C 111 -13.69 -23.51 14.53
CA GLN C 111 -14.62 -23.08 13.49
C GLN C 111 -14.98 -21.60 13.64
N VAL C 112 -13.93 -20.76 13.59
CA VAL C 112 -14.10 -19.32 13.41
C VAL C 112 -13.53 -18.96 12.04
N ASN C 113 -13.97 -17.83 11.52
CA ASN C 113 -13.52 -17.43 10.18
C ASN C 113 -12.05 -17.01 10.18
N LYS C 114 -11.53 -16.49 11.29
CA LYS C 114 -10.11 -16.10 11.33
C LYS C 114 -9.48 -16.61 12.62
N SER C 115 -8.81 -17.77 12.54
CA SER C 115 -8.08 -18.32 13.67
C SER C 115 -6.81 -17.51 13.94
N GLY C 116 -6.23 -17.73 15.12
CA GLY C 116 -4.93 -17.16 15.44
C GLY C 116 -4.80 -16.62 16.86
N GLN C 117 -3.62 -16.12 17.18
CA GLN C 117 -3.43 -15.39 18.44
C GLN C 117 -4.27 -14.12 18.43
N GLN C 118 -4.74 -13.74 19.61
CA GLN C 118 -5.30 -12.42 19.86
C GLN C 118 -4.62 -11.83 21.11
N ALA C 119 -4.09 -10.62 20.99
CA ALA C 119 -3.25 -10.02 22.02
C ALA C 119 -4.06 -9.57 23.23
N ILE C 120 -3.52 -9.79 24.42
CA ILE C 120 -4.10 -9.20 25.62
C ILE C 120 -3.58 -7.78 25.75
N THR C 121 -4.48 -6.82 25.95
CA THR C 121 -4.07 -5.42 25.89
C THR C 121 -4.64 -4.64 27.06
N ASN C 122 -4.49 -3.32 27.04
CA ASN C 122 -5.15 -2.48 28.03
C ASN C 122 -6.67 -2.49 27.88
N VAL C 123 -7.18 -3.00 26.77
CA VAL C 123 -8.62 -3.07 26.52
C VAL C 123 -9.08 -4.48 26.85
N PRO C 124 -10.13 -4.66 27.64
CA PRO C 124 -10.57 -6.02 27.98
C PRO C 124 -10.96 -6.80 26.73
N LEU C 125 -10.50 -8.05 26.64
CA LEU C 125 -10.85 -8.96 25.55
C LEU C 125 -11.78 -10.03 26.08
N THR C 126 -13.06 -9.92 25.78
CA THR C 126 -13.97 -10.97 26.20
C THR C 126 -14.14 -11.96 25.05
N ILE C 127 -14.70 -13.13 25.38
CA ILE C 127 -15.08 -14.10 24.35
C ILE C 127 -15.82 -13.41 23.23
N LEU C 128 -16.87 -12.65 23.59
CA LEU C 128 -17.65 -11.94 22.59
C LEU C 128 -16.77 -11.06 21.73
N ASP C 129 -15.79 -10.38 22.35
CA ASP C 129 -14.83 -9.58 21.59
C ASP C 129 -14.00 -10.47 20.68
N ALA C 130 -13.46 -11.57 21.20
CA ALA C 130 -12.51 -12.36 20.41
C ALA C 130 -13.19 -13.05 19.23
N ILE C 131 -14.40 -13.59 19.43
CA ILE C 131 -15.14 -14.22 18.35
C ILE C 131 -15.45 -13.20 17.26
N ASN C 132 -15.93 -12.02 17.67
CA ASN C 132 -16.23 -10.97 16.71
C ASN C 132 -14.96 -10.52 16.01
N ALA C 133 -13.85 -10.47 16.75
CA ALA C 133 -12.59 -10.10 16.13
C ALA C 133 -12.11 -11.21 15.21
N ALA C 134 -12.44 -12.45 15.52
CA ALA C 134 -12.13 -13.54 14.59
C ALA C 134 -13.03 -13.53 13.37
N GLY C 135 -14.03 -12.65 13.33
CA GLY C 135 -14.91 -12.57 12.17
C GLY C 135 -16.13 -13.45 12.22
N GLY C 136 -16.55 -13.90 13.39
CA GLY C 136 -17.69 -14.79 13.49
C GLY C 136 -17.33 -16.26 13.27
N LEU C 137 -18.38 -17.07 13.33
CA LEU C 137 -18.26 -18.52 13.22
C LEU C 137 -18.55 -18.94 11.80
N THR C 138 -17.94 -20.06 11.39
CA THR C 138 -18.40 -20.76 10.19
C THR C 138 -19.81 -21.31 10.40
N ASP C 139 -20.40 -21.82 9.33
CA ASP C 139 -21.72 -22.43 9.49
C ASP C 139 -21.64 -23.86 10.00
N THR C 140 -20.44 -24.40 10.20
CA THR C 140 -20.27 -25.74 10.76
C THR C 140 -19.75 -25.71 12.19
N ALA C 141 -20.03 -24.64 12.92
CA ALA C 141 -19.49 -24.47 14.25
C ALA C 141 -20.43 -25.09 15.27
N ASP C 142 -19.89 -25.96 16.12
CA ASP C 142 -20.69 -26.46 17.22
C ASP C 142 -20.78 -25.37 18.30
N TRP C 143 -21.51 -24.32 17.96
CA TRP C 143 -21.44 -23.07 18.69
C TRP C 143 -22.24 -23.10 19.99
N ARG C 144 -22.89 -24.20 20.30
CA ARG C 144 -23.45 -24.36 21.62
C ARG C 144 -22.43 -24.92 22.60
N ASN C 145 -21.27 -25.40 22.14
CA ASN C 145 -20.35 -26.16 22.98
C ASN C 145 -18.91 -25.71 22.80
N VAL C 146 -18.67 -24.40 22.87
CA VAL C 146 -17.33 -23.86 22.76
C VAL C 146 -16.54 -24.17 24.02
N VAL C 147 -15.24 -24.38 23.87
CA VAL C 147 -14.41 -24.82 24.98
C VAL C 147 -13.44 -23.72 25.36
N LEU C 148 -13.60 -23.19 26.57
CA LEU C 148 -12.64 -22.27 27.14
C LEU C 148 -11.73 -23.01 28.09
N THR C 149 -10.44 -23.04 27.78
CA THR C 149 -9.39 -23.52 28.67
C THR C 149 -8.78 -22.32 29.37
N HIS C 150 -8.94 -22.26 30.69
CA HIS C 150 -8.45 -21.14 31.48
C HIS C 150 -7.88 -21.67 32.79
N ASN C 151 -6.64 -21.32 33.09
CA ASN C 151 -5.98 -21.73 34.33
C ASN C 151 -6.19 -23.21 34.63
N GLY C 152 -6.02 -24.03 33.60
CA GLY C 152 -6.11 -25.46 33.79
C GLY C 152 -7.50 -26.00 34.00
N ARG C 153 -8.53 -25.22 33.68
CA ARG C 153 -9.91 -25.63 33.86
C ARG C 153 -10.65 -25.52 32.53
N GLU C 154 -11.44 -26.53 32.20
CA GLU C 154 -12.29 -26.47 31.01
C GLU C 154 -13.67 -25.94 31.36
N GLU C 155 -14.23 -25.15 30.46
CA GLU C 155 -15.55 -24.58 30.61
C GLU C 155 -16.23 -24.73 29.27
N ARG C 156 -17.51 -25.10 29.29
CA ARG C 156 -18.30 -25.10 28.07
C ARG C 156 -19.04 -23.77 27.98
N ILE C 157 -19.04 -23.19 26.79
CA ILE C 157 -19.63 -21.88 26.53
C ILE C 157 -20.63 -22.02 25.39
N SER C 158 -21.78 -21.37 25.51
CA SER C 158 -22.75 -21.38 24.43
C SER C 158 -22.81 -19.99 23.82
N LEU C 159 -22.08 -19.82 22.72
CA LEU C 159 -22.22 -18.62 21.91
C LEU C 159 -23.62 -18.49 21.34
N GLN C 160 -24.26 -19.63 21.07
CA GLN C 160 -25.63 -19.61 20.58
C GLN C 160 -26.56 -18.93 21.58
N ALA C 161 -26.38 -19.22 22.87
CA ALA C 161 -27.17 -18.55 23.90
C ALA C 161 -26.75 -17.09 24.02
N LEU C 162 -25.45 -16.82 23.90
CA LEU C 162 -24.96 -15.45 23.99
C LEU C 162 -25.59 -14.58 22.90
N MET C 163 -25.50 -15.01 21.65
CA MET C 163 -25.84 -14.10 20.57
C MET C 163 -27.32 -14.13 20.18
N GLN C 164 -27.96 -15.30 20.20
CA GLN C 164 -29.39 -15.35 19.84
C GLN C 164 -30.31 -15.17 21.04
N ASN C 165 -29.83 -15.40 22.27
CA ASN C 165 -30.67 -15.18 23.44
C ASN C 165 -30.12 -14.11 24.38
N GLY C 166 -29.00 -13.49 24.06
CA GLY C 166 -28.47 -12.44 24.93
C GLY C 166 -28.05 -12.93 26.29
N ASP C 167 -27.69 -14.21 26.43
CA ASP C 167 -27.27 -14.74 27.73
C ASP C 167 -25.83 -14.33 27.97
N LEU C 168 -25.67 -13.16 28.57
CA LEU C 168 -24.37 -12.62 28.92
C LEU C 168 -23.61 -13.43 29.97
N ASN C 169 -24.24 -14.35 30.68
CA ASN C 169 -23.47 -15.25 31.51
C ASN C 169 -22.59 -16.18 30.69
N GLN C 170 -22.87 -16.31 29.39
CA GLN C 170 -22.01 -17.11 28.52
C GLN C 170 -20.71 -16.39 28.17
N ASN C 171 -20.73 -15.06 28.14
CA ASN C 171 -19.52 -14.30 27.88
C ASN C 171 -18.55 -14.44 29.05
N ARG C 172 -17.26 -14.37 28.72
CA ARG C 172 -16.21 -14.41 29.73
C ARG C 172 -15.09 -13.47 29.32
N LEU C 173 -14.39 -12.95 30.31
CA LEU C 173 -13.15 -12.25 30.08
C LEU C 173 -12.03 -13.25 29.78
N LEU C 174 -11.24 -12.98 28.75
CA LEU C 174 -10.10 -13.83 28.40
C LEU C 174 -8.81 -13.29 29.02
N TYR C 175 -7.93 -14.22 29.40
CA TYR C 175 -6.70 -13.90 30.12
C TYR C 175 -5.50 -14.44 29.34
N PRO C 176 -4.28 -14.01 29.67
CA PRO C 176 -3.10 -14.55 28.99
C PRO C 176 -3.05 -16.07 29.12
N GLY C 177 -2.85 -16.76 27.99
CA GLY C 177 -2.76 -18.20 27.95
C GLY C 177 -4.07 -18.92 27.71
N ASP C 178 -5.20 -18.23 27.77
CA ASP C 178 -6.48 -18.90 27.56
C ASP C 178 -6.57 -19.44 26.14
N ILE C 179 -7.21 -20.60 26.01
CA ILE C 179 -7.53 -21.19 24.72
C ILE C 179 -9.05 -21.19 24.57
N LEU C 180 -9.53 -20.62 23.50
CA LEU C 180 -10.95 -20.66 23.13
C LEU C 180 -11.04 -21.48 21.86
N TYR C 181 -11.63 -22.67 21.96
CA TYR C 181 -11.69 -23.60 20.84
C TYR C 181 -13.13 -23.81 20.44
N VAL C 182 -13.44 -23.54 19.17
CA VAL C 182 -14.78 -23.70 18.62
C VAL C 182 -14.78 -24.98 17.78
N PRO C 183 -15.43 -26.06 18.23
CA PRO C 183 -15.34 -27.35 17.55
C PRO C 183 -16.25 -27.42 16.34
N ARG C 184 -16.09 -28.49 15.55
CA ARG C 184 -17.05 -28.70 14.48
C ARG C 184 -18.27 -29.34 15.04
N ASN C 185 -19.41 -28.87 14.60
CA ASN C 185 -20.64 -29.61 14.55
C ASN C 185 -20.42 -31.01 13.94
N ASN D 1 7.15 -22.29 -41.29
CA ASN D 1 6.99 -21.42 -40.12
C ASN D 1 8.14 -20.43 -40.01
N VAL D 2 9.01 -20.39 -41.03
CA VAL D 2 10.25 -19.62 -40.94
C VAL D 2 9.94 -18.12 -40.77
N ALA D 3 10.67 -17.49 -39.86
CA ALA D 3 10.40 -16.10 -39.49
C ALA D 3 11.06 -15.13 -40.47
N ARG D 4 10.47 -13.94 -40.57
CA ARG D 4 10.85 -12.93 -41.55
C ARG D 4 10.69 -11.55 -40.93
N PRO D 5 11.29 -10.49 -41.57
CA PRO D 5 11.14 -9.11 -41.06
C PRO D 5 9.80 -8.48 -41.40
N ASN D 6 9.76 -7.16 -41.62
CA ASN D 6 8.51 -6.48 -41.94
C ASN D 6 8.80 -5.14 -42.63
N MET D 7 8.03 -4.84 -43.68
CA MET D 7 8.07 -3.52 -44.30
C MET D 7 7.80 -2.44 -43.25
N THR D 8 6.55 -2.44 -42.77
CA THR D 8 6.07 -1.41 -41.85
C THR D 8 6.91 -1.33 -40.58
N LEU D 9 7.12 -2.48 -39.94
CA LEU D 9 7.52 -2.52 -38.53
C LEU D 9 8.80 -1.73 -38.26
N GLU D 10 9.87 -2.02 -39.01
CA GLU D 10 11.22 -1.71 -38.56
C GLU D 10 11.83 -0.47 -39.22
N SER D 11 11.29 -0.03 -40.36
CA SER D 11 11.65 1.26 -40.93
C SER D 11 11.21 2.40 -40.02
N GLU D 12 10.21 2.15 -39.18
CA GLU D 12 9.49 3.17 -38.42
C GLU D 12 9.76 3.11 -36.93
N ILE D 13 10.59 2.17 -36.47
CA ILE D 13 10.93 2.03 -35.06
C ILE D 13 12.28 2.67 -34.74
N ALA D 14 13.24 2.57 -35.65
CA ALA D 14 14.47 3.33 -35.50
C ALA D 14 14.22 4.83 -35.61
N ASN D 15 13.14 5.24 -36.27
CA ASN D 15 12.75 6.63 -36.34
C ASN D 15 11.79 7.04 -35.22
N TYR D 16 11.44 6.14 -34.30
CA TYR D 16 10.23 6.32 -33.51
C TYR D 16 10.33 7.55 -32.63
N GLN D 17 9.35 8.45 -32.80
CA GLN D 17 9.42 9.77 -32.21
C GLN D 17 8.03 10.15 -31.71
N TYR D 18 7.87 10.18 -30.39
CA TYR D 18 6.65 10.67 -29.77
C TYR D 18 6.58 12.18 -29.90
N ARG D 19 5.35 12.68 -30.05
CA ARG D 19 5.09 14.10 -30.18
C ARG D 19 3.96 14.46 -29.23
N VAL D 20 4.19 15.50 -28.43
CA VAL D 20 3.28 15.84 -27.34
C VAL D 20 1.89 16.15 -27.89
N GLY D 21 0.87 15.74 -27.15
CA GLY D 21 -0.48 16.10 -27.52
C GLY D 21 -1.24 16.75 -26.39
N PRO D 22 -2.44 17.23 -26.67
CA PRO D 22 -3.21 17.97 -25.65
C PRO D 22 -3.61 17.01 -24.52
N GLY D 23 -3.53 17.51 -23.29
CA GLY D 23 -3.83 16.71 -22.12
C GLY D 23 -2.62 16.03 -21.51
N ASP D 24 -1.51 15.95 -22.23
CA ASP D 24 -0.27 15.47 -21.64
C ASP D 24 0.15 16.35 -20.45
N VAL D 25 0.82 15.74 -19.50
CA VAL D 25 1.38 16.44 -18.35
C VAL D 25 2.90 16.39 -18.50
N LEU D 26 3.50 17.57 -18.66
CA LEU D 26 4.93 17.72 -18.85
C LEU D 26 5.61 17.99 -17.51
N ASN D 27 6.87 17.60 -17.43
CA ASN D 27 7.70 17.79 -16.25
C ASN D 27 8.99 18.52 -16.63
N VAL D 28 9.18 19.72 -16.09
CA VAL D 28 10.29 20.60 -16.48
C VAL D 28 11.24 20.72 -15.31
N THR D 29 12.49 20.28 -15.50
CA THR D 29 13.57 20.42 -14.54
C THR D 29 14.44 21.62 -14.91
N VAL D 30 14.63 22.53 -13.97
CA VAL D 30 15.58 23.61 -14.15
C VAL D 30 16.58 23.45 -13.02
N TRP D 31 17.74 22.86 -13.33
CA TRP D 31 18.76 22.66 -12.31
C TRP D 31 19.13 24.00 -11.66
N ASP D 32 19.45 23.94 -10.37
CA ASP D 32 19.80 25.10 -9.56
C ASP D 32 18.64 26.08 -9.39
N HIS D 33 17.41 25.70 -9.74
CA HIS D 33 16.24 26.55 -9.57
C HIS D 33 15.06 25.74 -9.05
N PRO D 34 15.14 25.29 -7.79
CA PRO D 34 14.05 24.49 -7.24
C PRO D 34 12.74 25.26 -7.14
N GLU D 35 12.80 26.58 -7.01
CA GLU D 35 11.58 27.37 -7.08
C GLU D 35 10.87 27.21 -8.43
N LEU D 36 11.59 26.79 -9.48
CA LEU D 36 10.93 26.49 -10.74
C LEU D 36 10.61 24.99 -10.90
N THR D 37 11.56 24.12 -10.57
CA THR D 37 11.35 22.69 -10.72
C THR D 37 10.23 22.17 -9.82
N THR D 38 10.12 22.69 -8.60
CA THR D 38 9.20 22.16 -7.59
C THR D 38 8.51 23.31 -6.90
N PRO D 39 7.56 23.96 -7.58
CA PRO D 39 6.86 25.09 -6.92
C PRO D 39 5.94 24.62 -5.81
N ALA D 40 5.45 23.38 -5.89
CA ALA D 40 4.60 22.77 -4.90
C ALA D 40 5.36 21.86 -3.95
N GLY D 41 6.68 21.98 -3.91
CA GLY D 41 7.49 21.16 -3.06
C GLY D 41 7.88 19.86 -3.70
N GLN D 42 8.51 19.02 -2.88
CA GLN D 42 9.20 17.85 -3.36
C GLN D 42 8.45 16.53 -3.15
N TYR D 43 7.30 16.53 -2.46
CA TYR D 43 6.62 15.28 -2.12
C TYR D 43 5.69 14.78 -3.21
N ARG D 44 4.85 15.64 -3.75
CA ARG D 44 3.89 15.24 -4.78
C ARG D 44 4.61 14.69 -6.02
N SER D 45 3.92 13.79 -6.73
CA SER D 45 4.46 13.22 -7.95
C SER D 45 4.52 14.25 -9.09
N SER D 46 5.41 13.96 -10.06
CA SER D 46 5.45 14.65 -11.34
C SER D 46 4.09 14.95 -11.92
N SER D 47 3.23 13.92 -12.03
CA SER D 47 1.96 14.17 -12.70
C SER D 47 1.03 14.99 -11.84
N ASP D 48 1.21 14.98 -10.52
CA ASP D 48 0.40 15.84 -9.69
C ASP D 48 0.85 17.31 -9.74
N THR D 49 2.14 17.57 -10.07
CA THR D 49 2.69 18.94 -10.14
C THR D 49 3.02 19.39 -11.55
N GLY D 50 2.98 18.49 -12.53
CA GLY D 50 3.37 18.87 -13.87
C GLY D 50 2.52 19.91 -14.57
N ASN D 51 2.92 20.22 -15.79
CA ASN D 51 2.34 21.29 -16.57
C ASN D 51 1.38 20.66 -17.58
N TRP D 52 0.13 21.10 -17.59
CA TRP D 52 -0.87 20.51 -18.47
C TRP D 52 -0.80 21.16 -19.85
N VAL D 53 -0.91 20.34 -20.87
CA VAL D 53 -1.01 20.83 -22.25
C VAL D 53 -2.47 21.13 -22.56
N GLN D 54 -2.75 22.39 -22.89
CA GLN D 54 -4.09 22.91 -23.11
C GLN D 54 -4.62 22.54 -24.50
N PRO D 55 -5.93 22.64 -24.71
CA PRO D 55 -6.48 22.24 -26.03
C PRO D 55 -5.94 23.05 -27.19
N ASP D 56 -5.51 24.29 -26.98
CA ASP D 56 -4.95 25.08 -28.08
C ASP D 56 -3.48 24.75 -28.31
N GLY D 57 -2.97 23.72 -27.64
CA GLY D 57 -1.65 23.20 -27.94
C GLY D 57 -0.53 23.78 -27.11
N THR D 58 -0.84 24.72 -26.21
CA THR D 58 0.15 25.39 -25.39
C THR D 58 0.17 24.88 -23.95
N MET D 59 1.27 25.18 -23.27
CA MET D 59 1.39 25.08 -21.83
C MET D 59 1.94 26.38 -21.29
N PHE D 60 1.48 26.76 -20.10
CA PHE D 60 2.06 27.91 -19.43
C PHE D 60 3.35 27.52 -18.74
N TYR D 61 4.30 28.45 -18.75
CA TYR D 61 5.50 28.25 -17.97
C TYR D 61 5.90 29.58 -17.37
N PRO D 62 6.34 29.62 -16.11
CA PRO D 62 6.59 30.91 -15.45
C PRO D 62 7.63 31.76 -16.20
N TYR D 63 7.35 33.05 -16.29
CA TYR D 63 8.21 34.09 -16.85
C TYR D 63 8.17 34.08 -18.37
N ILE D 64 8.27 32.90 -18.98
CA ILE D 64 8.25 32.85 -20.44
C ILE D 64 6.85 32.78 -21.01
N GLY D 65 5.82 32.58 -20.18
CA GLY D 65 4.46 32.67 -20.66
C GLY D 65 3.98 31.37 -21.31
N LYS D 66 3.08 31.53 -22.28
CA LYS D 66 2.56 30.40 -23.02
C LYS D 66 3.57 29.87 -24.03
N VAL D 67 3.65 28.55 -24.14
CA VAL D 67 4.64 27.84 -24.94
C VAL D 67 3.89 26.82 -25.77
N HIS D 68 4.02 26.89 -27.10
CA HIS D 68 3.38 25.95 -28.00
C HIS D 68 4.18 24.66 -28.00
N VAL D 69 3.56 23.55 -27.60
CA VAL D 69 4.31 22.31 -27.46
C VAL D 69 3.66 21.15 -28.22
N VAL D 70 2.41 21.31 -28.65
CA VAL D 70 1.75 20.19 -29.32
C VAL D 70 2.37 19.96 -30.68
N GLY D 71 2.60 18.68 -31.00
CA GLY D 71 3.25 18.25 -32.22
C GLY D 71 4.76 18.27 -32.18
N LYS D 72 5.34 18.64 -31.07
CA LYS D 72 6.76 18.84 -31.00
C LYS D 72 7.34 17.73 -30.14
N THR D 73 8.62 17.41 -30.34
CA THR D 73 9.29 16.40 -29.52
C THR D 73 9.78 17.01 -28.19
N LEU D 74 10.18 16.14 -27.26
CA LEU D 74 10.72 16.63 -25.99
C LEU D 74 11.96 17.49 -26.21
N ALA D 75 12.90 17.02 -27.03
CA ALA D 75 14.11 17.81 -27.30
C ALA D 75 13.77 19.20 -27.82
N GLU D 76 12.82 19.32 -28.75
CA GLU D 76 12.49 20.64 -29.27
C GLU D 76 11.90 21.52 -28.18
N ILE D 77 11.00 20.97 -27.35
CA ILE D 77 10.39 21.73 -26.26
C ILE D 77 11.46 22.16 -25.27
N ARG D 78 12.42 21.28 -24.99
CA ARG D 78 13.54 21.65 -24.14
C ARG D 78 14.29 22.85 -24.70
N SER D 79 14.53 22.87 -26.02
CA SER D 79 15.22 23.99 -26.62
C SER D 79 14.38 25.24 -26.57
N ASP D 80 13.10 25.12 -26.94
CA ASP D 80 12.20 26.27 -26.90
C ASP D 80 12.22 26.91 -25.51
N ILE D 81 12.00 26.11 -24.47
CA ILE D 81 11.91 26.63 -23.11
C ILE D 81 13.25 27.19 -22.65
N THR D 82 14.35 26.48 -22.96
CA THR D 82 15.67 26.99 -22.61
C THR D 82 15.92 28.37 -23.21
N GLY D 83 15.71 28.51 -24.53
CA GLY D 83 15.92 29.80 -25.17
C GLY D 83 15.12 30.91 -24.52
N ARG D 84 13.88 30.64 -24.15
CA ARG D 84 13.03 31.70 -23.64
C ARG D 84 13.38 32.04 -22.20
N LEU D 85 13.72 31.03 -21.38
CA LEU D 85 14.11 31.27 -20.00
C LEU D 85 15.40 32.06 -19.88
N ALA D 86 16.26 31.99 -20.90
CA ALA D 86 17.53 32.72 -20.86
C ALA D 86 17.35 34.23 -20.73
N THR D 87 16.19 34.76 -21.16
CA THR D 87 15.85 36.16 -20.90
C THR D 87 15.83 36.46 -19.41
N TYR D 88 15.39 35.51 -18.59
CA TYR D 88 15.12 35.75 -17.18
C TYR D 88 16.12 35.10 -16.25
N ILE D 89 16.84 34.10 -16.73
CA ILE D 89 17.68 33.24 -15.93
C ILE D 89 18.99 33.06 -16.69
N ALA D 90 20.11 33.29 -16.01
CA ALA D 90 21.41 33.17 -16.65
C ALA D 90 21.72 31.73 -16.96
N ASP D 91 21.97 31.43 -18.23
CA ASP D 91 22.38 30.11 -18.68
C ASP D 91 21.50 28.99 -18.11
N PRO D 92 20.20 29.00 -18.40
CA PRO D 92 19.29 27.99 -17.79
C PRO D 92 19.61 26.59 -18.28
N GLN D 93 19.67 25.64 -17.35
CA GLN D 93 19.85 24.23 -17.67
C GLN D 93 18.51 23.54 -17.44
N VAL D 94 17.85 23.20 -18.55
CA VAL D 94 16.47 22.76 -18.56
C VAL D 94 16.42 21.38 -19.16
N ASP D 95 15.60 20.50 -18.56
CA ASP D 95 15.14 19.30 -19.27
C ASP D 95 13.63 19.18 -19.14
N VAL D 96 13.03 18.49 -20.11
CA VAL D 96 11.59 18.29 -20.18
C VAL D 96 11.31 16.83 -20.46
N ASN D 97 10.41 16.22 -19.69
CA ASN D 97 9.89 14.91 -20.02
C ASN D 97 8.41 14.90 -19.69
N ILE D 98 7.80 13.73 -19.84
CA ILE D 98 6.36 13.58 -19.74
C ILE D 98 6.07 12.82 -18.46
N ALA D 99 5.32 13.47 -17.57
CA ALA D 99 4.86 12.90 -16.32
C ALA D 99 3.62 12.03 -16.51
N ALA D 100 2.74 12.38 -17.46
CA ALA D 100 1.56 11.57 -17.74
C ALA D 100 1.25 11.64 -19.23
N PHE D 101 1.19 10.47 -19.86
CA PHE D 101 0.87 10.35 -21.29
C PHE D 101 -0.64 10.23 -21.39
N ARG D 102 -1.34 11.32 -21.70
CA ARG D 102 -2.79 11.30 -21.71
C ARG D 102 -3.42 11.59 -23.06
N SER D 103 -2.67 12.14 -24.02
CA SER D 103 -3.27 12.53 -25.29
C SER D 103 -3.51 11.36 -26.24
N GLN D 104 -2.69 10.31 -26.20
CA GLN D 104 -2.66 9.34 -27.29
C GLN D 104 -2.66 7.93 -26.75
N LYS D 105 -3.45 7.07 -27.38
CA LYS D 105 -3.66 5.76 -26.79
C LYS D 105 -4.14 4.80 -27.87
N ALA D 106 -3.84 3.52 -27.67
CA ALA D 106 -4.43 2.47 -28.49
C ALA D 106 -5.43 1.69 -27.64
N TYR D 107 -6.33 0.97 -28.31
CA TYR D 107 -7.36 0.19 -27.63
C TYR D 107 -7.11 -1.28 -27.88
N ILE D 108 -6.92 -2.03 -26.80
CA ILE D 108 -6.56 -3.43 -26.86
C ILE D 108 -7.63 -4.19 -26.10
N SER D 109 -8.59 -4.78 -26.82
CA SER D 109 -9.72 -5.43 -26.18
C SER D 109 -10.01 -6.76 -26.86
N GLY D 110 -10.99 -7.48 -26.32
CA GLY D 110 -11.28 -8.84 -26.73
C GLY D 110 -10.63 -9.87 -25.82
N GLN D 111 -10.11 -10.93 -26.41
CA GLN D 111 -9.67 -12.11 -25.65
C GLN D 111 -8.21 -11.97 -25.23
N VAL D 112 -7.95 -10.87 -24.51
CA VAL D 112 -6.70 -10.69 -23.80
C VAL D 112 -7.01 -10.66 -22.32
N ASN D 113 -6.03 -11.04 -21.52
CA ASN D 113 -6.27 -11.17 -20.09
C ASN D 113 -6.51 -9.84 -19.41
N LYS D 114 -6.03 -8.72 -19.97
CA LYS D 114 -6.20 -7.39 -19.38
C LYS D 114 -6.60 -6.40 -20.48
N SER D 115 -7.90 -6.28 -20.73
CA SER D 115 -8.39 -5.33 -21.73
C SER D 115 -8.23 -3.90 -21.27
N GLY D 116 -8.16 -2.99 -22.24
CA GLY D 116 -8.15 -1.59 -21.88
C GLY D 116 -7.24 -0.74 -22.74
N GLN D 117 -7.33 0.58 -22.55
CA GLN D 117 -6.42 1.52 -23.19
C GLN D 117 -4.98 1.19 -22.87
N GLN D 118 -4.10 1.44 -23.83
CA GLN D 118 -2.68 1.48 -23.58
C GLN D 118 -2.17 2.77 -24.20
N ALA D 119 -1.41 3.52 -23.41
CA ALA D 119 -0.91 4.82 -23.84
C ALA D 119 0.11 4.66 -24.96
N ILE D 120 0.05 5.57 -25.93
CA ILE D 120 1.14 5.79 -26.87
C ILE D 120 2.17 6.66 -26.18
N THR D 121 3.41 6.17 -26.08
CA THR D 121 4.46 6.89 -25.35
C THR D 121 5.74 7.09 -26.17
N ASN D 122 6.83 7.45 -25.49
CA ASN D 122 8.11 7.66 -26.16
C ASN D 122 8.78 6.33 -26.50
N VAL D 123 8.27 5.22 -26.00
CA VAL D 123 8.71 3.89 -26.37
C VAL D 123 7.71 3.33 -27.38
N PRO D 124 8.15 2.73 -28.49
CA PRO D 124 7.19 2.18 -29.45
C PRO D 124 6.27 1.16 -28.80
N LEU D 125 5.01 1.16 -29.23
CA LEU D 125 4.07 0.13 -28.83
C LEU D 125 3.74 -0.68 -30.08
N THR D 126 4.32 -1.86 -30.23
CA THR D 126 3.91 -2.68 -31.35
C THR D 126 2.83 -3.65 -30.92
N ILE D 127 2.21 -4.31 -31.91
CA ILE D 127 1.21 -5.32 -31.61
C ILE D 127 1.77 -6.30 -30.58
N LEU D 128 2.99 -6.76 -30.82
CA LEU D 128 3.62 -7.71 -29.90
C LEU D 128 3.75 -7.13 -28.49
N ASP D 129 4.15 -5.86 -28.38
CA ASP D 129 4.21 -5.22 -27.07
C ASP D 129 2.84 -5.17 -26.43
N ALA D 130 1.81 -4.83 -27.22
CA ALA D 130 0.50 -4.55 -26.64
C ALA D 130 -0.15 -5.83 -26.12
N ILE D 131 0.01 -6.94 -26.85
CA ILE D 131 -0.55 -8.20 -26.36
C ILE D 131 0.15 -8.62 -25.07
N ASN D 132 1.48 -8.54 -25.05
CA ASN D 132 2.18 -8.93 -23.83
C ASN D 132 1.82 -8.01 -22.68
N ALA D 133 1.66 -6.71 -22.94
CA ALA D 133 1.27 -5.78 -21.89
C ALA D 133 -0.11 -6.10 -21.34
N ALA D 134 -0.97 -6.73 -22.13
CA ALA D 134 -2.30 -7.17 -21.70
C ALA D 134 -2.27 -8.55 -21.05
N GLY D 135 -1.08 -9.11 -20.84
CA GLY D 135 -0.97 -10.41 -20.18
C GLY D 135 -1.25 -11.59 -21.08
N GLY D 136 -1.21 -11.40 -22.39
CA GLY D 136 -1.41 -12.49 -23.31
C GLY D 136 -2.88 -12.74 -23.58
N LEU D 137 -3.10 -13.76 -24.40
CA LEU D 137 -4.43 -14.14 -24.84
C LEU D 137 -5.07 -15.11 -23.86
N THR D 138 -6.40 -15.07 -23.79
CA THR D 138 -7.14 -16.10 -23.08
C THR D 138 -7.01 -17.44 -23.81
N ASP D 139 -7.55 -18.49 -23.17
CA ASP D 139 -7.57 -19.83 -23.76
C ASP D 139 -8.50 -19.91 -24.97
N THR D 140 -9.32 -18.90 -25.20
CA THR D 140 -10.38 -18.93 -26.19
C THR D 140 -10.24 -17.79 -27.20
N ALA D 141 -9.02 -17.43 -27.53
CA ALA D 141 -8.78 -16.35 -28.49
C ALA D 141 -8.69 -16.95 -29.89
N ASP D 142 -9.42 -16.34 -30.83
CA ASP D 142 -9.24 -16.66 -32.24
C ASP D 142 -8.00 -15.91 -32.72
N TRP D 143 -6.85 -16.48 -32.40
CA TRP D 143 -5.60 -15.75 -32.43
C TRP D 143 -4.94 -15.78 -33.80
N ARG D 144 -5.60 -16.36 -34.81
CA ARG D 144 -5.20 -16.20 -36.21
C ARG D 144 -6.00 -15.11 -36.92
N ASN D 145 -7.03 -14.55 -36.29
CA ASN D 145 -7.90 -13.59 -36.97
C ASN D 145 -8.12 -12.35 -36.11
N VAL D 146 -7.02 -11.75 -35.65
CA VAL D 146 -7.09 -10.53 -34.85
C VAL D 146 -7.37 -9.35 -35.76
N VAL D 147 -8.20 -8.41 -35.30
CA VAL D 147 -8.66 -7.31 -36.12
C VAL D 147 -7.96 -6.03 -35.66
N LEU D 148 -7.07 -5.52 -36.51
CA LEU D 148 -6.46 -4.22 -36.32
C LEU D 148 -7.26 -3.20 -37.10
N THR D 149 -7.82 -2.22 -36.41
CA THR D 149 -8.49 -1.10 -37.03
C THR D 149 -7.52 0.08 -37.00
N HIS D 150 -7.00 0.45 -38.16
CA HIS D 150 -6.05 1.54 -38.25
C HIS D 150 -6.38 2.42 -39.43
N ASN D 151 -6.32 3.74 -39.22
CA ASN D 151 -6.65 4.70 -40.27
C ASN D 151 -7.91 4.29 -41.01
N GLY D 152 -8.90 3.79 -40.29
CA GLY D 152 -10.18 3.61 -40.92
C GLY D 152 -10.36 2.36 -41.76
N ARG D 153 -9.46 1.39 -41.67
CA ARG D 153 -9.61 0.13 -42.40
C ARG D 153 -9.12 -1.00 -41.51
N GLU D 154 -9.62 -2.20 -41.78
CA GLU D 154 -9.28 -3.35 -40.96
C GLU D 154 -8.16 -4.16 -41.58
N GLU D 155 -7.44 -4.84 -40.73
CA GLU D 155 -6.41 -5.76 -41.16
C GLU D 155 -6.45 -6.96 -40.24
N ARG D 156 -6.36 -8.14 -40.82
CA ARG D 156 -6.36 -9.35 -40.01
C ARG D 156 -4.91 -9.74 -39.70
N ILE D 157 -4.65 -10.00 -38.42
CA ILE D 157 -3.31 -10.28 -37.91
C ILE D 157 -3.33 -11.68 -37.32
N SER D 158 -2.26 -12.44 -37.56
CA SER D 158 -2.11 -13.78 -36.97
C SER D 158 -1.09 -13.71 -35.83
N LEU D 159 -1.61 -13.62 -34.60
CA LEU D 159 -0.75 -13.66 -33.42
C LEU D 159 -0.10 -15.02 -33.26
N GLN D 160 -0.77 -16.08 -33.74
CA GLN D 160 -0.20 -17.42 -33.71
C GLN D 160 1.12 -17.47 -34.46
N ALA D 161 1.13 -16.90 -35.67
CA ALA D 161 2.39 -16.80 -36.41
C ALA D 161 3.40 -15.94 -35.66
N LEU D 162 2.95 -14.78 -35.14
CA LEU D 162 3.86 -13.83 -34.52
C LEU D 162 4.45 -14.38 -33.23
N MET D 163 3.57 -14.74 -32.28
CA MET D 163 3.98 -15.10 -30.92
C MET D 163 4.44 -16.53 -30.75
N GLN D 164 4.14 -17.42 -31.69
CA GLN D 164 4.68 -18.76 -31.58
C GLN D 164 5.90 -18.98 -32.46
N ASN D 165 5.96 -18.31 -33.61
CA ASN D 165 7.04 -18.47 -34.58
C ASN D 165 7.83 -17.20 -34.84
N GLY D 166 7.62 -16.13 -34.09
CA GLY D 166 8.39 -14.93 -34.31
C GLY D 166 8.32 -14.40 -35.73
N ASP D 167 7.18 -14.56 -36.39
CA ASP D 167 6.94 -13.96 -37.70
C ASP D 167 6.64 -12.48 -37.47
N LEU D 168 7.64 -11.63 -37.68
CA LEU D 168 7.46 -10.21 -37.43
C LEU D 168 6.62 -9.53 -38.51
N ASN D 169 6.38 -10.19 -39.65
CA ASN D 169 5.45 -9.63 -40.63
C ASN D 169 4.07 -9.44 -40.03
N GLN D 170 3.72 -10.22 -39.02
CA GLN D 170 2.44 -10.03 -38.34
C GLN D 170 2.48 -8.91 -37.32
N ASN D 171 3.67 -8.46 -36.91
CA ASN D 171 3.77 -7.35 -35.97
C ASN D 171 3.55 -6.03 -36.69
N ARG D 172 2.87 -5.11 -36.03
CA ARG D 172 2.67 -3.76 -36.55
C ARG D 172 3.00 -2.77 -35.45
N LEU D 173 3.40 -1.57 -35.86
CA LEU D 173 3.47 -0.45 -34.93
C LEU D 173 2.06 0.06 -34.69
N LEU D 174 1.68 0.21 -33.42
CA LEU D 174 0.38 0.78 -33.10
C LEU D 174 0.48 2.30 -33.02
N TYR D 175 -0.59 2.96 -33.45
CA TYR D 175 -0.70 4.40 -33.61
C TYR D 175 -1.86 4.94 -32.77
N PRO D 176 -1.85 6.23 -32.44
CA PRO D 176 -2.94 6.80 -31.65
C PRO D 176 -4.28 6.49 -32.28
N GLY D 177 -5.19 5.94 -31.48
CA GLY D 177 -6.55 5.68 -31.92
C GLY D 177 -6.76 4.31 -32.53
N ASP D 178 -5.72 3.50 -32.66
CA ASP D 178 -5.89 2.16 -33.22
C ASP D 178 -6.65 1.26 -32.26
N ILE D 179 -7.50 0.41 -32.82
CA ILE D 179 -8.19 -0.64 -32.08
C ILE D 179 -7.58 -1.96 -32.49
N LEU D 180 -7.10 -2.70 -31.51
CA LEU D 180 -6.58 -4.04 -31.71
C LEU D 180 -7.52 -4.97 -30.96
N TYR D 181 -8.30 -5.75 -31.70
CA TYR D 181 -9.37 -6.55 -31.13
C TYR D 181 -9.10 -8.03 -31.34
N VAL D 182 -9.10 -8.78 -30.25
CA VAL D 182 -8.91 -10.24 -30.29
C VAL D 182 -10.26 -10.91 -30.15
N PRO D 183 -10.85 -11.40 -31.24
CA PRO D 183 -12.15 -12.08 -31.15
C PRO D 183 -12.03 -13.47 -30.54
N ARG D 184 -13.16 -13.92 -29.99
CA ARG D 184 -13.20 -15.26 -29.41
C ARG D 184 -13.67 -16.26 -30.46
N ASN D 185 -13.14 -17.47 -30.42
CA ASN D 185 -13.63 -18.49 -31.36
C ASN D 185 -14.66 -19.37 -30.71
N ASN E 1 -18.77 -7.98 -43.54
CA ASN E 1 -18.53 -6.56 -43.22
C ASN E 1 -17.07 -6.25 -42.88
N VAL E 2 -16.70 -5.00 -43.11
CA VAL E 2 -15.41 -4.46 -42.69
C VAL E 2 -15.68 -3.06 -42.10
N ALA E 3 -14.84 -2.07 -42.45
CA ALA E 3 -14.89 -0.74 -41.84
C ALA E 3 -16.14 0.08 -42.21
N ARG E 4 -16.29 1.16 -41.47
CA ARG E 4 -17.41 2.11 -41.56
C ARG E 4 -16.96 3.32 -40.65
N PRO E 5 -15.69 3.86 -40.92
CA PRO E 5 -15.19 4.94 -40.05
C PRO E 5 -16.06 6.20 -39.83
N ASN E 6 -15.46 7.12 -39.07
CA ASN E 6 -16.12 8.35 -38.61
C ASN E 6 -15.04 9.41 -38.31
N MET E 7 -14.69 10.20 -39.34
CA MET E 7 -13.96 11.44 -39.14
C MET E 7 -14.88 12.63 -38.80
N THR E 8 -16.19 12.39 -38.62
CA THR E 8 -17.06 13.41 -38.02
C THR E 8 -16.83 13.51 -36.52
N LEU E 9 -16.49 12.39 -35.86
CA LEU E 9 -16.08 12.43 -34.46
C LEU E 9 -14.76 13.19 -34.29
N GLU E 10 -13.92 13.21 -35.32
CA GLU E 10 -12.76 14.11 -35.34
C GLU E 10 -13.12 15.53 -34.94
N SER E 11 -14.42 15.89 -35.03
CA SER E 11 -14.88 17.27 -34.85
C SER E 11 -15.05 17.63 -33.38
N GLU E 12 -15.85 16.85 -32.65
CA GLU E 12 -16.06 17.15 -31.24
C GLU E 12 -14.80 16.95 -30.41
N ILE E 13 -13.85 16.11 -30.86
CA ILE E 13 -12.53 16.06 -30.23
C ILE E 13 -11.60 17.17 -30.71
N ALA E 14 -11.86 17.76 -31.88
CA ALA E 14 -11.02 18.86 -32.36
C ALA E 14 -11.05 20.04 -31.38
N ASN E 15 -12.23 20.59 -31.13
CA ASN E 15 -12.37 21.76 -30.29
C ASN E 15 -12.74 21.39 -28.86
N TYR E 16 -12.35 20.20 -28.40
CA TYR E 16 -12.83 19.70 -27.12
C TYR E 16 -12.24 20.53 -26.01
N GLN E 17 -13.09 21.22 -25.24
CA GLN E 17 -12.58 21.98 -24.12
C GLN E 17 -13.47 21.77 -22.89
N TYR E 18 -12.84 21.32 -21.82
CA TYR E 18 -13.49 21.17 -20.52
C TYR E 18 -13.84 22.52 -19.91
N ARG E 19 -14.94 22.59 -19.19
CA ARG E 19 -15.29 23.80 -18.49
C ARG E 19 -15.62 23.48 -17.03
N VAL E 20 -15.12 24.33 -16.13
CA VAL E 20 -15.18 24.03 -14.71
C VAL E 20 -16.63 24.05 -14.22
N GLY E 21 -16.98 23.08 -13.39
CA GLY E 21 -18.30 23.04 -12.82
C GLY E 21 -18.21 22.89 -11.31
N PRO E 22 -19.34 23.07 -10.62
CA PRO E 22 -19.31 23.10 -9.16
C PRO E 22 -18.90 21.77 -8.56
N GLY E 23 -18.19 21.84 -7.45
CA GLY E 23 -17.64 20.66 -6.83
C GLY E 23 -16.27 20.26 -7.32
N ASP E 24 -15.82 20.79 -8.48
CA ASP E 24 -14.42 20.62 -8.89
C ASP E 24 -13.49 21.21 -7.83
N VAL E 25 -12.31 20.63 -7.73
CA VAL E 25 -11.24 21.11 -6.86
C VAL E 25 -10.10 21.60 -7.74
N LEU E 26 -9.81 22.89 -7.67
CA LEU E 26 -8.80 23.54 -8.49
C LEU E 26 -7.46 23.57 -7.76
N ASN E 27 -6.40 23.53 -8.54
CA ASN E 27 -5.05 23.61 -8.02
C ASN E 27 -4.37 24.80 -8.68
N VAL E 28 -4.08 25.83 -7.89
CA VAL E 28 -3.49 27.08 -8.35
C VAL E 28 -2.04 27.13 -7.91
N THR E 29 -1.13 27.33 -8.86
CA THR E 29 0.31 27.42 -8.61
C THR E 29 0.75 28.87 -8.86
N VAL E 30 1.36 29.50 -7.84
CA VAL E 30 1.97 30.80 -7.99
C VAL E 30 3.46 30.61 -7.76
N TRP E 31 4.24 30.64 -8.84
CA TRP E 31 5.67 30.45 -8.75
C TRP E 31 6.28 31.55 -7.89
N ASP E 32 7.26 31.14 -7.09
CA ASP E 32 7.95 31.96 -6.10
C ASP E 32 7.06 32.38 -4.94
N HIS E 33 5.90 31.76 -4.75
CA HIS E 33 5.02 32.09 -3.63
C HIS E 33 4.49 30.83 -2.97
N PRO E 34 5.35 30.07 -2.29
CA PRO E 34 4.89 28.82 -1.66
C PRO E 34 3.87 29.06 -0.58
N GLU E 35 3.83 30.26 0.00
CA GLU E 35 2.77 30.56 0.95
C GLU E 35 1.41 30.52 0.27
N LEU E 36 1.37 30.75 -1.05
CA LEU E 36 0.10 30.69 -1.78
C LEU E 36 -0.13 29.32 -2.39
N THR E 37 0.91 28.71 -2.94
CA THR E 37 0.75 27.45 -3.65
C THR E 37 0.47 26.32 -2.69
N THR E 38 1.12 26.32 -1.53
CA THR E 38 1.01 25.23 -0.57
C THR E 38 0.78 25.78 0.85
N PRO E 39 -0.36 26.46 1.07
CA PRO E 39 -0.64 26.99 2.41
C PRO E 39 -0.65 25.93 3.50
N ALA E 40 -0.95 24.67 3.17
CA ALA E 40 -0.92 23.59 4.15
C ALA E 40 0.34 22.74 4.00
N GLY E 41 1.35 23.24 3.32
CA GLY E 41 2.54 22.47 3.12
C GLY E 41 2.50 21.64 1.87
N GLN E 42 3.53 20.82 1.77
CA GLN E 42 3.96 20.12 0.58
C GLN E 42 3.55 18.65 0.51
N TYR E 43 3.06 18.05 1.59
CA TYR E 43 2.88 16.60 1.61
C TYR E 43 1.49 16.16 1.15
N ARG E 44 0.44 16.85 1.58
CA ARG E 44 -0.90 16.49 1.14
C ARG E 44 -1.06 16.68 -0.36
N SER E 45 -1.86 15.82 -0.96
CA SER E 45 -2.18 15.93 -2.38
C SER E 45 -2.86 17.26 -2.71
N SER E 46 -2.79 17.63 -3.98
CA SER E 46 -3.48 18.84 -4.40
C SER E 46 -4.99 18.71 -4.23
N SER E 47 -5.53 17.50 -4.28
CA SER E 47 -6.99 17.42 -4.10
C SER E 47 -7.39 17.61 -2.64
N ASP E 48 -6.56 17.20 -1.68
CA ASP E 48 -6.75 17.51 -0.25
C ASP E 48 -6.46 18.95 0.12
N THR E 49 -5.81 19.72 -0.75
CA THR E 49 -5.46 21.10 -0.42
C THR E 49 -5.97 22.12 -1.41
N GLY E 50 -6.65 21.71 -2.46
CA GLY E 50 -7.04 22.62 -3.51
C GLY E 50 -8.28 23.42 -3.18
N ASN E 51 -8.67 24.28 -4.12
CA ASN E 51 -9.76 25.21 -3.91
C ASN E 51 -11.04 24.62 -4.45
N TRP E 52 -12.07 24.58 -3.60
CA TRP E 52 -13.35 24.00 -3.99
C TRP E 52 -14.19 25.02 -4.75
N VAL E 53 -14.85 24.57 -5.81
CA VAL E 53 -15.78 25.41 -6.55
C VAL E 53 -17.17 25.31 -5.91
N GLN E 54 -17.69 26.43 -5.45
CA GLN E 54 -18.94 26.51 -4.75
C GLN E 54 -20.13 26.40 -5.71
N PRO E 55 -21.33 26.14 -5.20
CA PRO E 55 -22.48 25.99 -6.11
C PRO E 55 -22.81 27.26 -6.87
N ASP E 56 -22.50 28.44 -6.31
CA ASP E 56 -22.78 29.64 -7.06
C ASP E 56 -21.77 29.88 -8.16
N GLY E 57 -20.80 28.99 -8.33
CA GLY E 57 -19.89 29.11 -9.44
C GLY E 57 -18.58 29.79 -9.15
N THR E 58 -18.35 30.21 -7.91
CA THR E 58 -17.10 30.85 -7.54
C THR E 58 -16.25 29.93 -6.69
N MET E 59 -14.96 30.23 -6.66
CA MET E 59 -14.04 29.76 -5.64
C MET E 59 -13.47 30.99 -4.95
N PHE E 60 -13.13 30.82 -3.68
CA PHE E 60 -12.37 31.83 -2.97
C PHE E 60 -10.90 31.70 -3.31
N TYR E 61 -10.23 32.84 -3.47
CA TYR E 61 -8.78 32.83 -3.60
C TYR E 61 -8.23 33.99 -2.78
N PRO E 62 -7.17 33.78 -2.00
CA PRO E 62 -6.74 34.84 -1.06
C PRO E 62 -6.38 36.14 -1.74
N TYR E 63 -6.64 37.25 -1.03
CA TYR E 63 -6.41 38.63 -1.46
C TYR E 63 -7.41 39.08 -2.52
N ILE E 64 -7.63 38.26 -3.56
CA ILE E 64 -8.55 38.69 -4.61
C ILE E 64 -10.00 38.34 -4.32
N GLY E 65 -10.26 37.46 -3.36
CA GLY E 65 -11.62 37.17 -2.98
C GLY E 65 -12.31 36.18 -3.90
N LYS E 66 -13.58 36.42 -4.24
CA LYS E 66 -14.36 35.42 -4.95
C LYS E 66 -14.11 35.57 -6.45
N VAL E 67 -13.85 34.43 -7.09
CA VAL E 67 -13.53 34.36 -8.51
C VAL E 67 -14.56 33.46 -9.16
N HIS E 68 -15.28 33.98 -10.16
CA HIS E 68 -16.22 33.19 -10.94
C HIS E 68 -15.45 32.27 -11.86
N VAL E 69 -15.67 30.96 -11.74
CA VAL E 69 -14.94 30.01 -12.57
C VAL E 69 -15.82 29.04 -13.32
N VAL E 70 -17.08 28.87 -12.93
CA VAL E 70 -17.90 27.85 -13.58
C VAL E 70 -18.18 28.26 -15.01
N GLY E 71 -18.09 27.31 -15.93
CA GLY E 71 -18.27 27.62 -17.33
C GLY E 71 -17.06 28.23 -18.01
N LYS E 72 -15.95 28.38 -17.31
CA LYS E 72 -14.74 28.91 -17.93
C LYS E 72 -13.72 27.79 -18.15
N THR E 73 -12.82 28.03 -19.09
CA THR E 73 -11.71 27.11 -19.26
C THR E 73 -10.58 27.45 -18.29
N LEU E 74 -9.65 26.49 -18.14
CA LEU E 74 -8.53 26.69 -17.25
C LEU E 74 -7.72 27.95 -17.64
N ALA E 75 -7.46 28.13 -18.95
CA ALA E 75 -6.67 29.28 -19.39
C ALA E 75 -7.36 30.59 -19.04
N GLU E 76 -8.69 30.63 -19.17
CA GLU E 76 -9.44 31.83 -18.77
C GLU E 76 -9.32 32.08 -17.28
N ILE E 77 -9.47 31.03 -16.48
CA ILE E 77 -9.34 31.18 -15.03
C ILE E 77 -7.92 31.59 -14.68
N ARG E 78 -6.93 31.02 -15.36
CA ARG E 78 -5.56 31.42 -15.10
C ARG E 78 -5.36 32.88 -15.44
N SER E 79 -5.93 33.32 -16.56
CA SER E 79 -5.81 34.71 -16.96
C SER E 79 -6.50 35.62 -15.96
N ASP E 80 -7.67 35.23 -15.49
CA ASP E 80 -8.43 36.07 -14.57
C ASP E 80 -7.80 36.14 -13.18
N ILE E 81 -7.25 35.04 -12.70
CA ILE E 81 -6.60 35.10 -11.40
C ILE E 81 -5.31 35.91 -11.49
N THR E 82 -4.53 35.70 -12.56
CA THR E 82 -3.28 36.44 -12.71
C THR E 82 -3.55 37.95 -12.70
N GLY E 83 -4.50 38.40 -13.50
CA GLY E 83 -4.74 39.83 -13.60
C GLY E 83 -5.16 40.44 -12.28
N ARG E 84 -5.88 39.67 -11.45
CA ARG E 84 -6.32 40.22 -10.18
C ARG E 84 -5.25 40.12 -9.11
N LEU E 85 -4.43 39.06 -9.11
CA LEU E 85 -3.31 39.03 -8.17
C LEU E 85 -2.32 40.14 -8.40
N ALA E 86 -2.29 40.69 -9.63
CA ALA E 86 -1.31 41.73 -9.97
C ALA E 86 -1.45 42.93 -9.04
N THR E 87 -2.65 43.13 -8.51
CA THR E 87 -2.86 44.14 -7.47
C THR E 87 -1.98 43.89 -6.26
N TYR E 88 -1.81 42.62 -5.87
CA TYR E 88 -1.13 42.30 -4.61
C TYR E 88 0.27 41.74 -4.78
N ILE E 89 0.60 41.16 -5.93
CA ILE E 89 1.93 40.63 -6.20
C ILE E 89 2.38 41.17 -7.54
N ALA E 90 3.62 41.62 -7.62
CA ALA E 90 4.13 42.19 -8.87
C ALA E 90 4.41 41.07 -9.87
N ASP E 91 3.77 41.14 -11.01
CA ASP E 91 3.97 40.19 -12.10
C ASP E 91 3.79 38.75 -11.66
N PRO E 92 2.64 38.37 -11.12
CA PRO E 92 2.48 36.99 -10.66
C PRO E 92 2.53 36.01 -11.83
N GLN E 93 3.22 34.91 -11.61
CA GLN E 93 3.28 33.78 -12.52
C GLN E 93 2.35 32.70 -11.97
N VAL E 94 1.22 32.49 -12.64
CA VAL E 94 0.15 31.65 -12.13
C VAL E 94 -0.21 30.61 -13.16
N ASP E 95 -0.43 29.37 -12.70
CA ASP E 95 -1.12 28.38 -13.51
C ASP E 95 -2.24 27.78 -12.69
N VAL E 96 -3.21 27.19 -13.40
CA VAL E 96 -4.38 26.57 -12.79
C VAL E 96 -4.65 25.24 -13.48
N ASN E 97 -4.75 24.17 -12.72
CA ASN E 97 -5.41 23.01 -13.25
C ASN E 97 -6.38 22.42 -12.22
N ILE E 98 -6.89 21.25 -12.52
CA ILE E 98 -7.99 20.65 -11.79
C ILE E 98 -7.43 19.49 -10.99
N ALA E 99 -7.49 19.60 -9.66
CA ALA E 99 -7.01 18.48 -8.83
C ALA E 99 -8.04 17.39 -8.72
N ALA E 100 -9.33 17.71 -8.83
CA ALA E 100 -10.38 16.69 -8.70
C ALA E 100 -11.52 17.02 -9.62
N PHE E 101 -11.82 16.10 -10.55
CA PHE E 101 -12.96 16.25 -11.47
C PHE E 101 -14.19 15.69 -10.77
N ARG E 102 -15.06 16.57 -10.29
CA ARG E 102 -16.18 16.10 -9.49
C ARG E 102 -17.52 16.54 -10.04
N SER E 103 -17.55 17.57 -10.88
CA SER E 103 -18.80 18.16 -11.30
C SER E 103 -19.46 17.41 -12.44
N GLN E 104 -18.69 16.71 -13.28
CA GLN E 104 -19.24 16.19 -14.52
C GLN E 104 -18.80 14.75 -14.74
N LYS E 105 -19.76 13.88 -15.06
CA LYS E 105 -19.47 12.47 -15.15
C LYS E 105 -20.42 11.80 -16.13
N ALA E 106 -20.05 10.59 -16.57
CA ALA E 106 -20.91 9.73 -17.36
C ALA E 106 -21.07 8.40 -16.65
N TYR E 107 -22.13 7.68 -17.00
CA TYR E 107 -22.55 6.49 -16.28
C TYR E 107 -22.43 5.30 -17.23
N ILE E 108 -21.46 4.43 -16.95
CA ILE E 108 -21.17 3.27 -17.78
C ILE E 108 -21.53 2.04 -16.94
N SER E 109 -22.65 1.42 -17.30
CA SER E 109 -23.21 0.34 -16.48
C SER E 109 -23.72 -0.77 -17.39
N GLY E 110 -24.11 -1.87 -16.77
CA GLY E 110 -24.52 -3.06 -17.50
C GLY E 110 -23.45 -4.13 -17.56
N GLN E 111 -23.31 -4.76 -18.74
CA GLN E 111 -22.38 -5.87 -18.94
C GLN E 111 -20.98 -5.36 -19.27
N VAL E 112 -20.47 -4.51 -18.39
CA VAL E 112 -19.06 -4.16 -18.40
C VAL E 112 -18.46 -4.78 -17.16
N ASN E 113 -17.15 -4.91 -17.14
CA ASN E 113 -16.56 -5.58 -15.99
C ASN E 113 -16.49 -4.64 -14.79
N LYS E 114 -16.32 -3.35 -14.99
CA LYS E 114 -16.54 -2.42 -13.89
C LYS E 114 -17.49 -1.31 -14.29
N SER E 115 -18.66 -1.38 -13.67
CA SER E 115 -19.70 -0.38 -13.73
C SER E 115 -19.30 0.81 -12.88
N GLY E 116 -19.86 1.96 -13.21
CA GLY E 116 -19.81 3.08 -12.30
C GLY E 116 -19.64 4.37 -13.05
N GLN E 117 -19.42 5.41 -12.26
CA GLN E 117 -19.17 6.74 -12.80
C GLN E 117 -17.82 6.79 -13.47
N GLN E 118 -17.73 7.62 -14.52
CA GLN E 118 -16.45 8.03 -15.10
C GLN E 118 -16.48 9.54 -15.32
N ALA E 119 -15.44 10.21 -14.83
CA ALA E 119 -15.42 11.66 -14.88
C ALA E 119 -15.30 12.15 -16.32
N ILE E 120 -16.00 13.24 -16.62
CA ILE E 120 -15.64 14.07 -17.76
C ILE E 120 -14.50 14.99 -17.33
N THR E 121 -13.43 15.04 -18.12
CA THR E 121 -12.19 15.71 -17.72
C THR E 121 -11.71 16.54 -18.90
N ASN E 122 -10.47 17.06 -18.79
CA ASN E 122 -9.90 17.83 -19.88
C ASN E 122 -9.56 16.96 -21.08
N VAL E 123 -9.58 15.66 -20.91
CA VAL E 123 -9.29 14.69 -21.96
C VAL E 123 -10.61 14.14 -22.48
N PRO E 124 -10.82 14.06 -23.79
CA PRO E 124 -12.10 13.53 -24.30
C PRO E 124 -12.36 12.11 -23.85
N LEU E 125 -13.60 11.85 -23.40
CA LEU E 125 -14.04 10.49 -23.08
C LEU E 125 -15.04 10.03 -24.14
N THR E 126 -14.58 9.21 -25.10
CA THR E 126 -15.54 8.60 -26.02
C THR E 126 -16.08 7.28 -25.46
N ILE E 127 -17.09 6.74 -26.15
CA ILE E 127 -17.63 5.42 -25.82
C ILE E 127 -16.51 4.39 -25.81
N LEU E 128 -15.66 4.44 -26.83
CA LEU E 128 -14.48 3.58 -26.90
C LEU E 128 -13.64 3.69 -25.62
N ASP E 129 -13.34 4.92 -25.19
CA ASP E 129 -12.54 5.10 -23.97
C ASP E 129 -13.28 4.57 -22.75
N ALA E 130 -14.56 4.85 -22.63
CA ALA E 130 -15.27 4.46 -21.43
C ALA E 130 -15.39 2.95 -21.31
N ILE E 131 -15.66 2.27 -22.43
CA ILE E 131 -15.76 0.81 -22.39
C ILE E 131 -14.40 0.21 -22.01
N ASN E 132 -13.34 0.71 -22.65
CA ASN E 132 -12.00 0.24 -22.30
C ASN E 132 -11.61 0.65 -20.88
N ALA E 133 -12.07 1.81 -20.41
CA ALA E 133 -11.81 2.17 -19.02
C ALA E 133 -12.60 1.31 -18.06
N ALA E 134 -13.83 0.95 -18.40
CA ALA E 134 -14.62 -0.01 -17.62
C ALA E 134 -14.11 -1.42 -17.75
N GLY E 135 -13.04 -1.60 -18.53
CA GLY E 135 -12.35 -2.87 -18.62
C GLY E 135 -12.96 -3.88 -19.58
N GLY E 136 -13.59 -3.44 -20.65
CA GLY E 136 -14.18 -4.36 -21.60
C GLY E 136 -15.49 -4.97 -21.10
N LEU E 137 -16.09 -5.73 -22.00
CA LEU E 137 -17.40 -6.31 -21.78
C LEU E 137 -17.29 -7.70 -21.15
N THR E 138 -18.35 -8.08 -20.46
CA THR E 138 -18.48 -9.46 -20.00
C THR E 138 -18.76 -10.37 -21.19
N ASP E 139 -18.73 -11.68 -20.95
CA ASP E 139 -19.05 -12.65 -22.01
C ASP E 139 -20.49 -12.59 -22.47
N THR E 140 -21.35 -11.93 -21.70
CA THR E 140 -22.79 -12.01 -21.88
C THR E 140 -23.39 -10.65 -22.23
N ALA E 141 -22.57 -9.78 -22.80
CA ALA E 141 -23.04 -8.46 -23.20
C ALA E 141 -23.72 -8.48 -24.55
N ASP E 142 -24.81 -7.73 -24.64
CA ASP E 142 -25.50 -7.54 -25.92
C ASP E 142 -24.84 -6.40 -26.69
N TRP E 143 -23.59 -6.64 -27.08
CA TRP E 143 -22.66 -5.59 -27.52
C TRP E 143 -23.01 -5.06 -28.90
N ARG E 144 -24.08 -5.60 -29.49
CA ARG E 144 -24.67 -5.07 -30.71
C ARG E 144 -25.73 -4.01 -30.46
N ASN E 145 -26.26 -3.93 -29.23
CA ASN E 145 -27.41 -3.09 -28.90
C ASN E 145 -27.15 -2.32 -27.61
N VAL E 146 -25.98 -1.69 -27.51
CA VAL E 146 -25.66 -0.85 -26.38
C VAL E 146 -26.51 0.42 -26.46
N VAL E 147 -27.02 0.87 -25.31
CA VAL E 147 -27.92 2.01 -25.25
C VAL E 147 -27.16 3.20 -24.72
N LEU E 148 -27.16 4.29 -25.50
CA LEU E 148 -26.60 5.56 -25.09
C LEU E 148 -27.75 6.56 -24.94
N THR E 149 -27.92 7.10 -23.73
CA THR E 149 -28.88 8.15 -23.46
C THR E 149 -28.14 9.47 -23.41
N HIS E 150 -28.49 10.40 -24.31
CA HIS E 150 -27.78 11.67 -24.38
C HIS E 150 -28.75 12.77 -24.78
N ASN E 151 -28.83 13.80 -23.95
CA ASN E 151 -29.74 14.95 -24.14
C ASN E 151 -31.12 14.53 -24.63
N GLY E 152 -31.72 13.58 -23.91
CA GLY E 152 -33.09 13.24 -24.17
C GLY E 152 -33.31 12.12 -25.18
N ARG E 153 -32.32 11.79 -26.01
CA ARG E 153 -32.50 10.63 -26.88
C ARG E 153 -31.82 9.39 -26.35
N GLU E 154 -32.34 8.25 -26.83
CA GLU E 154 -31.64 6.98 -26.85
C GLU E 154 -31.01 6.81 -28.21
N GLU E 155 -29.86 6.15 -28.25
CA GLU E 155 -29.19 5.86 -29.49
C GLU E 155 -28.70 4.43 -29.33
N ARG E 156 -28.95 3.60 -30.32
CA ARG E 156 -28.37 2.26 -30.28
C ARG E 156 -26.94 2.34 -30.80
N ILE E 157 -26.05 1.61 -30.15
CA ILE E 157 -24.63 1.61 -30.47
C ILE E 157 -24.18 0.16 -30.57
N SER E 158 -23.45 -0.17 -31.64
CA SER E 158 -22.96 -1.52 -31.84
C SER E 158 -21.46 -1.55 -31.59
N LEU E 159 -21.08 -1.90 -30.37
CA LEU E 159 -19.67 -2.08 -30.06
C LEU E 159 -19.06 -3.17 -30.92
N GLN E 160 -19.81 -4.25 -31.14
CA GLN E 160 -19.37 -5.32 -32.03
C GLN E 160 -18.92 -4.77 -33.37
N ALA E 161 -19.73 -3.90 -33.97
CA ALA E 161 -19.33 -3.30 -35.24
C ALA E 161 -18.17 -2.33 -35.05
N LEU E 162 -18.08 -1.68 -33.90
CA LEU E 162 -16.98 -0.76 -33.63
C LEU E 162 -15.65 -1.49 -33.55
N MET E 163 -15.63 -2.62 -32.85
CA MET E 163 -14.39 -3.33 -32.64
C MET E 163 -14.16 -4.42 -33.67
N GLN E 164 -15.16 -5.23 -33.95
CA GLN E 164 -14.78 -6.27 -34.87
C GLN E 164 -14.86 -5.83 -36.33
N ASN E 165 -15.52 -4.71 -36.64
CA ASN E 165 -15.53 -4.20 -38.00
C ASN E 165 -14.94 -2.80 -38.17
N GLY E 166 -14.51 -2.13 -37.11
CA GLY E 166 -13.96 -0.79 -37.25
C GLY E 166 -14.94 0.24 -37.77
N ASP E 167 -16.21 0.11 -37.41
CA ASP E 167 -17.24 1.08 -37.77
C ASP E 167 -17.13 2.22 -36.76
N LEU E 168 -16.32 3.22 -37.10
CA LEU E 168 -16.06 4.30 -36.16
C LEU E 168 -17.28 5.18 -35.94
N ASN E 169 -18.27 5.13 -36.85
CA ASN E 169 -19.54 5.82 -36.60
C ASN E 169 -20.22 5.37 -35.32
N GLN E 170 -19.92 4.16 -34.85
CA GLN E 170 -20.49 3.71 -33.58
C GLN E 170 -19.89 4.44 -32.39
N ASN E 171 -18.68 4.98 -32.54
CA ASN E 171 -18.09 5.74 -31.45
C ASN E 171 -18.79 7.08 -31.32
N ARG E 172 -18.93 7.53 -30.08
CA ARG E 172 -19.50 8.84 -29.80
C ARG E 172 -18.67 9.49 -28.71
N LEU E 173 -18.69 10.82 -28.70
CA LEU E 173 -18.13 11.58 -27.59
C LEU E 173 -19.16 11.64 -26.47
N LEU E 174 -18.73 11.30 -25.25
CA LEU E 174 -19.63 11.29 -24.11
C LEU E 174 -19.65 12.67 -23.47
N TYR E 175 -20.84 13.07 -23.01
CA TYR E 175 -21.12 14.35 -22.41
C TYR E 175 -21.58 14.21 -20.96
N PRO E 176 -21.48 15.25 -20.15
CA PRO E 176 -21.97 15.18 -18.76
C PRO E 176 -23.40 14.68 -18.69
N GLY E 177 -23.63 13.71 -17.79
CA GLY E 177 -24.93 13.14 -17.61
C GLY E 177 -25.28 11.96 -18.52
N ASP E 178 -24.50 11.69 -19.57
CA ASP E 178 -24.82 10.61 -20.48
C ASP E 178 -24.87 9.28 -19.73
N ILE E 179 -25.74 8.40 -20.20
CA ILE E 179 -25.79 7.03 -19.72
C ILE E 179 -25.44 6.10 -20.87
N LEU E 180 -24.47 5.24 -20.65
CA LEU E 180 -24.10 4.19 -21.60
C LEU E 180 -24.41 2.88 -20.89
N TYR E 181 -25.45 2.19 -21.34
CA TYR E 181 -25.88 0.95 -20.71
C TYR E 181 -25.66 -0.20 -21.67
N VAL E 182 -24.96 -1.24 -21.20
CA VAL E 182 -24.69 -2.43 -22.00
C VAL E 182 -25.64 -3.54 -21.55
N PRO E 183 -26.73 -3.78 -22.27
CA PRO E 183 -27.71 -4.78 -21.82
C PRO E 183 -27.15 -6.19 -21.84
N ARG E 184 -27.73 -7.03 -21.00
CA ARG E 184 -27.38 -8.43 -20.98
C ARG E 184 -27.93 -9.11 -22.22
N ASN E 185 -27.22 -10.14 -22.66
CA ASN E 185 -27.59 -10.88 -23.86
C ASN E 185 -28.75 -11.82 -23.56
N ASN F 1 18.86 -35.40 -21.54
CA ASN F 1 19.51 -36.70 -21.29
C ASN F 1 20.60 -36.59 -20.22
N VAL F 2 21.65 -35.82 -20.51
CA VAL F 2 22.81 -35.70 -19.63
C VAL F 2 22.80 -34.31 -19.00
N ALA F 3 23.59 -34.17 -17.93
CA ALA F 3 23.71 -32.91 -17.18
C ALA F 3 25.19 -32.52 -17.14
N ARG F 4 25.63 -31.81 -18.18
CA ARG F 4 27.04 -31.53 -18.44
C ARG F 4 27.49 -30.26 -17.71
N PRO F 5 28.82 -29.97 -17.69
CA PRO F 5 29.28 -28.63 -17.27
C PRO F 5 28.93 -27.55 -18.28
N ASN F 6 29.93 -26.78 -18.74
CA ASN F 6 29.66 -25.69 -19.68
C ASN F 6 30.95 -25.31 -20.41
N MET F 7 30.76 -24.59 -21.53
CA MET F 7 31.83 -24.06 -22.36
C MET F 7 31.27 -23.00 -23.30
N THR F 8 31.88 -21.82 -23.29
CA THR F 8 31.55 -20.66 -24.13
C THR F 8 30.19 -20.05 -23.75
N LEU F 9 29.26 -20.84 -23.23
CA LEU F 9 28.07 -20.27 -22.57
C LEU F 9 28.42 -19.62 -21.24
N GLU F 10 29.63 -19.87 -20.71
CA GLU F 10 30.08 -19.21 -19.49
C GLU F 10 30.69 -17.85 -19.77
N SER F 11 31.54 -17.75 -20.80
CA SER F 11 31.99 -16.42 -21.23
C SER F 11 30.81 -15.58 -21.69
N GLU F 12 29.84 -16.19 -22.37
CA GLU F 12 28.66 -15.45 -22.83
C GLU F 12 27.97 -14.73 -21.67
N ILE F 13 28.03 -15.30 -20.47
CA ILE F 13 27.46 -14.69 -19.27
C ILE F 13 28.52 -13.96 -18.46
N ALA F 14 29.71 -14.55 -18.30
CA ALA F 14 30.79 -13.88 -17.57
C ALA F 14 31.29 -12.62 -18.28
N ASN F 15 30.88 -12.43 -19.55
CA ASN F 15 31.17 -11.21 -20.28
C ASN F 15 29.89 -10.39 -20.47
N TYR F 16 28.81 -10.74 -19.75
CA TYR F 16 27.50 -10.16 -20.06
C TYR F 16 27.51 -8.66 -19.82
N GLN F 17 26.98 -7.92 -20.76
CA GLN F 17 27.14 -6.48 -20.66
C GLN F 17 25.95 -5.79 -21.28
N TYR F 18 25.10 -5.21 -20.44
CA TYR F 18 24.01 -4.37 -20.92
C TYR F 18 24.56 -3.08 -21.51
N ARG F 19 23.89 -2.60 -22.56
CA ARG F 19 24.21 -1.32 -23.18
C ARG F 19 22.93 -0.51 -23.29
N VAL F 20 23.06 0.81 -23.12
CA VAL F 20 21.91 1.68 -23.00
C VAL F 20 21.18 1.81 -24.32
N GLY F 21 19.84 1.80 -24.26
CA GLY F 21 19.05 2.05 -25.44
C GLY F 21 18.11 3.23 -25.23
N PRO F 22 17.44 3.67 -26.29
CA PRO F 22 16.55 4.83 -26.19
C PRO F 22 15.31 4.56 -25.35
N GLY F 23 14.96 5.51 -24.49
CA GLY F 23 13.88 5.34 -23.55
C GLY F 23 14.28 4.83 -22.18
N ASP F 24 15.49 4.31 -22.02
CA ASP F 24 16.01 4.09 -20.67
C ASP F 24 15.98 5.39 -19.88
N VAL F 25 15.82 5.27 -18.57
CA VAL F 25 15.89 6.41 -17.67
C VAL F 25 17.15 6.24 -16.83
N LEU F 26 18.07 7.19 -16.95
CA LEU F 26 19.31 7.03 -16.22
C LEU F 26 19.23 7.79 -14.90
N ASN F 27 20.10 7.40 -13.97
CA ASN F 27 20.20 7.99 -12.65
C ASN F 27 21.65 8.35 -12.38
N VAL F 28 21.97 9.64 -12.33
CA VAL F 28 23.33 10.14 -12.16
C VAL F 28 23.48 10.67 -10.74
N THR F 29 24.44 10.12 -10.01
CA THR F 29 24.77 10.58 -8.66
C THR F 29 26.06 11.40 -8.71
N VAL F 30 25.99 12.63 -8.21
CA VAL F 30 27.18 13.48 -8.05
C VAL F 30 27.34 13.77 -6.56
N TRP F 31 28.28 13.10 -5.93
CA TRP F 31 28.44 13.26 -4.50
C TRP F 31 28.77 14.71 -4.18
N ASP F 32 28.23 15.19 -3.06
CA ASP F 32 28.34 16.56 -2.54
C ASP F 32 27.54 17.58 -3.33
N HIS F 33 26.78 17.17 -4.33
CA HIS F 33 25.96 18.09 -5.13
C HIS F 33 24.54 17.57 -5.22
N PRO F 34 23.80 17.67 -4.11
CA PRO F 34 22.39 17.27 -4.15
C PRO F 34 21.59 18.13 -5.11
N GLU F 35 22.09 19.31 -5.46
CA GLU F 35 21.40 20.16 -6.43
C GLU F 35 21.45 19.57 -7.83
N LEU F 36 22.40 18.67 -8.09
CA LEU F 36 22.43 18.00 -9.38
C LEU F 36 21.86 16.59 -9.31
N THR F 37 22.21 15.85 -8.23
CA THR F 37 21.72 14.49 -8.06
C THR F 37 20.20 14.46 -7.91
N THR F 38 19.63 15.40 -7.18
CA THR F 38 18.21 15.40 -6.87
C THR F 38 17.66 16.80 -7.08
N PRO F 39 17.60 17.26 -8.34
CA PRO F 39 17.09 18.60 -8.60
C PRO F 39 15.63 18.78 -8.20
N ALA F 40 14.86 17.70 -8.14
CA ALA F 40 13.46 17.74 -7.75
C ALA F 40 13.24 17.23 -6.33
N GLY F 41 14.29 17.11 -5.52
CA GLY F 41 14.16 16.70 -4.14
C GLY F 41 14.42 15.22 -3.96
N GLN F 42 14.22 14.79 -2.72
CA GLN F 42 14.69 13.49 -2.26
C GLN F 42 13.60 12.44 -2.16
N TYR F 43 12.34 12.83 -2.28
CA TYR F 43 11.22 11.93 -2.08
C TYR F 43 10.84 11.20 -3.35
N ARG F 44 10.79 11.90 -4.48
CA ARG F 44 10.45 11.24 -5.74
C ARG F 44 11.51 10.20 -6.09
N SER F 45 11.06 9.08 -6.67
CA SER F 45 11.98 8.01 -7.04
C SER F 45 12.89 8.44 -8.19
N SER F 46 13.98 7.69 -8.37
CA SER F 46 14.94 8.00 -9.42
C SER F 46 14.32 7.90 -10.81
N SER F 47 13.40 6.96 -11.01
CA SER F 47 12.82 6.90 -12.34
C SER F 47 11.83 8.02 -12.60
N ASP F 48 11.26 8.62 -11.56
CA ASP F 48 10.42 9.80 -11.81
C ASP F 48 11.23 11.07 -12.00
N THR F 49 12.51 11.08 -11.59
CA THR F 49 13.31 12.29 -11.66
C THR F 49 14.47 12.20 -12.65
N GLY F 50 14.83 10.98 -13.08
CA GLY F 50 16.04 10.74 -13.82
C GLY F 50 15.98 11.21 -15.26
N ASN F 51 17.03 10.89 -15.99
CA ASN F 51 17.34 11.49 -17.29
C ASN F 51 16.92 10.52 -18.40
N TRP F 52 15.98 10.96 -19.23
CA TRP F 52 15.48 10.10 -20.31
C TRP F 52 16.47 10.08 -21.46
N VAL F 53 16.63 8.91 -22.06
CA VAL F 53 17.42 8.78 -23.29
C VAL F 53 16.50 8.99 -24.49
N GLN F 54 16.78 10.05 -25.27
CA GLN F 54 15.94 10.43 -26.41
C GLN F 54 16.13 9.48 -27.59
N PRO F 55 15.24 9.54 -28.58
CA PRO F 55 15.39 8.65 -29.75
C PRO F 55 16.73 8.79 -30.45
N ASP F 56 17.29 10.00 -30.52
CA ASP F 56 18.55 10.16 -31.23
C ASP F 56 19.75 9.66 -30.46
N GLY F 57 19.50 9.00 -29.31
CA GLY F 57 20.55 8.32 -28.57
C GLY F 57 21.22 9.11 -27.48
N THR F 58 20.75 10.32 -27.20
CA THR F 58 21.39 11.18 -26.23
C THR F 58 20.47 11.43 -25.03
N MET F 59 21.10 11.83 -23.92
CA MET F 59 20.42 12.47 -22.81
C MET F 59 21.04 13.83 -22.56
N PHE F 60 20.22 14.77 -22.09
CA PHE F 60 20.69 16.05 -21.59
C PHE F 60 21.19 15.96 -20.15
N TYR F 61 22.30 16.63 -19.88
CA TYR F 61 22.81 16.74 -18.52
C TYR F 61 23.20 18.18 -18.25
N PRO F 62 22.88 18.72 -17.07
CA PRO F 62 23.12 20.15 -16.83
C PRO F 62 24.58 20.54 -17.02
N TYR F 63 24.79 21.69 -17.68
CA TYR F 63 26.08 22.34 -17.92
C TYR F 63 26.90 21.65 -19.00
N ILE F 64 26.96 20.31 -19.01
CA ILE F 64 27.68 19.67 -20.10
C ILE F 64 26.82 19.51 -21.36
N GLY F 65 25.50 19.59 -21.26
CA GLY F 65 24.68 19.53 -22.46
C GLY F 65 24.34 18.13 -22.86
N LYS F 66 24.15 17.88 -24.15
CA LYS F 66 23.76 16.54 -24.58
C LYS F 66 24.94 15.59 -24.55
N VAL F 67 24.66 14.33 -24.22
CA VAL F 67 25.65 13.31 -23.98
C VAL F 67 25.22 12.06 -24.72
N HIS F 68 26.12 11.48 -25.51
CA HIS F 68 25.79 10.27 -26.24
C HIS F 68 25.93 9.06 -25.32
N VAL F 69 24.83 8.32 -25.12
CA VAL F 69 24.84 7.18 -24.21
C VAL F 69 24.36 5.90 -24.85
N VAL F 70 23.58 5.95 -25.93
CA VAL F 70 23.09 4.73 -26.53
C VAL F 70 24.26 3.92 -27.06
N GLY F 71 24.21 2.61 -26.86
CA GLY F 71 25.30 1.74 -27.22
C GLY F 71 26.44 1.65 -26.22
N LYS F 72 26.47 2.51 -25.22
CA LYS F 72 27.57 2.54 -24.27
C LYS F 72 27.21 1.76 -23.00
N THR F 73 28.25 1.31 -22.29
CA THR F 73 28.00 0.75 -20.96
C THR F 73 27.88 1.86 -19.94
N LEU F 74 27.36 1.50 -18.77
CA LEU F 74 27.23 2.48 -17.68
C LEU F 74 28.59 3.03 -17.29
N ALA F 75 29.58 2.15 -17.16
CA ALA F 75 30.93 2.59 -16.82
C ALA F 75 31.45 3.62 -17.82
N GLU F 76 31.23 3.38 -19.12
CA GLU F 76 31.68 4.33 -20.13
C GLU F 76 30.95 5.66 -20.00
N ILE F 77 29.64 5.62 -19.73
CA ILE F 77 28.87 6.87 -19.55
C ILE F 77 29.35 7.61 -18.31
N ARG F 78 29.65 6.87 -17.25
CA ARG F 78 30.19 7.51 -16.04
C ARG F 78 31.50 8.22 -16.34
N SER F 79 32.38 7.56 -17.09
CA SER F 79 33.63 8.17 -17.52
C SER F 79 33.37 9.41 -18.36
N ASP F 80 32.54 9.27 -19.40
CA ASP F 80 32.21 10.40 -20.26
C ASP F 80 31.68 11.58 -19.45
N ILE F 81 30.74 11.33 -18.53
CA ILE F 81 30.11 12.45 -17.83
C ILE F 81 31.08 13.09 -16.86
N THR F 82 31.81 12.29 -16.09
CA THR F 82 32.80 12.85 -15.15
C THR F 82 33.75 13.80 -15.85
N GLY F 83 34.41 13.32 -16.92
CA GLY F 83 35.37 14.16 -17.61
C GLY F 83 34.78 15.47 -18.08
N ARG F 84 33.50 15.46 -18.43
CA ARG F 84 32.90 16.69 -18.92
C ARG F 84 32.42 17.58 -17.78
N LEU F 85 31.94 16.99 -16.68
CA LEU F 85 31.54 17.81 -15.54
C LEU F 85 32.73 18.52 -14.91
N ALA F 86 33.95 17.96 -15.05
CA ALA F 86 35.13 18.58 -14.47
C ALA F 86 35.30 20.05 -14.87
N THR F 87 34.63 20.48 -15.93
CA THR F 87 34.67 21.86 -16.37
C THR F 87 33.85 22.80 -15.48
N TYR F 88 32.87 22.29 -14.74
CA TYR F 88 31.93 23.08 -13.96
C TYR F 88 31.93 22.78 -12.46
N ILE F 89 32.19 21.54 -12.07
CA ILE F 89 32.60 21.10 -10.75
C ILE F 89 33.89 20.37 -11.06
N ALA F 90 34.75 20.14 -10.08
CA ALA F 90 35.77 19.14 -10.37
C ALA F 90 36.26 18.49 -9.10
N ASP F 91 37.28 17.69 -9.31
CA ASP F 91 37.32 16.39 -8.67
C ASP F 91 35.88 15.89 -8.55
N PRO F 92 35.09 15.89 -9.62
CA PRO F 92 33.67 15.55 -9.49
C PRO F 92 33.52 14.05 -9.36
N GLN F 93 32.83 13.62 -8.33
CA GLN F 93 32.66 12.21 -8.03
C GLN F 93 31.26 11.81 -8.51
N VAL F 94 31.22 10.95 -9.53
CA VAL F 94 30.01 10.67 -10.30
C VAL F 94 29.85 9.17 -10.48
N ASP F 95 28.60 8.69 -10.34
CA ASP F 95 28.21 7.35 -10.77
C ASP F 95 26.91 7.45 -11.58
N VAL F 96 26.68 6.42 -12.40
CA VAL F 96 25.53 6.37 -13.30
C VAL F 96 25.00 4.94 -13.26
N ASN F 97 23.70 4.79 -13.00
CA ASN F 97 23.01 3.54 -13.23
C ASN F 97 21.66 3.84 -13.89
N ILE F 98 20.81 2.84 -13.95
CA ILE F 98 19.60 2.88 -14.75
C ILE F 98 18.40 2.76 -13.82
N ALA F 99 17.62 3.83 -13.75
CA ALA F 99 16.40 3.81 -12.94
C ALA F 99 15.26 3.05 -13.61
N ALA F 100 15.26 2.93 -14.94
CA ALA F 100 14.16 2.25 -15.61
C ALA F 100 14.67 1.69 -16.93
N PHE F 101 14.62 0.37 -17.04
CA PHE F 101 15.04 -0.35 -18.24
C PHE F 101 13.85 -0.42 -19.21
N ARG F 102 13.78 0.54 -20.14
CA ARG F 102 12.63 0.64 -21.01
C ARG F 102 12.89 0.34 -22.48
N SER F 103 14.15 0.21 -22.88
CA SER F 103 14.45 0.14 -24.31
C SER F 103 14.52 -1.27 -24.85
N GLN F 104 14.82 -2.27 -24.03
CA GLN F 104 15.13 -3.59 -24.54
C GLN F 104 14.40 -4.64 -23.73
N LYS F 105 13.87 -5.65 -24.40
CA LYS F 105 12.94 -6.53 -23.71
C LYS F 105 12.77 -7.82 -24.49
N ALA F 106 12.45 -8.88 -23.77
CA ALA F 106 12.01 -10.13 -24.38
C ALA F 106 10.53 -10.36 -24.05
N TYR F 107 9.92 -11.27 -24.81
CA TYR F 107 8.50 -11.53 -24.75
C TYR F 107 8.27 -13.00 -24.42
N ILE F 108 7.55 -13.25 -23.32
CA ILE F 108 7.37 -14.60 -22.80
C ILE F 108 5.86 -14.83 -22.70
N SER F 109 5.33 -15.74 -23.55
CA SER F 109 3.91 -16.04 -23.48
C SER F 109 3.67 -17.54 -23.71
N GLY F 110 2.42 -17.91 -23.55
CA GLY F 110 2.03 -19.30 -23.70
C GLY F 110 1.61 -19.84 -22.36
N GLN F 111 1.97 -21.09 -22.09
CA GLN F 111 1.55 -21.74 -20.85
C GLN F 111 2.50 -21.42 -19.70
N VAL F 112 2.69 -20.13 -19.46
CA VAL F 112 3.28 -19.63 -18.23
C VAL F 112 2.16 -18.99 -17.44
N ASN F 113 2.36 -18.88 -16.13
CA ASN F 113 1.28 -18.34 -15.31
C ASN F 113 1.10 -16.83 -15.46
N LYS F 114 1.96 -16.17 -16.24
CA LYS F 114 2.20 -14.71 -16.29
C LYS F 114 2.85 -14.37 -17.61
N SER F 115 2.06 -14.35 -18.68
CA SER F 115 2.57 -13.86 -19.94
C SER F 115 2.99 -12.40 -19.83
N GLY F 116 4.06 -12.04 -20.52
CA GLY F 116 4.27 -10.64 -20.80
C GLY F 116 5.71 -10.33 -21.12
N GLN F 117 5.95 -9.04 -21.28
CA GLN F 117 7.26 -8.46 -21.47
C GLN F 117 8.13 -8.65 -20.24
N GLN F 118 9.39 -9.03 -20.45
CA GLN F 118 10.39 -8.99 -19.40
C GLN F 118 11.54 -8.12 -19.87
N ALA F 119 11.94 -7.17 -19.02
CA ALA F 119 13.01 -6.25 -19.36
C ALA F 119 14.35 -6.95 -19.49
N ILE F 120 15.12 -6.55 -20.50
CA ILE F 120 16.52 -6.90 -20.57
C ILE F 120 17.27 -5.85 -19.75
N THR F 121 18.01 -6.29 -18.73
CA THR F 121 18.69 -5.36 -17.83
C THR F 121 20.18 -5.72 -17.74
N ASN F 122 20.84 -5.22 -16.69
CA ASN F 122 22.26 -5.43 -16.44
C ASN F 122 22.56 -6.81 -15.86
N VAL F 123 21.54 -7.52 -15.40
CA VAL F 123 21.68 -8.89 -14.91
C VAL F 123 21.19 -9.84 -16.01
N PRO F 124 21.95 -10.88 -16.36
CA PRO F 124 21.56 -11.71 -17.50
C PRO F 124 20.23 -12.40 -17.27
N LEU F 125 19.39 -12.39 -18.30
CA LEU F 125 18.09 -13.05 -18.23
C LEU F 125 18.14 -14.30 -19.12
N THR F 126 18.22 -15.47 -18.48
CA THR F 126 18.16 -16.74 -19.21
C THR F 126 16.71 -17.22 -19.31
N ILE F 127 16.50 -18.23 -20.17
CA ILE F 127 15.18 -18.85 -20.28
C ILE F 127 14.67 -19.23 -18.91
N LEU F 128 15.50 -19.92 -18.13
CA LEU F 128 15.10 -20.31 -16.79
C LEU F 128 14.69 -19.11 -15.96
N ASP F 129 15.49 -18.03 -16.00
CA ASP F 129 15.10 -16.81 -15.30
C ASP F 129 13.76 -16.28 -15.79
N ALA F 130 13.56 -16.27 -17.12
CA ALA F 130 12.31 -15.78 -17.66
C ALA F 130 11.14 -16.65 -17.24
N ILE F 131 11.29 -17.97 -17.34
CA ILE F 131 10.19 -18.85 -16.96
C ILE F 131 9.86 -18.69 -15.48
N ASN F 132 10.89 -18.66 -14.63
CA ASN F 132 10.63 -18.46 -13.22
C ASN F 132 10.06 -17.07 -12.98
N ALA F 133 10.57 -16.07 -13.70
CA ALA F 133 10.00 -14.74 -13.59
C ALA F 133 8.56 -14.70 -14.08
N ALA F 134 8.18 -15.61 -14.98
CA ALA F 134 6.82 -15.63 -15.49
C ALA F 134 5.87 -16.49 -14.63
N GLY F 135 6.28 -16.82 -13.41
CA GLY F 135 5.42 -17.52 -12.47
C GLY F 135 5.41 -19.03 -12.60
N GLY F 136 6.23 -19.60 -13.46
CA GLY F 136 6.22 -21.02 -13.70
C GLY F 136 5.27 -21.41 -14.82
N LEU F 137 5.53 -22.58 -15.38
CA LEU F 137 4.65 -23.18 -16.38
C LEU F 137 3.30 -23.56 -15.76
N THR F 138 2.30 -23.69 -16.64
CA THR F 138 1.00 -24.19 -16.19
C THR F 138 1.03 -25.72 -16.19
N ASP F 139 -0.05 -26.33 -15.71
CA ASP F 139 -0.08 -27.79 -15.77
C ASP F 139 -0.25 -28.33 -17.18
N THR F 140 -0.64 -27.48 -18.13
CA THR F 140 -0.90 -27.91 -19.50
C THR F 140 0.11 -27.33 -20.48
N ALA F 141 1.37 -27.17 -20.05
CA ALA F 141 2.42 -26.70 -20.92
C ALA F 141 3.07 -27.86 -21.66
N ASP F 142 3.37 -27.66 -22.94
CA ASP F 142 4.22 -28.61 -23.65
C ASP F 142 5.69 -28.23 -23.42
N TRP F 143 6.15 -28.54 -22.21
CA TRP F 143 7.40 -28.00 -21.71
C TRP F 143 8.58 -28.79 -22.25
N ARG F 144 8.30 -29.63 -23.24
CA ARG F 144 9.29 -30.31 -24.07
C ARG F 144 9.49 -29.65 -25.43
N ASN F 145 8.65 -28.70 -25.80
CA ASN F 145 8.75 -28.07 -27.12
C ASN F 145 8.53 -26.57 -27.02
N VAL F 146 9.17 -25.94 -26.03
CA VAL F 146 9.15 -24.49 -25.92
C VAL F 146 9.92 -23.88 -27.08
N VAL F 147 9.37 -22.82 -27.66
CA VAL F 147 9.91 -22.25 -28.90
C VAL F 147 10.60 -20.93 -28.56
N LEU F 148 11.85 -20.77 -28.99
CA LEU F 148 12.60 -19.54 -28.80
C LEU F 148 12.93 -18.95 -30.16
N THR F 149 12.34 -17.80 -30.46
CA THR F 149 12.69 -17.05 -31.65
C THR F 149 13.75 -16.03 -31.26
N HIS F 150 14.94 -16.18 -31.82
CA HIS F 150 16.03 -15.24 -31.60
C HIS F 150 16.66 -14.93 -32.94
N ASN F 151 16.62 -13.66 -33.33
CA ASN F 151 17.21 -13.20 -34.59
C ASN F 151 16.65 -13.96 -35.78
N GLY F 152 15.35 -14.23 -35.76
CA GLY F 152 14.67 -14.88 -36.87
C GLY F 152 14.63 -16.39 -36.80
N ARG F 153 15.71 -17.01 -36.32
CA ARG F 153 15.77 -18.47 -36.30
C ARG F 153 15.06 -19.00 -35.06
N GLU F 154 14.24 -20.02 -35.26
CA GLU F 154 13.46 -20.64 -34.20
C GLU F 154 14.16 -21.90 -33.72
N GLU F 155 13.92 -22.24 -32.46
CA GLU F 155 14.74 -23.25 -31.80
C GLU F 155 13.92 -24.01 -30.77
N ARG F 156 13.78 -25.31 -30.99
CA ARG F 156 13.16 -26.20 -30.02
C ARG F 156 13.92 -26.14 -28.69
N ILE F 157 13.21 -25.89 -27.60
CA ILE F 157 13.79 -25.87 -26.27
C ILE F 157 13.01 -26.83 -25.39
N SER F 158 13.73 -27.64 -24.61
CA SER F 158 13.12 -28.60 -23.70
C SER F 158 13.38 -28.13 -22.27
N LEU F 159 12.42 -27.40 -21.72
CA LEU F 159 12.48 -27.10 -20.30
C LEU F 159 12.46 -28.37 -19.48
N GLN F 160 11.86 -29.43 -20.03
CA GLN F 160 11.78 -30.71 -19.34
C GLN F 160 13.15 -31.19 -18.89
N ALA F 161 14.07 -31.35 -19.83
CA ALA F 161 15.42 -31.78 -19.49
C ALA F 161 16.14 -30.76 -18.62
N LEU F 162 15.73 -29.50 -18.66
CA LEU F 162 16.40 -28.48 -17.86
C LEU F 162 16.16 -28.66 -16.37
N MET F 163 15.14 -29.46 -15.97
CA MET F 163 14.78 -29.55 -14.56
C MET F 163 14.59 -30.97 -14.07
N GLN F 164 13.92 -31.84 -14.82
CA GLN F 164 13.84 -33.24 -14.43
C GLN F 164 15.15 -33.99 -14.70
N ASN F 165 16.06 -33.40 -15.47
CA ASN F 165 17.39 -33.96 -15.65
C ASN F 165 18.51 -32.95 -15.36
N GLY F 166 18.16 -31.71 -15.02
CA GLY F 166 19.17 -30.69 -14.83
C GLY F 166 20.09 -30.47 -16.01
N ASP F 167 19.56 -30.57 -17.23
CA ASP F 167 20.38 -30.42 -18.44
C ASP F 167 20.51 -28.94 -18.76
N LEU F 168 21.60 -28.33 -18.33
CA LEU F 168 21.83 -26.92 -18.60
C LEU F 168 22.10 -26.64 -20.07
N ASN F 169 22.17 -27.66 -20.91
CA ASN F 169 22.36 -27.42 -22.34
C ASN F 169 21.14 -26.75 -22.96
N GLN F 170 19.94 -27.06 -22.47
CA GLN F 170 18.75 -26.48 -23.08
C GLN F 170 18.65 -24.99 -22.81
N ASN F 171 19.12 -24.53 -21.66
CA ASN F 171 18.97 -23.14 -21.30
C ASN F 171 19.72 -22.23 -22.29
N ARG F 172 19.19 -21.03 -22.46
CA ARG F 172 19.79 -20.05 -23.36
C ARG F 172 19.68 -18.67 -22.71
N LEU F 173 20.50 -17.76 -23.22
CA LEU F 173 20.48 -16.37 -22.78
C LEU F 173 19.51 -15.58 -23.65
N LEU F 174 18.55 -14.91 -23.00
CA LEU F 174 17.60 -14.09 -23.72
C LEU F 174 18.22 -12.76 -24.15
N TYR F 175 17.84 -12.28 -25.33
CA TYR F 175 18.36 -11.08 -25.94
C TYR F 175 17.22 -10.13 -26.25
N PRO F 176 17.50 -8.83 -26.43
CA PRO F 176 16.44 -7.89 -26.81
C PRO F 176 15.72 -8.33 -28.08
N GLY F 177 14.39 -8.24 -28.05
CA GLY F 177 13.57 -8.67 -29.16
C GLY F 177 13.22 -10.15 -29.19
N ASP F 178 13.86 -10.99 -28.37
CA ASP F 178 13.58 -12.42 -28.37
C ASP F 178 12.12 -12.69 -27.97
N ILE F 179 11.55 -13.73 -28.56
CA ILE F 179 10.24 -14.22 -28.20
C ILE F 179 10.40 -15.63 -27.67
N LEU F 180 9.70 -15.93 -26.58
CA LEU F 180 9.73 -17.26 -25.99
C LEU F 180 8.29 -17.71 -25.78
N TYR F 181 7.90 -18.77 -26.47
CA TYR F 181 6.51 -19.23 -26.46
C TYR F 181 6.45 -20.65 -25.91
N VAL F 182 5.64 -20.84 -24.89
CA VAL F 182 5.45 -22.15 -24.26
C VAL F 182 4.13 -22.71 -24.78
N PRO F 183 4.14 -23.69 -25.67
CA PRO F 183 2.89 -24.15 -26.28
C PRO F 183 2.01 -24.92 -25.33
N ARG F 184 0.72 -24.92 -25.65
CA ARG F 184 -0.21 -25.80 -24.96
C ARG F 184 0.25 -27.24 -25.17
N ASN F 185 0.28 -28.00 -24.08
CA ASN F 185 0.67 -29.42 -24.19
C ASN F 185 -0.05 -30.23 -25.33
N ASN G 1 -9.16 -35.23 28.12
CA ASN G 1 -8.19 -34.63 29.04
C ASN G 1 -8.80 -33.43 29.76
N VAL G 2 -8.24 -33.11 30.93
CA VAL G 2 -8.36 -31.80 31.51
C VAL G 2 -7.09 -31.04 31.18
N ALA G 3 -7.03 -29.76 31.57
CA ALA G 3 -5.87 -28.94 31.22
C ALA G 3 -4.73 -29.20 32.20
N ARG G 4 -4.24 -30.43 32.17
CA ARG G 4 -3.09 -30.79 32.98
C ARG G 4 -1.88 -29.98 32.53
N PRO G 5 -1.08 -29.43 33.45
CA PRO G 5 -0.04 -28.48 33.06
C PRO G 5 1.26 -29.16 32.63
N ASN G 6 2.01 -28.42 31.81
CA ASN G 6 3.41 -28.71 31.56
C ASN G 6 4.23 -27.84 32.50
N MET G 7 4.85 -28.46 33.51
CA MET G 7 5.61 -27.81 34.58
C MET G 7 7.01 -27.34 34.20
N THR G 8 7.78 -28.11 33.42
CA THR G 8 9.04 -27.54 32.92
C THR G 8 8.77 -26.40 31.94
N LEU G 9 7.78 -26.58 31.05
CA LEU G 9 7.39 -25.51 30.11
C LEU G 9 6.88 -24.27 30.83
N GLU G 10 6.25 -24.44 32.00
CA GLU G 10 5.85 -23.29 32.81
C GLU G 10 7.04 -22.42 33.18
N SER G 11 8.17 -23.04 33.56
CA SER G 11 9.38 -22.34 33.97
C SER G 11 10.44 -22.28 32.88
N GLU G 12 10.27 -23.05 31.79
CA GLU G 12 11.16 -22.93 30.63
C GLU G 12 11.03 -21.55 29.99
N ILE G 13 9.80 -21.04 29.89
CA ILE G 13 9.55 -19.70 29.38
C ILE G 13 10.11 -18.63 30.33
N ALA G 14 10.25 -18.96 31.62
CA ALA G 14 10.86 -18.00 32.54
C ALA G 14 12.29 -17.68 32.14
N ASN G 15 13.14 -18.69 32.08
CA ASN G 15 14.49 -18.45 31.60
C ASN G 15 14.55 -18.14 30.12
N TYR G 16 13.47 -17.80 29.42
CA TYR G 16 13.57 -17.68 27.97
C TYR G 16 14.40 -16.47 27.59
N GLN G 17 15.40 -16.68 26.77
CA GLN G 17 16.36 -15.63 26.45
C GLN G 17 16.85 -15.87 25.03
N TYR G 18 16.48 -14.99 24.11
CA TYR G 18 17.04 -15.06 22.77
C TYR G 18 18.51 -14.72 22.77
N ARG G 19 19.27 -15.39 21.89
CA ARG G 19 20.69 -15.09 21.71
C ARG G 19 21.03 -14.91 20.24
N VAL G 20 21.87 -13.91 19.99
CA VAL G 20 22.02 -13.38 18.64
C VAL G 20 22.74 -14.39 17.76
N GLY G 21 22.28 -14.53 16.52
CA GLY G 21 22.94 -15.40 15.57
C GLY G 21 23.44 -14.64 14.36
N PRO G 22 24.26 -15.30 13.55
CA PRO G 22 24.76 -14.67 12.32
C PRO G 22 23.63 -14.37 11.34
N GLY G 23 23.69 -13.20 10.74
CA GLY G 23 22.66 -12.78 9.82
C GLY G 23 21.57 -11.92 10.43
N ASP G 24 21.41 -11.96 11.77
CA ASP G 24 20.55 -11.01 12.46
C ASP G 24 20.95 -9.58 12.12
N VAL G 25 19.98 -8.68 12.23
CA VAL G 25 20.17 -7.25 12.00
C VAL G 25 19.85 -6.56 13.30
N LEU G 26 20.84 -5.85 13.86
CA LEU G 26 20.68 -5.17 15.14
C LEU G 26 20.42 -3.69 14.91
N ASN G 27 19.78 -3.08 15.91
CA ASN G 27 19.41 -1.68 15.88
C ASN G 27 19.92 -1.07 17.18
N VAL G 28 20.86 -0.17 17.09
CA VAL G 28 21.50 0.39 18.26
C VAL G 28 21.07 1.83 18.39
N THR G 29 20.53 2.18 19.53
CA THR G 29 20.06 3.53 19.80
C THR G 29 21.04 4.19 20.76
N VAL G 30 21.58 5.35 20.36
CA VAL G 30 22.47 6.13 21.21
C VAL G 30 21.78 7.48 21.39
N TRP G 31 21.09 7.66 22.52
CA TRP G 31 20.40 8.90 22.79
C TRP G 31 21.39 10.08 22.74
N ASP G 32 20.95 11.18 22.12
CA ASP G 32 21.71 12.40 21.86
C ASP G 32 22.75 12.25 20.77
N HIS G 33 22.72 11.18 19.98
CA HIS G 33 23.69 10.98 18.92
C HIS G 33 23.01 10.43 17.68
N PRO G 34 22.14 11.24 17.04
CA PRO G 34 21.47 10.78 15.82
C PRO G 34 22.44 10.46 14.71
N GLU G 35 23.65 11.01 14.73
CA GLU G 35 24.66 10.58 13.79
C GLU G 35 25.08 9.13 14.02
N LEU G 36 24.87 8.59 15.21
CA LEU G 36 25.12 7.17 15.43
C LEU G 36 23.84 6.36 15.29
N THR G 37 22.72 6.92 15.77
CA THR G 37 21.46 6.18 15.76
C THR G 37 20.93 6.02 14.35
N THR G 38 20.98 7.09 13.55
CA THR G 38 20.35 7.12 12.22
C THR G 38 21.33 7.66 11.20
N PRO G 39 22.42 6.95 10.93
CA PRO G 39 23.43 7.49 10.00
C PRO G 39 22.90 7.64 8.58
N ALA G 40 21.81 6.95 8.23
CA ALA G 40 21.19 7.09 6.93
C ALA G 40 19.92 7.93 6.99
N GLY G 41 19.75 8.72 8.04
CA GLY G 41 18.54 9.49 8.21
C GLY G 41 17.42 8.69 8.88
N GLN G 42 16.29 9.37 9.07
CA GLN G 42 15.22 8.92 9.94
C GLN G 42 14.14 8.13 9.22
N TYR G 43 14.19 8.04 7.90
CA TYR G 43 13.09 7.59 7.07
C TYR G 43 13.12 6.09 6.83
N ARG G 44 14.29 5.54 6.53
CA ARG G 44 14.37 4.11 6.27
C ARG G 44 14.11 3.32 7.56
N SER G 45 13.59 2.11 7.38
CA SER G 45 13.36 1.25 8.53
C SER G 45 14.67 0.82 9.16
N SER G 46 14.54 0.40 10.43
CA SER G 46 15.66 -0.16 11.19
C SER G 46 16.31 -1.31 10.47
N SER G 47 15.53 -2.14 9.79
CA SER G 47 16.09 -3.30 9.15
C SER G 47 16.80 -2.95 7.86
N ASP G 48 16.52 -1.79 7.30
CA ASP G 48 17.29 -1.33 6.15
C ASP G 48 18.57 -0.62 6.54
N THR G 49 18.70 -0.24 7.80
CA THR G 49 19.79 0.61 8.26
C THR G 49 20.58 -0.05 9.38
N GLY G 50 20.18 -1.24 9.80
CA GLY G 50 20.76 -1.89 10.95
C GLY G 50 22.14 -2.45 10.67
N ASN G 51 22.72 -2.99 11.72
CA ASN G 51 24.04 -3.59 11.67
C ASN G 51 23.91 -5.08 11.45
N TRP G 52 24.50 -5.59 10.38
CA TRP G 52 24.45 -7.02 10.09
C TRP G 52 25.43 -7.78 10.96
N VAL G 53 24.98 -8.92 11.50
CA VAL G 53 25.88 -9.82 12.22
C VAL G 53 26.56 -10.72 11.19
N GLN G 54 27.89 -10.71 11.19
CA GLN G 54 28.68 -11.41 10.19
C GLN G 54 28.71 -12.90 10.52
N PRO G 55 29.16 -13.72 9.57
CA PRO G 55 29.28 -15.17 9.86
C PRO G 55 30.22 -15.48 11.00
N ASP G 56 31.18 -14.61 11.31
CA ASP G 56 32.08 -14.87 12.41
C ASP G 56 31.51 -14.47 13.75
N GLY G 57 30.27 -14.02 13.80
CA GLY G 57 29.65 -13.65 15.05
C GLY G 57 29.94 -12.24 15.52
N THR G 58 30.57 -11.44 14.69
CA THR G 58 30.89 -10.07 15.01
C THR G 58 30.06 -9.14 14.16
N MET G 59 30.03 -7.87 14.58
CA MET G 59 29.45 -6.84 13.77
C MET G 59 30.31 -5.58 13.93
N PHE G 60 30.33 -4.74 12.90
CA PHE G 60 31.05 -3.49 13.00
C PHE G 60 30.20 -2.44 13.70
N TYR G 61 30.80 -1.71 14.62
CA TYR G 61 30.13 -0.54 15.18
C TYR G 61 31.10 0.64 15.17
N PRO G 62 30.63 1.82 14.77
CA PRO G 62 31.55 2.96 14.60
C PRO G 62 32.33 3.29 15.86
N TYR G 63 33.60 3.65 15.66
CA TYR G 63 34.55 4.09 16.68
C TYR G 63 35.07 2.94 17.52
N ILE G 64 34.19 2.12 18.09
CA ILE G 64 34.67 1.00 18.91
C ILE G 64 35.12 -0.15 18.04
N GLY G 65 34.74 -0.17 16.78
CA GLY G 65 35.22 -1.22 15.92
C GLY G 65 34.38 -2.46 15.98
N LYS G 66 35.03 -3.60 16.08
CA LYS G 66 34.40 -4.83 15.71
C LYS G 66 33.99 -5.56 16.98
N VAL G 67 32.74 -6.05 17.02
CA VAL G 67 32.06 -6.41 18.27
C VAL G 67 31.52 -7.83 18.15
N HIS G 68 31.87 -8.69 19.13
CA HIS G 68 31.35 -10.06 19.18
C HIS G 68 29.95 -10.04 19.77
N VAL G 69 28.99 -10.59 19.04
CA VAL G 69 27.59 -10.51 19.45
C VAL G 69 26.94 -11.88 19.47
N VAL G 70 27.41 -12.81 18.62
CA VAL G 70 26.76 -14.11 18.54
C VAL G 70 26.83 -14.82 19.89
N GLY G 71 25.78 -15.58 20.19
CA GLY G 71 25.70 -16.25 21.47
C GLY G 71 25.38 -15.36 22.64
N LYS G 72 25.43 -14.04 22.50
CA LYS G 72 25.16 -13.13 23.59
C LYS G 72 23.72 -12.63 23.57
N THR G 73 23.31 -12.08 24.71
CA THR G 73 21.99 -11.49 24.88
C THR G 73 22.01 -10.02 24.51
N LEU G 74 20.83 -9.50 24.21
CA LEU G 74 20.68 -8.08 23.95
C LEU G 74 21.28 -7.24 25.08
N ALA G 75 20.97 -7.59 26.32
CA ALA G 75 21.47 -6.81 27.45
C ALA G 75 22.98 -6.93 27.60
N GLU G 76 23.53 -8.11 27.30
CA GLU G 76 24.99 -8.27 27.27
C GLU G 76 25.62 -7.36 26.22
N ILE G 77 25.11 -7.43 24.98
CA ILE G 77 25.61 -6.59 23.89
C ILE G 77 25.54 -5.12 24.26
N ARG G 78 24.43 -4.70 24.85
CA ARG G 78 24.29 -3.29 25.22
C ARG G 78 25.38 -2.86 26.20
N SER G 79 25.75 -3.73 27.13
CA SER G 79 26.80 -3.36 28.08
C SER G 79 28.15 -3.30 27.39
N ASP G 80 28.44 -4.30 26.57
CA ASP G 80 29.66 -4.32 25.78
C ASP G 80 29.80 -3.02 25.01
N ILE G 81 28.76 -2.62 24.28
CA ILE G 81 28.87 -1.45 23.41
C ILE G 81 28.98 -0.17 24.23
N THR G 82 28.19 -0.07 25.31
CA THR G 82 28.21 1.14 26.12
C THR G 82 29.59 1.40 26.70
N GLY G 83 30.22 0.34 27.24
CA GLY G 83 31.52 0.51 27.86
C GLY G 83 32.60 0.95 26.89
N ARG G 84 32.55 0.46 25.66
CA ARG G 84 33.55 0.85 24.69
C ARG G 84 33.27 2.22 24.07
N LEU G 85 32.00 2.62 23.98
CA LEU G 85 31.70 3.98 23.48
C LEU G 85 32.08 5.08 24.45
N ALA G 86 32.28 4.75 25.73
CA ALA G 86 32.60 5.77 26.73
C ALA G 86 33.96 6.42 26.47
N THR G 87 34.83 5.73 25.73
CA THR G 87 36.02 6.38 25.20
C THR G 87 35.69 7.62 24.38
N TYR G 88 34.82 7.47 23.38
CA TYR G 88 34.60 8.52 22.40
C TYR G 88 33.45 9.43 22.74
N ILE G 89 32.51 8.95 23.55
CA ILE G 89 31.32 9.68 23.91
C ILE G 89 31.20 9.75 25.42
N ALA G 90 30.76 10.91 25.91
CA ALA G 90 30.65 11.13 27.36
C ALA G 90 29.37 10.49 27.89
N ASP G 91 29.52 9.51 28.79
CA ASP G 91 28.40 8.90 29.50
C ASP G 91 27.35 8.40 28.52
N PRO G 92 27.71 7.47 27.64
CA PRO G 92 26.82 7.11 26.52
C PRO G 92 25.60 6.34 27.00
N GLN G 93 24.43 6.77 26.55
CA GLN G 93 23.18 6.10 26.83
C GLN G 93 22.80 5.24 25.61
N VAL G 94 22.83 3.92 25.77
CA VAL G 94 22.79 2.98 24.66
C VAL G 94 21.75 1.89 24.92
N ASP G 95 20.99 1.53 23.88
CA ASP G 95 20.17 0.34 23.91
C ASP G 95 20.30 -0.38 22.58
N VAL G 96 20.05 -1.69 22.59
CA VAL G 96 20.21 -2.55 21.43
C VAL G 96 18.97 -3.44 21.32
N ASN G 97 18.45 -3.60 20.11
CA ASN G 97 17.47 -4.65 19.86
C ASN G 97 17.66 -5.17 18.44
N ILE G 98 16.86 -6.17 18.09
CA ILE G 98 16.95 -6.84 16.80
C ILE G 98 15.94 -6.21 15.86
N ALA G 99 16.42 -5.74 14.70
CA ALA G 99 15.50 -5.24 13.69
C ALA G 99 15.04 -6.33 12.73
N ALA G 100 15.80 -7.42 12.63
CA ALA G 100 15.42 -8.52 11.75
C ALA G 100 15.99 -9.82 12.31
N PHE G 101 15.11 -10.70 12.75
CA PHE G 101 15.50 -12.04 13.21
C PHE G 101 15.65 -12.92 11.99
N ARG G 102 16.89 -13.06 11.50
CA ARG G 102 17.16 -13.87 10.33
C ARG G 102 17.97 -15.12 10.63
N SER G 103 18.47 -15.29 11.84
CA SER G 103 19.44 -16.35 12.06
C SER G 103 18.80 -17.64 12.53
N GLN G 104 17.73 -17.56 13.29
CA GLN G 104 17.10 -18.74 13.88
C GLN G 104 15.62 -18.79 13.54
N LYS G 105 15.13 -20.01 13.33
CA LYS G 105 13.86 -20.29 12.66
C LYS G 105 13.47 -21.74 12.91
N ALA G 106 12.15 -21.95 12.98
CA ALA G 106 11.51 -23.27 13.07
C ALA G 106 10.65 -23.47 11.84
N TYR G 107 10.48 -24.74 11.42
CA TYR G 107 9.76 -25.08 10.18
C TYR G 107 8.42 -25.70 10.52
N ILE G 108 7.34 -25.07 10.06
CA ILE G 108 5.97 -25.47 10.37
C ILE G 108 5.30 -25.83 9.04
N SER G 109 5.30 -27.11 8.67
CA SER G 109 4.76 -27.57 7.40
C SER G 109 3.75 -28.70 7.61
N GLY G 110 2.99 -28.99 6.55
CA GLY G 110 1.95 -30.00 6.65
C GLY G 110 0.58 -29.38 6.65
N GLN G 111 -0.37 -30.00 7.34
CA GLN G 111 -1.77 -29.59 7.19
C GLN G 111 -2.08 -28.38 8.05
N VAL G 112 -1.30 -27.34 7.90
CA VAL G 112 -1.59 -26.05 8.48
C VAL G 112 -2.11 -25.16 7.37
N ASN G 113 -2.85 -24.12 7.76
CA ASN G 113 -3.36 -23.21 6.74
C ASN G 113 -2.23 -22.42 6.11
N LYS G 114 -1.29 -21.94 6.91
CA LYS G 114 -0.24 -21.09 6.36
C LYS G 114 1.07 -21.73 6.80
N SER G 115 1.72 -22.47 5.91
CA SER G 115 2.95 -23.18 6.24
C SER G 115 4.18 -22.37 5.80
N GLY G 116 5.26 -22.57 6.52
CA GLY G 116 6.50 -21.85 6.27
C GLY G 116 7.31 -21.78 7.55
N GLN G 117 8.52 -21.24 7.41
CA GLN G 117 9.37 -21.01 8.57
C GLN G 117 8.79 -19.93 9.47
N GLN G 118 9.05 -20.03 10.76
CA GLN G 118 8.65 -19.03 11.73
C GLN G 118 9.86 -18.68 12.57
N ALA G 119 10.10 -17.38 12.72
CA ALA G 119 11.34 -16.91 13.30
C ALA G 119 11.39 -17.22 14.80
N ILE G 120 12.54 -17.67 15.25
CA ILE G 120 12.85 -17.64 16.67
C ILE G 120 13.23 -16.21 17.05
N THR G 121 12.60 -15.68 18.09
CA THR G 121 12.81 -14.30 18.49
C THR G 121 12.93 -14.20 20.01
N ASN G 122 13.01 -12.97 20.51
CA ASN G 122 13.05 -12.69 21.94
C ASN G 122 11.77 -13.11 22.65
N VAL G 123 10.71 -13.37 21.90
CA VAL G 123 9.43 -13.83 22.44
C VAL G 123 9.34 -15.34 22.25
N PRO G 124 8.99 -16.11 23.28
CA PRO G 124 8.88 -17.56 23.10
C PRO G 124 7.87 -17.91 22.02
N LEU G 125 8.18 -18.95 21.26
CA LEU G 125 7.29 -19.51 20.25
C LEU G 125 7.01 -20.96 20.63
N THR G 126 5.86 -21.22 21.23
CA THR G 126 5.49 -22.62 21.45
C THR G 126 4.72 -23.16 20.25
N ILE G 127 4.61 -24.49 20.20
CA ILE G 127 3.76 -25.14 19.22
C ILE G 127 2.42 -24.44 19.15
N LEU G 128 1.84 -24.18 20.33
CA LEU G 128 0.57 -23.47 20.38
C LEU G 128 0.65 -22.15 19.62
N ASP G 129 1.69 -21.34 19.91
CA ASP G 129 1.93 -20.12 19.15
C ASP G 129 2.07 -20.39 17.66
N ALA G 130 2.95 -21.33 17.28
CA ALA G 130 3.25 -21.54 15.86
C ALA G 130 2.03 -21.95 15.06
N ILE G 131 1.20 -22.86 15.61
CA ILE G 131 0.04 -23.31 14.84
C ILE G 131 -0.97 -22.18 14.72
N ASN G 132 -1.20 -21.46 15.82
CA ASN G 132 -2.08 -20.30 15.75
C ASN G 132 -1.49 -19.26 14.81
N ALA G 133 -0.18 -19.03 14.88
CA ALA G 133 0.48 -18.14 13.92
C ALA G 133 0.33 -18.66 12.49
N ALA G 134 0.14 -19.96 12.32
CA ALA G 134 -0.19 -20.56 11.05
C ALA G 134 -1.68 -20.50 10.74
N GLY G 135 -2.42 -19.66 11.48
CA GLY G 135 -3.85 -19.51 11.28
C GLY G 135 -4.62 -20.81 11.42
N GLY G 136 -4.02 -21.83 12.01
CA GLY G 136 -4.72 -23.06 12.28
C GLY G 136 -4.56 -24.10 11.19
N LEU G 137 -5.26 -25.20 11.42
CA LEU G 137 -5.15 -26.42 10.65
C LEU G 137 -6.20 -26.50 9.55
N THR G 138 -5.88 -27.29 8.53
CA THR G 138 -6.86 -27.65 7.51
C THR G 138 -7.88 -28.64 8.08
N ASP G 139 -8.99 -28.82 7.36
CA ASP G 139 -10.00 -29.77 7.82
C ASP G 139 -9.49 -31.22 7.73
N THR G 140 -8.51 -31.51 6.85
CA THR G 140 -7.89 -32.84 6.75
C THR G 140 -6.61 -33.03 7.56
N ALA G 141 -6.41 -32.30 8.65
CA ALA G 141 -5.19 -32.48 9.42
C ALA G 141 -5.34 -33.65 10.40
N ASP G 142 -4.32 -34.50 10.49
CA ASP G 142 -4.31 -35.54 11.52
C ASP G 142 -3.78 -34.91 12.81
N TRP G 143 -4.63 -34.04 13.36
CA TRP G 143 -4.25 -33.12 14.43
C TRP G 143 -4.08 -33.87 15.74
N ARG G 144 -4.35 -35.15 15.72
CA ARG G 144 -4.06 -36.06 16.82
C ARG G 144 -2.64 -36.59 16.78
N ASN G 145 -1.89 -36.34 15.72
CA ASN G 145 -0.63 -37.04 15.51
C ASN G 145 0.40 -36.12 14.87
N VAL G 146 0.48 -34.88 15.34
CA VAL G 146 1.48 -33.96 14.83
C VAL G 146 2.86 -34.46 15.25
N VAL G 147 3.86 -34.27 14.38
CA VAL G 147 5.20 -34.78 14.60
C VAL G 147 6.12 -33.60 14.82
N LEU G 148 6.84 -33.62 15.94
CA LEU G 148 7.80 -32.61 16.31
C LEU G 148 9.20 -33.21 16.26
N THR G 149 10.05 -32.69 15.37
CA THR G 149 11.45 -33.08 15.30
C THR G 149 12.28 -32.04 16.02
N HIS G 150 13.07 -32.48 17.00
CA HIS G 150 13.85 -31.55 17.81
C HIS G 150 15.12 -32.23 18.27
N ASN G 151 16.26 -31.63 17.94
CA ASN G 151 17.58 -32.20 18.24
C ASN G 151 17.61 -33.69 17.88
N GLY G 152 17.17 -34.00 16.66
CA GLY G 152 17.20 -35.37 16.17
C GLY G 152 16.04 -36.28 16.54
N ARG G 153 15.50 -36.15 17.76
CA ARG G 153 14.43 -37.03 18.23
C ARG G 153 13.06 -36.58 17.72
N GLU G 154 12.13 -37.55 17.64
CA GLU G 154 10.77 -37.35 17.17
C GLU G 154 9.84 -37.43 18.36
N GLU G 155 8.58 -37.01 18.16
CA GLU G 155 7.87 -36.60 19.36
C GLU G 155 6.49 -36.09 18.94
N ARG G 156 5.54 -36.97 19.25
CA ARG G 156 4.15 -36.96 18.76
C ARG G 156 3.32 -36.01 19.62
N ILE G 157 2.48 -35.22 18.97
CA ILE G 157 1.76 -34.13 19.62
C ILE G 157 0.30 -34.21 19.23
N SER G 158 -0.59 -34.10 20.19
CA SER G 158 -2.02 -34.06 19.92
C SER G 158 -2.53 -32.62 20.04
N LEU G 159 -2.59 -31.92 18.91
CA LEU G 159 -3.26 -30.62 18.90
C LEU G 159 -4.73 -30.76 19.29
N GLN G 160 -5.33 -31.91 18.97
CA GLN G 160 -6.67 -32.22 19.42
C GLN G 160 -6.79 -32.08 20.94
N ALA G 161 -5.90 -32.74 21.68
CA ALA G 161 -5.98 -32.71 23.14
C ALA G 161 -5.64 -31.32 23.67
N LEU G 162 -4.62 -30.69 23.10
CA LEU G 162 -4.27 -29.34 23.46
C LEU G 162 -5.48 -28.41 23.33
N MET G 163 -6.10 -28.40 22.16
CA MET G 163 -7.10 -27.37 21.94
C MET G 163 -8.48 -27.76 22.43
N GLN G 164 -8.92 -29.00 22.24
CA GLN G 164 -10.28 -29.26 22.71
C GLN G 164 -10.35 -29.72 24.16
N ASN G 165 -9.33 -30.39 24.67
CA ASN G 165 -9.35 -30.79 26.07
C ASN G 165 -8.46 -29.93 26.96
N GLY G 166 -7.72 -28.99 26.36
CA GLY G 166 -6.84 -28.10 27.12
C GLY G 166 -5.53 -28.70 27.58
N ASP G 167 -5.12 -29.85 27.06
CA ASP G 167 -3.96 -30.53 27.61
C ASP G 167 -2.66 -29.78 27.31
N LEU G 168 -2.23 -28.93 28.23
CA LEU G 168 -1.00 -28.17 28.04
C LEU G 168 0.24 -29.04 27.98
N ASN G 169 0.14 -30.32 28.34
CA ASN G 169 1.28 -31.21 28.22
C ASN G 169 1.66 -31.45 26.77
N GLN G 170 0.73 -31.24 25.84
CA GLN G 170 1.00 -31.37 24.42
C GLN G 170 1.77 -30.17 23.86
N ASN G 171 1.82 -29.05 24.57
CA ASN G 171 2.60 -27.92 24.11
C ASN G 171 4.08 -28.19 24.29
N ARG G 172 4.89 -27.54 23.47
CA ARG G 172 6.35 -27.58 23.56
C ARG G 172 6.91 -26.24 23.13
N LEU G 173 8.08 -25.91 23.66
CA LEU G 173 8.81 -24.74 23.22
C LEU G 173 9.61 -25.08 21.96
N LEU G 174 9.42 -24.30 20.89
CA LEU G 174 10.15 -24.52 19.65
C LEU G 174 11.55 -23.88 19.73
N TYR G 175 12.54 -24.58 19.20
CA TYR G 175 13.91 -24.09 19.25
C TYR G 175 14.41 -23.88 17.82
N PRO G 176 15.55 -23.24 17.62
CA PRO G 176 16.11 -23.15 16.26
C PRO G 176 16.30 -24.52 15.63
N GLY G 177 15.88 -24.64 14.37
CA GLY G 177 16.05 -25.87 13.61
C GLY G 177 14.91 -26.86 13.71
N ASP G 178 14.00 -26.68 14.66
CA ASP G 178 12.93 -27.63 14.91
C ASP G 178 12.00 -27.73 13.71
N ILE G 179 11.52 -28.95 13.43
CA ILE G 179 10.54 -29.18 12.39
C ILE G 179 9.27 -29.65 13.07
N LEU G 180 8.14 -29.06 12.67
CA LEU G 180 6.83 -29.44 13.16
C LEU G 180 5.96 -29.74 11.96
N TYR G 181 5.49 -30.97 11.84
CA TYR G 181 4.80 -31.43 10.64
C TYR G 181 3.42 -31.97 11.03
N VAL G 182 2.38 -31.38 10.45
CA VAL G 182 1.00 -31.83 10.68
C VAL G 182 0.63 -32.78 9.54
N PRO G 183 0.56 -34.08 9.79
CA PRO G 183 0.31 -35.02 8.70
C PRO G 183 -1.09 -34.92 8.11
N ARG G 184 -1.21 -35.52 6.95
CA ARG G 184 -2.46 -35.74 6.26
C ARG G 184 -3.28 -36.77 7.06
N ASN G 185 -4.58 -36.55 7.14
CA ASN G 185 -5.40 -37.46 7.92
C ASN G 185 -5.76 -38.74 7.15
N ASN H 1 15.02 -48.19 11.87
CA ASN H 1 16.26 -47.45 11.71
C ASN H 1 16.49 -46.49 12.87
N VAL H 2 17.62 -45.78 12.83
CA VAL H 2 17.98 -44.77 13.82
C VAL H 2 17.96 -43.40 13.15
N ALA H 3 17.56 -42.38 13.92
CA ALA H 3 17.51 -41.02 13.40
C ALA H 3 18.92 -40.45 13.32
N ARG H 4 19.36 -40.07 12.09
CA ARG H 4 20.68 -39.57 11.78
C ARG H 4 20.72 -38.05 11.81
N PRO H 5 21.85 -37.46 12.24
CA PRO H 5 22.06 -36.02 12.01
C PRO H 5 22.36 -35.74 10.55
N ASN H 6 23.49 -35.08 10.27
CA ASN H 6 23.94 -34.93 8.88
C ASN H 6 25.47 -34.87 8.87
N MET H 7 26.04 -35.13 7.69
CA MET H 7 27.47 -35.30 7.51
C MET H 7 28.18 -34.07 6.96
N THR H 8 27.43 -33.03 6.56
CA THR H 8 28.02 -31.80 6.05
C THR H 8 27.13 -30.59 6.31
N LEU H 9 25.96 -30.77 6.94
CA LEU H 9 24.96 -29.70 6.96
C LEU H 9 25.40 -28.51 7.81
N GLU H 10 26.09 -28.75 8.92
CA GLU H 10 26.44 -27.67 9.84
C GLU H 10 27.95 -27.52 10.03
N SER H 11 28.71 -27.77 8.97
CA SER H 11 29.99 -27.12 8.71
C SER H 11 29.97 -26.31 7.43
N GLU H 12 29.28 -26.80 6.40
CA GLU H 12 28.91 -25.95 5.27
C GLU H 12 28.11 -24.74 5.73
N ILE H 13 27.27 -24.90 6.77
CA ILE H 13 26.50 -23.78 7.31
C ILE H 13 27.32 -22.98 8.33
N ALA H 14 28.13 -23.67 9.15
CA ALA H 14 28.94 -22.96 10.14
C ALA H 14 30.04 -22.13 9.48
N ASN H 15 30.48 -22.52 8.29
CA ASN H 15 31.44 -21.75 7.52
C ASN H 15 30.78 -21.02 6.37
N TYR H 16 29.45 -20.96 6.33
CA TYR H 16 28.78 -20.36 5.19
C TYR H 16 29.17 -18.90 5.08
N GLN H 17 29.37 -18.45 3.84
CA GLN H 17 29.85 -17.09 3.61
C GLN H 17 29.47 -16.68 2.20
N TYR H 18 28.59 -15.70 2.08
CA TYR H 18 28.22 -15.14 0.78
C TYR H 18 29.38 -14.34 0.21
N ARG H 19 29.51 -14.39 -1.12
CA ARG H 19 30.49 -13.55 -1.78
C ARG H 19 29.81 -12.78 -2.90
N VAL H 20 30.28 -11.55 -3.10
CA VAL H 20 29.59 -10.59 -3.94
C VAL H 20 29.74 -10.95 -5.41
N GLY H 21 28.65 -10.81 -6.16
CA GLY H 21 28.67 -11.04 -7.59
C GLY H 21 28.18 -9.84 -8.39
N PRO H 22 28.41 -9.86 -9.70
CA PRO H 22 27.99 -8.72 -10.54
C PRO H 22 26.48 -8.56 -10.51
N GLY H 23 26.03 -7.31 -10.52
CA GLY H 23 24.62 -7.01 -10.39
C GLY H 23 24.13 -6.79 -8.98
N ASP H 24 24.90 -7.21 -7.97
CA ASP H 24 24.56 -6.90 -6.59
C ASP H 24 24.53 -5.38 -6.42
N VAL H 25 23.68 -4.93 -5.51
CA VAL H 25 23.67 -3.52 -5.13
C VAL H 25 24.14 -3.44 -3.69
N LEU H 26 25.16 -2.64 -3.44
CA LEU H 26 25.78 -2.60 -2.14
C LEU H 26 25.40 -1.30 -1.46
N ASN H 27 25.49 -1.31 -0.13
CA ASN H 27 25.11 -0.18 0.69
C ASN H 27 26.24 0.13 1.67
N VAL H 28 26.84 1.30 1.51
CA VAL H 28 28.04 1.68 2.25
C VAL H 28 27.69 2.80 3.21
N THR H 29 27.90 2.55 4.50
CA THR H 29 27.59 3.54 5.52
C THR H 29 28.90 4.15 6.01
N VAL H 30 28.96 5.48 5.99
CA VAL H 30 30.11 6.19 6.55
C VAL H 30 29.57 7.06 7.68
N TRP H 31 29.80 6.64 8.92
CA TRP H 31 29.25 7.40 10.04
C TRP H 31 29.90 8.78 10.03
N ASP H 32 29.09 9.79 10.34
CA ASP H 32 29.45 11.20 10.32
C ASP H 32 29.62 11.76 8.92
N HIS H 33 29.27 11.02 7.88
CA HIS H 33 29.41 11.49 6.51
C HIS H 33 28.12 11.22 5.75
N PRO H 34 27.04 11.92 6.11
CA PRO H 34 25.79 11.75 5.36
C PRO H 34 25.94 12.06 3.90
N GLU H 35 26.85 12.99 3.55
CA GLU H 35 27.06 13.34 2.15
C GLU H 35 27.59 12.14 1.36
N LEU H 36 28.25 11.19 2.04
CA LEU H 36 28.67 9.94 1.41
C LEU H 36 27.64 8.83 1.59
N THR H 37 27.01 8.75 2.76
CA THR H 37 26.09 7.63 3.04
C THR H 37 24.79 7.77 2.26
N THR H 38 24.23 8.98 2.18
CA THR H 38 22.97 9.21 1.50
C THR H 38 23.14 10.34 0.49
N PRO H 39 23.88 10.10 -0.59
CA PRO H 39 24.03 11.15 -1.61
C PRO H 39 22.72 11.57 -2.26
N ALA H 40 21.70 10.71 -2.27
CA ALA H 40 20.44 11.04 -2.91
C ALA H 40 19.36 11.35 -1.89
N GLY H 41 19.74 11.66 -0.67
CA GLY H 41 18.76 11.90 0.36
C GLY H 41 18.47 10.65 1.13
N GLN H 42 17.61 10.80 2.12
CA GLN H 42 17.40 9.79 3.14
C GLN H 42 16.10 9.03 2.93
N TYR H 43 15.31 9.41 1.94
CA TYR H 43 13.98 8.87 1.75
C TYR H 43 13.93 7.64 0.83
N ARG H 44 14.75 7.60 -0.23
CA ARG H 44 14.74 6.46 -1.14
C ARG H 44 15.40 5.26 -0.48
N SER H 45 14.96 4.07 -0.88
CA SER H 45 15.45 2.84 -0.27
C SER H 45 16.93 2.62 -0.61
N SER H 46 17.57 1.75 0.17
CA SER H 46 18.96 1.39 -0.08
C SER H 46 19.15 0.88 -1.50
N SER H 47 18.24 0.03 -1.96
CA SER H 47 18.46 -0.54 -3.28
C SER H 47 18.19 0.48 -4.37
N ASP H 48 17.36 1.50 -4.08
CA ASP H 48 17.18 2.57 -5.05
C ASP H 48 18.43 3.43 -5.20
N THR H 49 19.30 3.44 -4.18
CA THR H 49 20.43 4.37 -4.13
C THR H 49 21.79 3.69 -3.99
N GLY H 50 21.86 2.37 -3.91
CA GLY H 50 23.11 1.70 -3.63
C GLY H 50 24.07 1.67 -4.82
N ASN H 51 25.21 1.02 -4.58
CA ASN H 51 26.32 0.98 -5.54
C ASN H 51 26.24 -0.32 -6.33
N TRP H 52 26.09 -0.21 -7.65
CA TRP H 52 25.93 -1.38 -8.51
C TRP H 52 27.29 -2.01 -8.78
N VAL H 53 27.39 -3.33 -8.62
CA VAL H 53 28.59 -4.05 -9.00
C VAL H 53 28.55 -4.31 -10.50
N GLN H 54 29.56 -3.81 -11.22
CA GLN H 54 29.65 -3.92 -12.67
C GLN H 54 30.07 -5.32 -13.08
N PRO H 55 29.91 -5.69 -14.36
CA PRO H 55 30.33 -7.05 -14.76
C PRO H 55 31.81 -7.31 -14.57
N ASP H 56 32.66 -6.28 -14.63
CA ASP H 56 34.09 -6.52 -14.47
C ASP H 56 34.50 -6.81 -13.04
N GLY H 57 33.57 -6.84 -12.10
CA GLY H 57 33.86 -7.12 -10.72
C GLY H 57 33.94 -5.92 -9.80
N THR H 58 33.80 -4.70 -10.32
CA THR H 58 34.08 -3.50 -9.56
C THR H 58 32.84 -2.65 -9.37
N MET H 59 32.91 -1.78 -8.37
CA MET H 59 31.97 -0.69 -8.16
C MET H 59 32.74 0.59 -8.02
N PHE H 60 32.13 1.69 -8.46
CA PHE H 60 32.69 2.99 -8.20
C PHE H 60 32.38 3.44 -6.76
N TYR H 61 33.35 4.08 -6.12
CA TYR H 61 33.09 4.75 -4.84
C TYR H 61 33.77 6.11 -4.87
N PRO H 62 33.11 7.16 -4.40
CA PRO H 62 33.71 8.49 -4.48
C PRO H 62 35.09 8.55 -3.86
N TYR H 63 35.95 9.40 -4.47
CA TYR H 63 37.32 9.70 -4.05
C TYR H 63 38.29 8.55 -4.32
N ILE H 64 37.89 7.31 -4.04
CA ILE H 64 38.78 6.17 -4.21
C ILE H 64 38.61 5.49 -5.55
N GLY H 65 37.55 5.80 -6.29
CA GLY H 65 37.38 5.25 -7.62
C GLY H 65 36.94 3.80 -7.65
N LYS H 66 37.44 3.01 -8.61
CA LYS H 66 37.03 1.63 -8.77
C LYS H 66 37.49 0.79 -7.61
N VAL H 67 36.62 -0.11 -7.16
CA VAL H 67 36.90 -1.00 -6.06
C VAL H 67 36.50 -2.41 -6.45
N HIS H 68 37.44 -3.34 -6.42
CA HIS H 68 37.14 -4.71 -6.85
C HIS H 68 36.43 -5.43 -5.71
N VAL H 69 35.19 -5.85 -5.94
CA VAL H 69 34.41 -6.45 -4.87
C VAL H 69 33.93 -7.87 -5.18
N VAL H 70 33.90 -8.30 -6.45
CA VAL H 70 33.34 -9.62 -6.74
C VAL H 70 34.20 -10.73 -6.13
N GLY H 71 33.53 -11.74 -5.57
CA GLY H 71 34.22 -12.82 -4.90
C GLY H 71 34.69 -12.51 -3.49
N LYS H 72 34.58 -11.26 -3.03
CA LYS H 72 34.94 -10.86 -1.67
C LYS H 72 33.75 -10.95 -0.73
N THR H 73 34.05 -11.19 0.55
CA THR H 73 33.04 -11.11 1.59
C THR H 73 32.75 -9.65 1.93
N LEU H 74 31.65 -9.44 2.66
CA LEU H 74 31.32 -8.10 3.11
C LEU H 74 32.41 -7.53 4.01
N ALA H 75 32.89 -8.35 4.96
CA ALA H 75 33.95 -7.89 5.87
C ALA H 75 35.20 -7.47 5.09
N GLU H 76 35.57 -8.25 4.07
CA GLU H 76 36.74 -7.89 3.27
C GLU H 76 36.54 -6.56 2.55
N ILE H 77 35.37 -6.38 1.93
CA ILE H 77 35.09 -5.15 1.19
C ILE H 77 35.11 -3.95 2.12
N ARG H 78 34.61 -4.12 3.35
CA ARG H 78 34.61 -3.05 4.33
C ARG H 78 36.04 -2.60 4.66
N SER H 79 36.96 -3.56 4.82
CA SER H 79 38.34 -3.18 5.09
C SER H 79 38.95 -2.46 3.92
N ASP H 80 38.83 -3.04 2.72
CA ASP H 80 39.38 -2.41 1.53
C ASP H 80 38.86 -0.98 1.38
N ILE H 81 37.56 -0.78 1.56
CA ILE H 81 37.02 0.57 1.39
C ILE H 81 37.54 1.50 2.48
N THR H 82 37.47 1.05 3.74
CA THR H 82 37.97 1.86 4.85
C THR H 82 39.39 2.34 4.59
N GLY H 83 40.28 1.38 4.29
CA GLY H 83 41.67 1.72 4.03
C GLY H 83 41.85 2.78 2.97
N ARG H 84 41.12 2.69 1.87
CA ARG H 84 41.38 3.68 0.84
C ARG H 84 40.70 5.00 1.16
N LEU H 85 39.48 4.96 1.73
CA LEU H 85 38.88 6.20 2.19
C LEU H 85 39.77 6.94 3.17
N ALA H 86 40.54 6.19 3.97
CA ALA H 86 41.37 6.81 4.97
C ALA H 86 42.28 7.86 4.36
N THR H 87 42.68 7.66 3.10
CA THR H 87 43.40 8.70 2.36
C THR H 87 42.65 10.03 2.39
N TYR H 88 41.31 10.00 2.38
CA TYR H 88 40.51 11.20 2.18
C TYR H 88 39.72 11.64 3.41
N ILE H 89 39.43 10.73 4.33
CA ILE H 89 38.70 11.07 5.55
C ILE H 89 39.51 10.57 6.73
N ALA H 90 39.69 11.45 7.73
CA ALA H 90 40.37 11.07 8.95
C ALA H 90 39.65 9.92 9.64
N ASP H 91 40.27 8.73 9.64
CA ASP H 91 39.84 7.56 10.41
C ASP H 91 38.39 7.24 10.09
N PRO H 92 38.09 6.79 8.87
CA PRO H 92 36.68 6.62 8.49
C PRO H 92 36.07 5.40 9.16
N GLN H 93 34.85 5.56 9.64
CA GLN H 93 34.07 4.46 10.20
C GLN H 93 33.07 3.99 9.14
N VAL H 94 33.34 2.83 8.56
CA VAL H 94 32.63 2.35 7.38
C VAL H 94 32.01 1.00 7.66
N ASP H 95 30.77 0.81 7.23
CA ASP H 95 30.24 -0.54 7.09
C ASP H 95 29.64 -0.71 5.71
N VAL H 96 29.58 -1.97 5.28
CA VAL H 96 29.04 -2.36 3.99
C VAL H 96 28.05 -3.49 4.18
N ASN H 97 26.93 -3.42 3.48
CA ASN H 97 26.09 -4.60 3.34
C ASN H 97 25.49 -4.58 1.94
N ILE H 98 24.52 -5.47 1.74
CA ILE H 98 23.93 -5.68 0.43
C ILE H 98 22.47 -5.24 0.48
N ALA H 99 22.12 -4.27 -0.37
CA ALA H 99 20.75 -3.83 -0.49
C ALA H 99 19.92 -4.71 -1.41
N ALA H 100 20.55 -5.40 -2.35
CA ALA H 100 19.84 -6.20 -3.33
C ALA H 100 20.77 -7.31 -3.78
N PHE H 101 20.37 -8.55 -3.47
CA PHE H 101 21.08 -9.75 -3.91
C PHE H 101 20.59 -10.11 -5.30
N ARG H 102 21.30 -9.67 -6.33
CA ARG H 102 20.81 -9.90 -7.67
C ARG H 102 21.70 -10.82 -8.52
N SER H 103 22.83 -11.28 -7.99
CA SER H 103 23.83 -11.99 -8.80
C SER H 103 23.67 -13.50 -8.74
N GLN H 104 23.27 -14.03 -7.60
CA GLN H 104 23.26 -15.46 -7.36
C GLN H 104 21.88 -15.90 -6.89
N LYS H 105 21.42 -17.03 -7.43
CA LYS H 105 20.04 -17.47 -7.28
C LYS H 105 19.97 -18.97 -7.46
N ALA H 106 19.04 -19.59 -6.73
CA ALA H 106 18.64 -20.97 -6.92
C ALA H 106 17.23 -21.01 -7.50
N TYR H 107 16.92 -22.09 -8.22
CA TYR H 107 15.63 -22.22 -8.89
C TYR H 107 14.91 -23.42 -8.29
N ILE H 108 13.71 -23.19 -7.76
CA ILE H 108 12.91 -24.25 -7.13
C ILE H 108 11.59 -24.34 -7.87
N SER H 109 11.47 -25.28 -8.81
CA SER H 109 10.25 -25.46 -9.57
C SER H 109 9.66 -26.85 -9.33
N GLY H 110 8.41 -27.01 -9.75
CA GLY H 110 7.69 -28.25 -9.59
C GLY H 110 6.47 -28.09 -8.70
N GLN H 111 6.10 -29.18 -8.03
CA GLN H 111 4.88 -29.20 -7.21
C GLN H 111 5.14 -28.52 -5.86
N VAL H 112 5.61 -27.28 -5.97
CA VAL H 112 5.59 -26.35 -4.86
C VAL H 112 4.55 -25.30 -5.20
N ASN H 113 4.11 -24.56 -4.17
CA ASN H 113 2.98 -23.67 -4.39
C ASN H 113 3.37 -22.39 -5.10
N LYS H 114 4.58 -21.90 -4.88
CA LYS H 114 5.11 -20.71 -5.54
C LYS H 114 6.49 -21.09 -6.05
N SER H 115 6.59 -21.30 -7.37
CA SER H 115 7.86 -21.60 -8.02
C SER H 115 8.78 -20.40 -7.97
N GLY H 116 9.80 -20.39 -8.81
CA GLY H 116 10.55 -19.19 -9.11
C GLY H 116 11.97 -19.25 -8.58
N GLN H 117 12.66 -18.14 -8.82
CA GLN H 117 14.01 -17.93 -8.30
C GLN H 117 13.95 -17.61 -6.81
N GLN H 118 15.00 -18.01 -6.09
CA GLN H 118 15.22 -17.59 -4.72
C GLN H 118 16.67 -17.16 -4.61
N ALA H 119 16.89 -15.92 -4.17
CA ALA H 119 18.24 -15.37 -4.11
C ALA H 119 19.12 -16.18 -3.19
N ILE H 120 20.40 -16.27 -3.54
CA ILE H 120 21.43 -16.70 -2.60
C ILE H 120 21.90 -15.46 -1.85
N THR H 121 21.84 -15.52 -0.52
CA THR H 121 22.13 -14.35 0.31
C THR H 121 23.18 -14.65 1.37
N ASN H 122 23.30 -13.76 2.36
CA ASN H 122 24.25 -13.99 3.44
C ASN H 122 23.75 -15.00 4.46
N VAL H 123 22.49 -15.40 4.39
CA VAL H 123 21.94 -16.42 5.27
C VAL H 123 21.81 -17.70 4.46
N PRO H 124 22.24 -18.85 4.99
CA PRO H 124 22.16 -20.09 4.20
C PRO H 124 20.73 -20.42 3.79
N LEU H 125 20.61 -21.04 2.62
CA LEU H 125 19.34 -21.47 2.05
C LEU H 125 19.43 -22.97 1.78
N THR H 126 19.06 -23.78 2.77
CA THR H 126 19.00 -25.23 2.55
C THR H 126 17.70 -25.61 1.85
N ILE H 127 17.64 -26.84 1.32
CA ILE H 127 16.36 -27.31 0.76
C ILE H 127 15.26 -27.12 1.78
N LEU H 128 15.51 -27.54 3.02
CA LEU H 128 14.56 -27.31 4.10
C LEU H 128 14.14 -25.85 4.18
N ASP H 129 15.00 -24.90 3.75
CA ASP H 129 14.62 -23.49 3.75
C ASP H 129 13.83 -23.10 2.51
N ALA H 130 14.26 -23.57 1.33
CA ALA H 130 13.67 -23.10 0.07
C ALA H 130 12.25 -23.62 -0.13
N ILE H 131 11.95 -24.84 0.36
CA ILE H 131 10.58 -25.36 0.24
C ILE H 131 9.63 -24.56 1.12
N ASN H 132 9.93 -24.48 2.43
CA ASN H 132 9.20 -23.59 3.33
C ASN H 132 9.17 -22.16 2.82
N ALA H 133 10.25 -21.71 2.15
CA ALA H 133 10.24 -20.41 1.51
C ALA H 133 9.24 -20.36 0.36
N ALA H 134 9.01 -21.49 -0.30
CA ALA H 134 7.87 -21.64 -1.19
C ALA H 134 6.62 -22.09 -0.44
N GLY H 135 6.49 -21.73 0.84
CA GLY H 135 5.38 -22.21 1.64
C GLY H 135 5.40 -23.73 1.78
N GLY H 136 5.26 -24.44 0.67
CA GLY H 136 5.53 -25.86 0.69
C GLY H 136 5.05 -26.56 -0.54
N LEU H 137 4.72 -27.82 -0.36
CA LEU H 137 4.41 -28.74 -1.44
C LEU H 137 2.92 -28.72 -1.76
N THR H 138 2.58 -28.78 -3.03
CA THR H 138 1.22 -29.14 -3.38
C THR H 138 0.95 -30.54 -2.86
N ASP H 139 -0.30 -30.82 -2.52
CA ASP H 139 -0.57 -32.15 -2.02
C ASP H 139 -0.54 -33.21 -3.12
N THR H 140 -0.20 -32.85 -4.35
CA THR H 140 0.06 -33.82 -5.41
C THR H 140 1.53 -33.84 -5.79
N ALA H 141 2.41 -34.00 -4.81
CA ALA H 141 3.85 -33.86 -5.01
C ALA H 141 4.56 -35.17 -4.74
N ASP H 142 5.42 -35.60 -5.67
CA ASP H 142 6.25 -36.78 -5.49
C ASP H 142 7.38 -36.45 -4.52
N TRP H 143 7.06 -36.36 -3.23
CA TRP H 143 7.92 -35.67 -2.25
C TRP H 143 8.92 -36.63 -1.64
N ARG H 144 9.12 -37.75 -2.32
CA ARG H 144 10.06 -38.79 -2.01
C ARG H 144 11.21 -38.83 -2.99
N ASN H 145 11.02 -38.25 -4.17
CA ASN H 145 11.96 -38.28 -5.28
C ASN H 145 12.20 -36.88 -5.83
N VAL H 146 12.29 -35.88 -4.95
CA VAL H 146 12.63 -34.53 -5.39
C VAL H 146 14.06 -34.53 -5.93
N VAL H 147 14.25 -33.88 -7.08
CA VAL H 147 15.54 -33.85 -7.74
C VAL H 147 16.23 -32.55 -7.36
N LEU H 148 17.52 -32.65 -7.04
CA LEU H 148 18.36 -31.47 -6.80
C LEU H 148 19.52 -31.51 -7.77
N THR H 149 19.59 -30.52 -8.67
CA THR H 149 20.68 -30.43 -9.62
C THR H 149 21.71 -29.44 -9.07
N HIS H 150 22.89 -29.94 -8.73
CA HIS H 150 23.94 -29.11 -8.17
C HIS H 150 25.25 -29.53 -8.82
N ASN H 151 25.93 -28.57 -9.44
CA ASN H 151 27.22 -28.81 -10.06
C ASN H 151 27.15 -30.00 -11.03
N GLY H 152 26.08 -30.04 -11.84
CA GLY H 152 25.96 -31.07 -12.85
C GLY H 152 25.37 -32.39 -12.40
N ARG H 153 25.67 -32.82 -11.17
CA ARG H 153 25.17 -34.11 -10.67
C ARG H 153 23.70 -34.00 -10.23
N GLU H 154 22.88 -34.93 -10.69
CA GLU H 154 21.53 -35.10 -10.16
C GLU H 154 21.62 -35.71 -8.77
N GLU H 155 20.57 -35.51 -7.97
CA GLU H 155 20.69 -36.29 -6.76
C GLU H 155 19.26 -36.41 -6.24
N ARG H 156 18.89 -37.55 -5.64
CA ARG H 156 17.52 -37.73 -5.14
C ARG H 156 17.39 -37.32 -3.67
N ILE H 157 16.29 -36.62 -3.35
CA ILE H 157 16.04 -36.12 -1.99
C ILE H 157 14.61 -36.45 -1.58
N SER H 158 14.45 -36.88 -0.33
CA SER H 158 13.12 -37.22 0.18
C SER H 158 12.72 -36.16 1.19
N LEU H 159 11.82 -35.27 0.79
CA LEU H 159 11.26 -34.29 1.72
C LEU H 159 10.28 -34.92 2.69
N GLN H 160 9.67 -36.04 2.29
CA GLN H 160 8.80 -36.77 3.20
C GLN H 160 9.61 -37.35 4.36
N ALA H 161 10.80 -37.86 4.07
CA ALA H 161 11.67 -38.34 5.14
C ALA H 161 12.11 -37.22 6.06
N LEU H 162 12.33 -36.03 5.50
CA LEU H 162 12.83 -34.91 6.30
C LEU H 162 11.80 -34.46 7.33
N MET H 163 10.52 -34.58 7.03
CA MET H 163 9.51 -33.94 7.86
C MET H 163 8.58 -34.92 8.58
N GLN H 164 8.26 -36.05 7.97
CA GLN H 164 7.53 -37.09 8.70
C GLN H 164 8.45 -37.77 9.72
N ASN H 165 9.75 -37.82 9.44
CA ASN H 165 10.68 -38.57 10.29
C ASN H 165 11.89 -37.76 10.74
N GLY H 166 12.04 -36.51 10.31
CA GLY H 166 13.17 -35.70 10.76
C GLY H 166 14.53 -36.22 10.35
N ASP H 167 14.64 -36.73 9.12
CA ASP H 167 15.90 -37.21 8.58
C ASP H 167 16.68 -36.02 8.03
N LEU H 168 17.76 -35.64 8.71
CA LEU H 168 18.46 -34.42 8.35
C LEU H 168 19.41 -34.58 7.15
N ASN H 169 19.76 -35.81 6.78
CA ASN H 169 20.62 -36.00 5.62
C ASN H 169 19.95 -35.62 4.33
N GLN H 170 18.61 -35.66 4.30
CA GLN H 170 17.89 -35.26 3.10
C GLN H 170 18.06 -33.77 2.83
N ASN H 171 18.12 -32.96 3.89
CA ASN H 171 18.24 -31.52 3.70
C ASN H 171 19.64 -31.19 3.21
N ARG H 172 19.72 -30.31 2.23
CA ARG H 172 20.99 -29.91 1.65
C ARG H 172 21.05 -28.40 1.53
N LEU H 173 22.27 -27.88 1.45
CA LEU H 173 22.51 -26.46 1.26
C LEU H 173 22.55 -26.13 -0.23
N LEU H 174 21.78 -25.12 -0.63
CA LEU H 174 21.69 -24.73 -2.03
C LEU H 174 22.73 -23.68 -2.37
N TYR H 175 23.39 -23.86 -3.50
CA TYR H 175 24.43 -22.99 -4.04
C TYR H 175 23.91 -22.21 -5.25
N PRO H 176 24.59 -21.14 -5.66
CA PRO H 176 24.13 -20.40 -6.83
C PRO H 176 24.05 -21.32 -8.03
N GLY H 177 23.04 -21.10 -8.86
CA GLY H 177 22.80 -21.94 -10.01
C GLY H 177 22.05 -23.22 -9.75
N ASP H 178 21.96 -23.67 -8.50
CA ASP H 178 21.30 -24.93 -8.23
C ASP H 178 19.87 -24.91 -8.76
N ILE H 179 19.40 -26.10 -9.14
CA ILE H 179 18.03 -26.30 -9.62
C ILE H 179 17.40 -27.42 -8.78
N LEU H 180 16.25 -27.14 -8.19
CA LEU H 180 15.57 -28.06 -7.30
C LEU H 180 14.17 -28.29 -7.84
N TYR H 181 13.93 -29.46 -8.44
CA TYR H 181 12.67 -29.76 -9.10
C TYR H 181 11.87 -30.76 -8.27
N VAL H 182 10.61 -30.43 -8.03
CA VAL H 182 9.69 -31.27 -7.26
C VAL H 182 8.74 -31.93 -8.25
N PRO H 183 8.84 -33.23 -8.49
CA PRO H 183 8.00 -33.87 -9.51
C PRO H 183 6.57 -34.03 -9.02
N ARG H 184 5.67 -34.19 -9.99
CA ARG H 184 4.26 -34.32 -9.64
C ARG H 184 4.01 -35.81 -9.36
N ASN H 185 3.06 -36.10 -8.47
CA ASN H 185 2.92 -37.47 -7.98
C ASN H 185 2.68 -38.48 -9.10
#